data_3ER8
#
_entry.id   3ER8
#
_cell.length_a   70.605
_cell.length_b   77.241
_cell.length_c   106.851
_cell.angle_alpha   74.88
_cell.angle_beta   74.00
_cell.angle_gamma   63.69
#
_symmetry.space_group_name_H-M   'P 1'
#
loop_
_entity.id
_entity.type
_entity.pdbx_description
1 polymer "Cap-specific mRNA (nucleoside-2'-O-)-methyltransferase"
2 polymer 'Poly(A) polymerase catalytic subunit'
3 polymer "RNA/DNA chimera 5'-D(CP*CP*)R(UP*UP*)D(C)-3'"
4 polymer "RNA/DNA chimera 5'-R(P*UP*UP*)D(C)-3'"
5 polymer "RNA/DNA chimera 5'-D(P*CP*)R(UP*U)-3'"
#
loop_
_entity_poly.entity_id
_entity_poly.type
_entity_poly.pdbx_seq_one_letter_code
_entity_poly.pdbx_strand_id
1 'polypeptide(L)'
;MDVVSLDKPFMYFEEIDNELDYEPESANEVAKKLPYQGQLKLLLGELFFLSKLQRHGILDGATVVYIGSAPGTHIRYLRD
HFYNLGVIIKWMLIDGRHHDPILNGLRDVTLVTRFVDEEYLRSIKKQLHPSKIILISDVASAAGGNEPSTADLLSNYALQ
NVMISILNPVASSLKWRCPFPDQWIKDFYIPHGNKMLQPFAPSYSAEMRLLSIYTGENMRLTRVTKSDAVNYEKKMYYLN
KIVRNKVVVNFDYPNQEYDYFHMYFMLRTVYCNKTFPTTKAKVLFLQQSIFRFLNIP
;
A,B
2 'polypeptide(L)'
;MNRNPDQNTLPNITLKIIETYLGRVPSVNEYHMLKSQARNIQKITVFNKDIFVSLVKKNKKRFFSDVNTSASEIKDRILS
YFSKQTQTYNIGKLFTIIELQSVLVTTYTDILGVLTIKAPNVISSKISYNVTSMEELARDMLNSMNVAVIDKAKVMGRHN
VSSLVKNVNKLMEEYLRRHNKSCICYGSYSLYLINPNIRYGDIDILQTNSRTFLIDLAFLIKFITGNNIILSKIPYLRNY
MVIKDENDNHIIDSFNIRQDTMNVVPKIFIDNIYIVDPTFQLLNMIKMFSQIDRLEDLSKDPEKFNARMATMLEYVRYTH
GIVFDGKRNNMPMKCIIDENNRIVTVTTKDYFSFKKCLVYLDENVLSSDILDLNADTSCDFESVTNSVYLIHDNIMYTYF
SNTILLSDKGKVHEISARGLCAHILLYQMLTSGEYKQCLSDLLNSMMNRDKIPIYSHTERDKKPGRHGFINIEKDIIVF
;
C,D
3 'polydeoxyribonucleotide/polyribonucleotide hybrid' (DC)(DC)UU(DC) E
4 'polydeoxyribonucleotide/polyribonucleotide hybrid' UU(DC) F
5 'polydeoxyribonucleotide/polyribonucleotide hybrid' (DC)UU G,H
#
# COMPACT_ATOMS: atom_id res chain seq x y z
N MET A 1 -34.71 -10.27 -27.29
CA MET A 1 -35.63 -9.10 -27.18
C MET A 1 -34.94 -7.91 -26.45
N ASP A 2 -34.35 -8.23 -25.28
CA ASP A 2 -33.66 -7.27 -24.40
C ASP A 2 -33.33 -8.06 -23.13
N VAL A 3 -33.12 -9.35 -23.34
CA VAL A 3 -32.81 -10.26 -22.25
C VAL A 3 -31.32 -10.45 -22.28
N VAL A 4 -30.81 -11.20 -21.31
CA VAL A 4 -29.38 -11.44 -21.26
C VAL A 4 -29.05 -12.74 -20.54
N SER A 5 -27.85 -13.23 -20.77
CA SER A 5 -27.41 -14.45 -20.13
C SER A 5 -26.09 -14.21 -19.40
N LEU A 6 -26.17 -13.45 -18.30
CA LEU A 6 -25.04 -13.09 -17.46
C LEU A 6 -24.47 -14.25 -16.67
N ASP A 7 -23.29 -14.02 -16.10
CA ASP A 7 -22.61 -15.04 -15.32
C ASP A 7 -22.64 -14.67 -13.83
N LYS A 8 -22.73 -13.37 -13.58
CA LYS A 8 -22.78 -12.86 -12.23
C LYS A 8 -23.04 -11.36 -12.35
N PRO A 9 -23.70 -10.77 -11.35
CA PRO A 9 -23.96 -9.34 -11.46
C PRO A 9 -22.71 -8.52 -11.20
N PHE A 10 -22.82 -7.22 -11.48
CA PHE A 10 -21.71 -6.33 -11.22
C PHE A 10 -21.81 -6.09 -9.72
N MET A 11 -20.82 -6.55 -8.96
CA MET A 11 -20.88 -6.34 -7.51
C MET A 11 -20.18 -5.05 -7.15
N TYR A 12 -19.03 -4.79 -7.78
CA TYR A 12 -18.26 -3.57 -7.50
C TYR A 12 -18.04 -2.69 -8.72
N PHE A 13 -18.01 -1.37 -8.50
CA PHE A 13 -17.86 -0.39 -9.57
C PHE A 13 -16.74 -0.69 -10.55
N GLU A 14 -15.68 -1.23 -10.00
CA GLU A 14 -14.51 -1.61 -10.77
C GLU A 14 -14.90 -2.60 -11.87
N GLU A 15 -15.86 -3.48 -11.57
CA GLU A 15 -16.33 -4.52 -12.49
C GLU A 15 -17.19 -4.10 -13.69
N ILE A 16 -17.44 -2.82 -13.88
CA ILE A 16 -18.26 -2.36 -15.01
C ILE A 16 -17.43 -2.28 -16.32
N ASP A 17 -17.80 -3.15 -17.27
CA ASP A 17 -17.13 -3.30 -18.56
C ASP A 17 -17.37 -2.25 -19.67
N ASN A 18 -18.51 -1.57 -19.62
CA ASN A 18 -18.80 -0.58 -20.64
C ASN A 18 -18.98 0.79 -20.01
N GLU A 19 -19.74 1.63 -20.70
CA GLU A 19 -20.02 3.01 -20.27
C GLU A 19 -20.81 3.77 -21.34
N LEU A 20 -21.58 4.78 -20.93
CA LEU A 20 -22.37 5.61 -21.85
C LEU A 20 -22.47 7.06 -21.36
N ASP A 21 -22.60 7.98 -22.31
CA ASP A 21 -22.68 9.41 -22.02
C ASP A 21 -23.94 9.83 -21.30
N TYR A 22 -23.79 10.39 -20.09
CA TYR A 22 -24.98 10.82 -19.34
C TYR A 22 -25.92 11.67 -20.20
N GLU A 23 -27.08 11.08 -20.51
CA GLU A 23 -28.10 11.76 -21.30
C GLU A 23 -29.15 12.30 -20.29
N PRO A 24 -29.11 13.64 -20.04
CA PRO A 24 -29.99 14.37 -19.11
C PRO A 24 -31.49 14.05 -19.14
N GLU A 25 -31.97 13.47 -20.25
CA GLU A 25 -33.39 13.12 -20.46
C GLU A 25 -33.98 12.14 -19.41
N SER A 26 -33.09 11.56 -18.60
CA SER A 26 -33.45 10.60 -17.55
C SER A 26 -33.87 11.27 -16.23
N LYS A 33 -39.80 2.78 -7.68
CA LYS A 33 -40.58 1.56 -7.93
C LYS A 33 -41.06 0.97 -6.60
N LEU A 34 -41.06 -0.35 -6.49
CA LEU A 34 -41.49 -1.07 -5.28
C LEU A 34 -41.60 -0.15 -4.07
N PRO A 35 -42.66 -0.31 -3.26
CA PRO A 35 -42.84 0.52 -2.08
C PRO A 35 -41.79 0.15 -1.03
N TYR A 36 -41.05 1.15 -0.55
CA TYR A 36 -39.99 0.96 0.45
C TYR A 36 -38.71 0.41 -0.18
N GLN A 37 -38.25 1.06 -1.26
CA GLN A 37 -37.02 0.64 -1.94
C GLN A 37 -35.79 1.21 -1.23
N GLY A 38 -35.92 2.45 -0.78
CA GLY A 38 -34.82 3.14 -0.09
C GLY A 38 -34.70 2.68 1.34
N GLN A 39 -35.04 1.41 1.54
CA GLN A 39 -34.99 0.73 2.82
C GLN A 39 -34.41 -0.60 2.46
N LEU A 40 -34.75 -1.03 1.26
CA LEU A 40 -34.26 -2.27 0.71
C LEU A 40 -32.83 -2.01 0.28
N LYS A 41 -32.61 -0.88 -0.40
CA LYS A 41 -31.27 -0.50 -0.86
C LYS A 41 -30.32 -0.49 0.33
N LEU A 42 -30.76 0.08 1.44
CA LEU A 42 -29.92 0.13 2.63
C LEU A 42 -29.78 -1.22 3.36
N LEU A 43 -30.89 -1.91 3.63
CA LEU A 43 -30.82 -3.19 4.34
C LEU A 43 -30.01 -4.24 3.61
N LEU A 44 -30.10 -4.24 2.28
CA LEU A 44 -29.36 -5.22 1.50
C LEU A 44 -27.87 -4.88 1.45
N GLY A 45 -27.51 -3.61 1.63
CA GLY A 45 -26.11 -3.24 1.59
C GLY A 45 -25.40 -3.45 2.91
N GLU A 46 -26.13 -3.26 4.00
CA GLU A 46 -25.60 -3.40 5.34
C GLU A 46 -25.57 -4.85 5.79
N LEU A 47 -26.41 -5.68 5.19
CA LEU A 47 -26.39 -7.09 5.53
C LEU A 47 -25.11 -7.62 4.86
N PHE A 48 -24.91 -7.25 3.60
CA PHE A 48 -23.75 -7.67 2.83
C PHE A 48 -22.49 -7.30 3.57
N PHE A 49 -22.36 -6.02 3.88
CA PHE A 49 -21.21 -5.47 4.57
C PHE A 49 -20.93 -6.16 5.92
N LEU A 50 -21.89 -6.06 6.84
CA LEU A 50 -21.72 -6.67 8.13
C LEU A 50 -21.63 -8.19 8.09
N SER A 51 -22.15 -8.82 7.04
CA SER A 51 -22.05 -10.27 6.91
C SER A 51 -20.66 -10.56 6.42
N LYS A 52 -20.17 -9.68 5.55
CA LYS A 52 -18.81 -9.81 5.03
C LYS A 52 -17.86 -9.75 6.22
N LEU A 53 -18.05 -8.74 7.07
CA LEU A 53 -17.23 -8.58 8.26
C LEU A 53 -17.29 -9.87 9.05
N GLN A 54 -18.42 -10.15 9.68
CA GLN A 54 -18.60 -11.38 10.44
C GLN A 54 -17.82 -12.57 9.84
N ARG A 55 -17.80 -12.66 8.50
CA ARG A 55 -17.12 -13.74 7.78
C ARG A 55 -15.60 -13.70 7.86
N HIS A 56 -15.06 -12.52 8.13
CA HIS A 56 -13.63 -12.35 8.26
C HIS A 56 -13.37 -12.03 9.73
N GLY A 57 -14.29 -12.50 10.56
CA GLY A 57 -14.23 -12.34 12.01
C GLY A 57 -13.97 -10.96 12.57
N ILE A 58 -14.38 -9.92 11.87
CA ILE A 58 -14.14 -8.60 12.39
C ILE A 58 -15.38 -8.12 13.13
N LEU A 59 -16.54 -8.61 12.72
CA LEU A 59 -17.78 -8.21 13.32
C LEU A 59 -17.98 -8.79 14.71
N ASP A 60 -17.20 -9.84 15.03
CA ASP A 60 -17.29 -10.54 16.31
C ASP A 60 -17.16 -9.60 17.52
N GLY A 61 -18.21 -9.55 18.34
CA GLY A 61 -18.23 -8.73 19.54
C GLY A 61 -17.69 -7.32 19.44
N ALA A 62 -17.99 -6.63 18.34
CA ALA A 62 -17.54 -5.26 18.13
C ALA A 62 -18.72 -4.31 18.20
N THR A 63 -18.46 -3.01 18.20
CA THR A 63 -19.55 -2.06 18.23
C THR A 63 -19.72 -1.46 16.87
N VAL A 64 -20.96 -1.41 16.38
CA VAL A 64 -21.25 -0.82 15.10
C VAL A 64 -21.84 0.55 15.36
N VAL A 65 -21.07 1.59 15.02
CA VAL A 65 -21.48 2.97 15.19
C VAL A 65 -22.08 3.41 13.88
N TYR A 66 -23.16 4.16 13.97
CA TYR A 66 -23.86 4.62 12.80
C TYR A 66 -24.03 6.11 12.87
N ILE A 67 -23.58 6.81 11.85
CA ILE A 67 -23.69 8.25 11.83
C ILE A 67 -24.51 8.68 10.61
N GLY A 68 -25.73 9.16 10.86
CA GLY A 68 -26.64 9.57 9.81
C GLY A 68 -27.57 8.40 9.55
N SER A 69 -27.98 7.76 10.65
CA SER A 69 -28.82 6.57 10.64
C SER A 69 -30.33 6.67 10.83
N ALA A 70 -30.89 7.87 10.83
CA ALA A 70 -32.33 7.99 11.03
C ALA A 70 -33.15 8.07 9.74
N PRO A 71 -34.36 7.50 9.76
CA PRO A 71 -34.92 6.81 10.92
C PRO A 71 -34.31 5.43 11.04
N GLY A 72 -33.72 4.96 9.95
CA GLY A 72 -33.09 3.65 9.95
C GLY A 72 -34.01 2.59 10.54
N THR A 73 -35.12 2.38 9.86
CA THR A 73 -36.08 1.39 10.31
C THR A 73 -35.39 0.05 10.10
N HIS A 74 -34.86 -0.13 8.90
CA HIS A 74 -34.20 -1.36 8.52
C HIS A 74 -33.23 -1.90 9.56
N ILE A 75 -32.57 -1.01 10.28
CA ILE A 75 -31.59 -1.41 11.27
C ILE A 75 -32.16 -2.36 12.32
N ARG A 76 -33.45 -2.27 12.58
CA ARG A 76 -34.03 -3.18 13.55
C ARG A 76 -33.87 -4.58 13.03
N TYR A 77 -34.15 -4.75 11.74
CA TYR A 77 -34.03 -6.06 11.12
C TYR A 77 -32.60 -6.58 11.26
N LEU A 78 -31.65 -5.75 10.86
CA LEU A 78 -30.25 -6.09 10.92
C LEU A 78 -29.95 -6.50 12.33
N ARG A 79 -30.42 -5.69 13.28
CA ARG A 79 -30.20 -5.97 14.70
C ARG A 79 -30.63 -7.37 15.07
N ASP A 80 -31.79 -7.76 14.56
CA ASP A 80 -32.37 -9.05 14.81
C ASP A 80 -31.70 -10.18 14.04
N HIS A 81 -31.41 -9.97 12.76
CA HIS A 81 -30.76 -11.03 11.99
C HIS A 81 -29.55 -11.57 12.74
N PHE A 82 -28.65 -10.66 13.12
CA PHE A 82 -27.42 -10.99 13.84
C PHE A 82 -27.61 -11.51 15.25
N TYR A 83 -28.58 -10.95 15.98
CA TYR A 83 -28.81 -11.40 17.33
C TYR A 83 -29.07 -12.90 17.23
N ASN A 84 -30.04 -13.25 16.40
CA ASN A 84 -30.43 -14.64 16.18
C ASN A 84 -29.26 -15.52 15.71
N LEU A 85 -28.26 -14.91 15.10
CA LEU A 85 -27.12 -15.68 14.62
C LEU A 85 -26.08 -15.93 15.70
N GLY A 86 -26.40 -15.45 16.90
CA GLY A 86 -25.51 -15.65 18.02
C GLY A 86 -24.45 -14.59 18.10
N VAL A 87 -24.28 -13.81 17.03
CA VAL A 87 -23.25 -12.75 17.01
C VAL A 87 -23.61 -11.68 18.04
N ILE A 88 -22.60 -11.30 18.81
CA ILE A 88 -22.77 -10.31 19.87
C ILE A 88 -22.27 -8.94 19.43
N ILE A 89 -23.18 -8.00 19.31
CA ILE A 89 -22.80 -6.68 18.86
C ILE A 89 -23.46 -5.54 19.61
N LYS A 90 -22.70 -4.47 19.79
CA LYS A 90 -23.17 -3.25 20.45
C LYS A 90 -23.54 -2.32 19.31
N TRP A 91 -24.77 -1.82 19.30
CA TRP A 91 -25.18 -0.92 18.23
C TRP A 91 -25.30 0.50 18.76
N MET A 92 -24.64 1.45 18.10
CA MET A 92 -24.73 2.83 18.51
C MET A 92 -25.16 3.68 17.33
N LEU A 93 -26.35 4.26 17.44
CA LEU A 93 -26.88 5.05 16.36
C LEU A 93 -26.97 6.51 16.74
N ILE A 94 -26.30 7.35 15.97
CA ILE A 94 -26.29 8.77 16.22
C ILE A 94 -26.77 9.49 14.98
N ASP A 95 -27.74 10.37 15.15
CA ASP A 95 -28.25 11.15 14.03
C ASP A 95 -28.81 12.43 14.63
N GLY A 96 -28.76 13.52 13.87
CA GLY A 96 -29.27 14.78 14.36
C GLY A 96 -30.73 14.70 14.75
N ARG A 97 -31.44 13.80 14.07
CA ARG A 97 -32.86 13.62 14.30
C ARG A 97 -33.17 12.34 15.07
N HIS A 98 -34.46 12.09 15.28
CA HIS A 98 -34.90 10.92 16.03
C HIS A 98 -35.04 9.68 15.16
N HIS A 99 -35.08 8.51 15.80
CA HIS A 99 -35.17 7.24 15.12
C HIS A 99 -36.56 6.61 15.24
N ASP A 100 -36.80 5.58 14.43
CA ASP A 100 -38.06 4.84 14.43
C ASP A 100 -38.17 4.12 15.78
N PRO A 101 -39.22 4.39 16.56
CA PRO A 101 -39.43 3.78 17.86
C PRO A 101 -39.10 2.31 17.99
N ILE A 102 -39.20 1.53 16.91
CA ILE A 102 -38.88 0.11 16.98
C ILE A 102 -37.46 -0.14 17.48
N LEU A 103 -36.68 0.93 17.61
CA LEU A 103 -35.31 0.84 18.05
C LEU A 103 -35.20 1.13 19.54
N ASN A 104 -36.28 1.60 20.16
CA ASN A 104 -36.24 1.91 21.58
C ASN A 104 -36.41 0.67 22.42
N GLY A 105 -35.73 0.64 23.56
CA GLY A 105 -35.83 -0.50 24.46
C GLY A 105 -34.85 -1.62 24.19
N LEU A 106 -34.00 -1.47 23.18
CA LEU A 106 -33.04 -2.52 22.90
C LEU A 106 -31.80 -2.24 23.72
N ARG A 107 -31.48 -3.19 24.59
CA ARG A 107 -30.32 -3.10 25.51
C ARG A 107 -29.01 -3.01 24.73
N ASP A 108 -28.99 -3.68 23.57
CA ASP A 108 -27.83 -3.73 22.68
C ASP A 108 -27.76 -2.55 21.73
N VAL A 109 -28.77 -1.68 21.78
CA VAL A 109 -28.80 -0.50 20.93
C VAL A 109 -28.93 0.81 21.70
N THR A 110 -27.92 1.66 21.57
CA THR A 110 -27.90 2.95 22.21
C THR A 110 -28.38 3.95 21.16
N LEU A 111 -29.12 4.99 21.55
CA LEU A 111 -29.57 5.95 20.56
C LEU A 111 -29.27 7.39 20.94
N VAL A 112 -28.28 7.96 20.27
CA VAL A 112 -27.89 9.35 20.51
C VAL A 112 -28.69 10.23 19.58
N THR A 113 -29.10 11.38 20.07
CA THR A 113 -29.83 12.29 19.22
C THR A 113 -29.18 13.64 19.31
N ARG A 114 -28.15 13.81 18.51
CA ARG A 114 -27.40 15.06 18.45
C ARG A 114 -26.62 15.10 17.15
N PHE A 115 -26.12 16.28 16.81
CA PHE A 115 -25.32 16.45 15.59
C PHE A 115 -23.82 16.30 15.94
N VAL A 116 -23.13 15.52 15.13
CA VAL A 116 -21.71 15.25 15.37
C VAL A 116 -20.71 16.24 14.78
N ASP A 117 -19.50 16.20 15.35
CA ASP A 117 -18.38 17.04 14.94
C ASP A 117 -17.13 16.57 15.65
N GLU A 118 -16.01 17.21 15.32
CA GLU A 118 -14.73 16.87 15.91
C GLU A 118 -14.92 16.58 17.39
N GLU A 119 -15.19 17.63 18.17
CA GLU A 119 -15.43 17.54 19.60
C GLU A 119 -16.05 16.21 20.01
N TYR A 120 -17.21 15.89 19.44
CA TYR A 120 -17.95 14.67 19.77
C TYR A 120 -17.25 13.37 19.38
N LEU A 121 -16.71 13.30 18.17
CA LEU A 121 -16.05 12.07 17.75
C LEU A 121 -14.94 11.71 18.70
N ARG A 122 -14.22 12.71 19.19
CA ARG A 122 -13.12 12.46 20.11
C ARG A 122 -13.69 11.99 21.44
N SER A 123 -14.92 12.42 21.72
CA SER A 123 -15.61 12.07 22.96
C SER A 123 -16.10 10.62 23.04
N ILE A 124 -16.72 10.13 21.97
CA ILE A 124 -17.19 8.75 21.97
C ILE A 124 -16.06 7.74 21.83
N LYS A 125 -15.01 8.09 21.09
CA LYS A 125 -13.91 7.14 20.95
C LYS A 125 -13.41 6.83 22.35
N LYS A 126 -13.28 7.86 23.18
CA LYS A 126 -12.84 7.69 24.57
C LYS A 126 -13.77 6.73 25.28
N GLN A 127 -15.07 6.95 25.08
CA GLN A 127 -16.09 6.13 25.70
C GLN A 127 -16.06 4.66 25.27
N LEU A 128 -16.01 4.44 23.96
CA LEU A 128 -16.03 3.10 23.41
C LEU A 128 -14.77 2.28 23.55
N HIS A 129 -13.61 2.93 23.47
CA HIS A 129 -12.33 2.23 23.58
C HIS A 129 -12.39 1.26 24.74
N PRO A 130 -11.72 0.12 24.63
CA PRO A 130 -10.89 -0.41 23.54
C PRO A 130 -11.63 -1.37 22.60
N SER A 131 -12.95 -1.36 22.63
CA SER A 131 -13.71 -2.24 21.76
C SER A 131 -13.56 -1.73 20.35
N LYS A 132 -13.37 -2.63 19.40
CA LYS A 132 -13.21 -2.21 18.01
C LYS A 132 -14.47 -1.54 17.52
N ILE A 133 -14.32 -0.58 16.60
CA ILE A 133 -15.47 0.14 16.07
C ILE A 133 -15.67 -0.10 14.58
N ILE A 134 -16.93 -0.26 14.18
CA ILE A 134 -17.32 -0.48 12.78
C ILE A 134 -18.25 0.66 12.45
N LEU A 135 -17.79 1.57 11.60
CA LEU A 135 -18.58 2.75 11.25
C LEU A 135 -19.46 2.60 10.03
N ILE A 136 -20.67 3.14 10.09
CA ILE A 136 -21.55 3.09 8.94
C ILE A 136 -22.10 4.51 8.71
N SER A 137 -21.44 5.23 7.81
CA SER A 137 -21.78 6.62 7.49
C SER A 137 -22.74 6.81 6.31
N ASP A 138 -23.79 7.58 6.57
CA ASP A 138 -24.78 7.90 5.57
C ASP A 138 -25.25 9.35 5.76
N VAL A 139 -24.34 10.22 6.19
CA VAL A 139 -24.70 11.62 6.40
C VAL A 139 -25.46 12.15 5.17
N ALA A 140 -26.32 13.13 5.41
CA ALA A 140 -27.13 13.73 4.37
C ALA A 140 -27.03 15.26 4.45
N SER A 141 -27.29 15.94 3.32
CA SER A 141 -27.24 17.41 3.26
C SER A 141 -28.53 18.05 2.69
N GLY A 145 -36.25 18.14 -1.72
CA GLY A 145 -34.87 17.78 -1.50
C GLY A 145 -33.97 18.17 -2.66
N ASN A 146 -34.16 17.50 -3.81
CA ASN A 146 -33.44 17.71 -5.09
C ASN A 146 -32.20 16.83 -5.25
N GLU A 147 -31.05 17.48 -5.15
CA GLU A 147 -29.75 16.83 -5.27
C GLU A 147 -28.77 17.51 -4.32
N PRO A 148 -27.92 16.76 -3.64
CA PRO A 148 -27.05 17.57 -2.79
C PRO A 148 -26.10 18.32 -3.72
N SER A 149 -25.64 19.48 -3.27
CA SER A 149 -24.71 20.31 -4.05
C SER A 149 -23.35 19.66 -4.05
N THR A 150 -22.53 19.95 -5.05
CA THR A 150 -21.18 19.39 -5.08
C THR A 150 -20.41 19.87 -3.88
N ALA A 151 -20.77 21.04 -3.40
CA ALA A 151 -20.16 21.62 -2.23
C ALA A 151 -20.54 20.82 -0.97
N ASP A 152 -21.76 20.29 -0.95
CA ASP A 152 -22.23 19.51 0.20
C ASP A 152 -21.63 18.14 0.18
N LEU A 153 -21.35 17.64 -1.02
CA LEU A 153 -20.78 16.32 -1.15
C LEU A 153 -19.38 16.41 -0.59
N LEU A 154 -18.68 17.48 -0.93
CA LEU A 154 -17.32 17.66 -0.43
C LEU A 154 -17.36 17.81 1.10
N SER A 155 -18.26 18.65 1.59
CA SER A 155 -18.39 18.88 3.00
C SER A 155 -18.77 17.56 3.70
N ASN A 156 -19.54 16.72 3.03
CA ASN A 156 -19.94 15.45 3.63
C ASN A 156 -18.79 14.46 3.63
N TYR A 157 -18.21 14.18 2.47
CA TYR A 157 -17.11 13.23 2.36
C TYR A 157 -15.95 13.69 3.25
N ALA A 158 -15.88 15.00 3.43
CA ALA A 158 -14.87 15.61 4.28
C ALA A 158 -15.07 15.03 5.67
N LEU A 159 -16.21 15.35 6.26
CA LEU A 159 -16.55 14.88 7.58
C LEU A 159 -16.31 13.38 7.78
N GLN A 160 -16.81 12.56 6.86
CA GLN A 160 -16.66 11.11 6.95
C GLN A 160 -15.21 10.70 7.15
N ASN A 161 -14.29 11.43 6.52
CA ASN A 161 -12.88 11.10 6.68
C ASN A 161 -12.42 11.41 8.10
N VAL A 162 -13.06 12.37 8.76
CA VAL A 162 -12.71 12.73 10.13
C VAL A 162 -13.16 11.64 11.08
N MET A 163 -14.35 11.10 10.83
CA MET A 163 -14.89 10.02 11.62
C MET A 163 -13.87 8.90 11.61
N ILE A 164 -13.25 8.71 10.44
CA ILE A 164 -12.24 7.67 10.27
C ILE A 164 -11.00 7.94 11.15
N SER A 165 -10.54 9.19 11.19
CA SER A 165 -9.37 9.54 11.98
C SER A 165 -9.62 9.53 13.48
N ILE A 166 -10.69 10.19 13.92
CA ILE A 166 -11.03 10.20 15.33
C ILE A 166 -11.32 8.78 15.79
N LEU A 167 -12.40 8.20 15.26
CA LEU A 167 -12.82 6.84 15.62
C LEU A 167 -11.82 5.75 15.32
N ASN A 168 -11.00 5.96 14.29
CA ASN A 168 -10.02 4.93 13.92
C ASN A 168 -10.73 3.60 13.90
N PRO A 169 -11.72 3.46 13.04
CA PRO A 169 -12.49 2.22 12.90
C PRO A 169 -11.72 1.11 12.19
N VAL A 170 -11.95 -0.14 12.60
CA VAL A 170 -11.28 -1.27 11.98
C VAL A 170 -11.83 -1.56 10.58
N ALA A 171 -13.05 -1.07 10.30
CA ALA A 171 -13.72 -1.25 9.01
C ALA A 171 -14.85 -0.23 8.90
N SER A 172 -15.10 0.26 7.70
CA SER A 172 -16.15 1.25 7.51
C SER A 172 -16.95 1.06 6.24
N SER A 173 -18.12 1.72 6.20
CA SER A 173 -19.02 1.69 5.05
C SER A 173 -19.65 3.07 4.87
N LEU A 174 -19.16 3.85 3.90
CA LEU A 174 -19.70 5.19 3.68
C LEU A 174 -20.36 5.38 2.35
N LYS A 175 -21.07 6.49 2.20
CA LYS A 175 -21.74 6.84 0.95
C LYS A 175 -20.66 7.32 0.02
N TRP A 176 -20.86 7.09 -1.26
CA TRP A 176 -19.91 7.51 -2.26
C TRP A 176 -20.62 7.75 -3.57
N ARG A 177 -20.84 9.03 -3.89
CA ARG A 177 -21.47 9.39 -5.15
C ARG A 177 -20.56 10.50 -5.65
N CYS A 178 -19.84 10.23 -6.72
CA CYS A 178 -18.92 11.23 -7.21
C CYS A 178 -19.62 12.51 -7.62
N PRO A 179 -18.98 13.66 -7.39
CA PRO A 179 -19.60 14.93 -7.77
C PRO A 179 -19.72 14.93 -9.28
N PHE A 180 -20.69 15.65 -9.81
CA PHE A 180 -20.85 15.67 -11.25
C PHE A 180 -19.75 16.45 -11.93
N PRO A 181 -19.14 15.86 -12.98
CA PRO A 181 -18.08 16.59 -13.67
C PRO A 181 -18.50 18.04 -13.97
N ASP A 182 -19.65 18.22 -14.62
CA ASP A 182 -20.10 19.58 -14.93
C ASP A 182 -20.24 20.48 -13.71
N GLN A 183 -20.24 19.88 -12.52
CA GLN A 183 -20.37 20.62 -11.28
C GLN A 183 -19.16 20.38 -10.37
N TRP A 184 -17.99 20.29 -10.98
CA TRP A 184 -16.75 20.07 -10.23
C TRP A 184 -16.30 21.33 -9.50
N ILE A 185 -15.59 21.15 -8.40
CA ILE A 185 -15.10 22.27 -7.60
C ILE A 185 -13.60 22.12 -7.39
N LYS A 186 -13.27 21.11 -6.60
CA LYS A 186 -11.90 20.80 -6.30
C LYS A 186 -11.83 19.31 -6.22
N ASP A 187 -10.63 18.79 -6.00
CA ASP A 187 -10.40 17.36 -5.88
C ASP A 187 -10.50 17.05 -4.41
N PHE A 188 -10.23 15.79 -4.06
CA PHE A 188 -10.30 15.38 -2.67
C PHE A 188 -9.88 13.94 -2.57
N TYR A 189 -9.77 13.47 -1.33
CA TYR A 189 -9.38 12.11 -1.05
C TYR A 189 -10.48 11.42 -0.29
N ILE A 190 -10.65 10.12 -0.54
CA ILE A 190 -11.64 9.33 0.17
C ILE A 190 -10.95 8.02 0.51
N PRO A 191 -11.35 7.38 1.61
CA PRO A 191 -10.75 6.12 2.01
C PRO A 191 -10.58 5.13 0.88
N HIS A 192 -9.63 4.24 1.06
CA HIS A 192 -9.38 3.19 0.10
C HIS A 192 -10.47 2.19 0.47
N GLY A 193 -11.15 1.66 -0.53
CA GLY A 193 -12.22 0.71 -0.29
C GLY A 193 -12.83 0.29 -1.60
N ASN A 194 -13.71 -0.70 -1.56
CA ASN A 194 -14.34 -1.17 -2.78
C ASN A 194 -15.67 -0.46 -2.89
N LYS A 195 -15.99 0.03 -4.08
CA LYS A 195 -17.24 0.73 -4.29
C LYS A 195 -18.28 -0.32 -4.62
N MET A 196 -19.11 -0.62 -3.64
CA MET A 196 -20.18 -1.60 -3.75
C MET A 196 -21.39 -0.98 -4.45
N LEU A 197 -21.83 -1.60 -5.54
CA LEU A 197 -22.98 -1.08 -6.26
C LEU A 197 -24.21 -1.43 -5.46
N GLN A 198 -25.29 -0.67 -5.64
CA GLN A 198 -26.51 -0.89 -4.87
C GLN A 198 -27.77 -1.30 -5.64
N PRO A 199 -28.44 -2.38 -5.18
CA PRO A 199 -29.66 -2.93 -5.77
C PRO A 199 -30.88 -2.14 -5.32
N PHE A 200 -31.86 -2.01 -6.20
CA PHE A 200 -33.06 -1.27 -5.88
C PHE A 200 -32.75 0.14 -5.46
N ALA A 201 -31.79 0.74 -6.15
CA ALA A 201 -31.38 2.11 -5.90
C ALA A 201 -32.04 2.94 -6.99
N PRO A 202 -32.25 4.25 -6.76
CA PRO A 202 -32.88 5.09 -7.77
C PRO A 202 -32.47 4.76 -9.17
N SER A 203 -33.42 4.90 -10.09
CA SER A 203 -33.21 4.60 -11.49
C SER A 203 -31.91 5.20 -12.02
N TYR A 204 -31.66 6.47 -11.72
CA TYR A 204 -30.42 7.10 -12.19
C TYR A 204 -29.58 7.68 -11.08
N SER A 205 -29.10 6.79 -10.22
CA SER A 205 -28.26 7.17 -9.10
C SER A 205 -26.85 6.69 -9.37
N ALA A 206 -25.88 7.47 -8.94
CA ALA A 206 -24.50 7.06 -9.13
C ALA A 206 -23.99 6.62 -7.77
N GLU A 207 -24.78 6.93 -6.74
CA GLU A 207 -24.43 6.59 -5.37
C GLU A 207 -24.09 5.11 -5.18
N MET A 208 -22.98 4.86 -4.51
CA MET A 208 -22.55 3.49 -4.24
C MET A 208 -22.12 3.42 -2.78
N ARG A 209 -21.56 2.29 -2.38
CA ARG A 209 -21.10 2.15 -1.00
C ARG A 209 -19.59 1.86 -0.93
N LEU A 210 -18.84 2.74 -0.28
CA LEU A 210 -17.41 2.54 -0.17
C LEU A 210 -17.04 1.68 1.02
N LEU A 211 -17.05 0.37 0.81
CA LEU A 211 -16.71 -0.56 1.86
C LEU A 211 -15.21 -0.63 1.98
N SER A 212 -14.67 -0.42 3.18
CA SER A 212 -13.23 -0.48 3.34
C SER A 212 -12.78 -1.10 4.66
N ILE A 213 -11.72 -1.89 4.60
CA ILE A 213 -11.17 -2.54 5.78
C ILE A 213 -9.78 -2.00 6.05
N TYR A 214 -9.62 -1.44 7.24
CA TYR A 214 -8.38 -0.82 7.62
C TYR A 214 -7.29 -1.72 8.21
N THR A 215 -6.09 -1.17 8.32
CA THR A 215 -4.95 -1.89 8.89
C THR A 215 -4.27 -1.05 9.97
N GLY A 216 -5.05 -0.13 10.53
CA GLY A 216 -4.58 0.73 11.61
C GLY A 216 -3.45 1.70 11.39
N GLU A 217 -2.23 1.22 11.60
CA GLU A 217 -1.06 2.06 11.45
C GLU A 217 -0.87 2.44 10.00
N ASN A 218 -1.57 1.73 9.12
CA ASN A 218 -1.48 1.98 7.70
C ASN A 218 -2.78 2.41 7.02
N MET A 219 -2.96 3.72 6.97
CA MET A 219 -4.13 4.36 6.36
C MET A 219 -3.82 4.55 4.88
N ARG A 220 -4.87 4.61 4.07
CA ARG A 220 -4.74 4.81 2.63
C ARG A 220 -5.92 5.61 2.11
N LEU A 221 -5.64 6.65 1.34
CA LEU A 221 -6.68 7.47 0.76
C LEU A 221 -6.39 7.41 -0.71
N THR A 222 -7.35 7.81 -1.54
CA THR A 222 -7.13 7.83 -2.98
C THR A 222 -7.73 9.13 -3.52
N ARG A 223 -6.91 9.87 -4.24
CA ARG A 223 -7.31 11.16 -4.80
C ARG A 223 -8.35 11.06 -5.89
N VAL A 224 -9.49 11.72 -5.69
CA VAL A 224 -10.53 11.68 -6.68
C VAL A 224 -10.35 12.93 -7.51
N THR A 225 -10.41 12.75 -8.82
CA THR A 225 -10.23 13.88 -9.72
C THR A 225 -11.45 14.02 -10.63
N LYS A 226 -11.40 14.99 -11.52
CA LYS A 226 -12.51 15.21 -12.44
C LYS A 226 -12.43 14.23 -13.59
N SER A 227 -11.23 13.75 -13.91
CA SER A 227 -11.13 12.79 -14.99
C SER A 227 -11.91 11.62 -14.49
N ASP A 228 -11.63 11.25 -13.24
CA ASP A 228 -12.28 10.14 -12.55
C ASP A 228 -13.79 10.38 -12.51
N ALA A 229 -14.20 11.57 -12.09
CA ALA A 229 -15.62 11.90 -12.02
C ALA A 229 -16.39 11.59 -13.30
N VAL A 230 -15.70 11.71 -14.44
CA VAL A 230 -16.31 11.45 -15.74
C VAL A 230 -16.50 9.98 -15.97
N ASN A 231 -15.50 9.17 -15.61
CA ASN A 231 -15.64 7.75 -15.79
C ASN A 231 -16.69 7.23 -14.82
N TYR A 232 -17.03 8.04 -13.81
CA TYR A 232 -18.05 7.62 -12.85
C TYR A 232 -19.43 7.76 -13.46
N GLU A 233 -19.69 8.95 -13.98
CA GLU A 233 -20.97 9.28 -14.63
C GLU A 233 -21.21 8.38 -15.83
N LYS A 234 -20.16 8.15 -16.59
CA LYS A 234 -20.23 7.29 -17.77
C LYS A 234 -20.62 5.87 -17.41
N LYS A 235 -19.74 5.19 -16.69
CA LYS A 235 -19.99 3.81 -16.31
C LYS A 235 -21.29 3.64 -15.51
N MET A 236 -21.56 4.53 -14.59
CA MET A 236 -22.79 4.37 -13.84
C MET A 236 -24.01 4.49 -14.74
N TYR A 237 -24.09 5.53 -15.56
CA TYR A 237 -25.23 5.72 -16.48
C TYR A 237 -25.47 4.51 -17.41
N TYR A 238 -24.41 3.73 -17.63
CA TYR A 238 -24.50 2.52 -18.44
C TYR A 238 -25.26 1.52 -17.59
N LEU A 239 -24.67 1.24 -16.42
CA LEU A 239 -25.22 0.31 -15.45
C LEU A 239 -26.71 0.56 -15.30
N ASN A 240 -27.10 1.83 -15.15
CA ASN A 240 -28.51 2.21 -14.99
C ASN A 240 -29.41 2.14 -16.23
N LYS A 241 -28.92 2.66 -17.36
CA LYS A 241 -29.71 2.67 -18.61
C LYS A 241 -29.75 1.35 -19.35
N ILE A 242 -28.60 0.70 -19.47
CA ILE A 242 -28.51 -0.56 -20.20
C ILE A 242 -28.43 -1.85 -19.37
N VAL A 243 -27.70 -1.83 -18.26
CA VAL A 243 -27.53 -3.03 -17.42
C VAL A 243 -28.70 -3.45 -16.51
N ARG A 244 -29.13 -2.56 -15.64
CA ARG A 244 -30.21 -2.88 -14.72
C ARG A 244 -31.58 -2.93 -15.38
N ASN A 245 -31.63 -2.96 -16.70
CA ASN A 245 -32.90 -3.02 -17.42
C ASN A 245 -33.09 -4.35 -18.13
N LYS A 246 -32.10 -5.21 -18.03
CA LYS A 246 -32.14 -6.50 -18.70
C LYS A 246 -32.86 -7.56 -17.88
N VAL A 247 -33.04 -8.73 -18.48
CA VAL A 247 -33.69 -9.83 -17.82
C VAL A 247 -32.74 -11.02 -17.89
N VAL A 248 -32.29 -11.47 -16.73
CA VAL A 248 -31.35 -12.57 -16.67
C VAL A 248 -32.10 -13.86 -16.94
N VAL A 249 -32.17 -14.21 -18.21
CA VAL A 249 -32.87 -15.41 -18.64
C VAL A 249 -32.33 -16.70 -18.02
N ASN A 250 -31.04 -16.72 -17.73
CA ASN A 250 -30.41 -17.91 -17.17
C ASN A 250 -30.31 -17.89 -15.66
N PHE A 251 -31.14 -17.07 -15.03
CA PHE A 251 -31.17 -16.96 -13.60
C PHE A 251 -32.42 -17.69 -13.14
N ASP A 252 -32.23 -18.88 -12.59
CA ASP A 252 -33.39 -19.63 -12.13
C ASP A 252 -33.91 -19.08 -10.81
N TYR A 253 -34.84 -18.14 -10.89
CA TYR A 253 -35.39 -17.52 -9.70
C TYR A 253 -36.74 -16.88 -10.01
N PRO A 254 -37.65 -16.84 -9.02
CA PRO A 254 -38.96 -16.23 -9.26
C PRO A 254 -38.92 -14.89 -10.01
N ASN A 255 -37.98 -14.01 -9.68
CA ASN A 255 -37.88 -12.73 -10.35
C ASN A 255 -36.60 -12.73 -11.19
N GLN A 256 -36.66 -12.21 -12.40
CA GLN A 256 -35.47 -12.19 -13.26
C GLN A 256 -34.95 -10.79 -13.58
N GLU A 257 -35.63 -9.76 -13.09
CA GLU A 257 -35.15 -8.40 -13.34
C GLU A 257 -33.75 -8.36 -12.73
N TYR A 258 -32.81 -7.75 -13.45
CA TYR A 258 -31.43 -7.66 -13.00
C TYR A 258 -31.26 -7.48 -11.48
N ASP A 259 -31.87 -6.46 -10.87
CA ASP A 259 -31.68 -6.26 -9.44
C ASP A 259 -31.94 -7.52 -8.63
N TYR A 260 -33.05 -8.18 -8.86
CA TYR A 260 -33.35 -9.40 -8.13
C TYR A 260 -32.19 -10.37 -8.28
N PHE A 261 -31.55 -10.34 -9.44
CA PHE A 261 -30.40 -11.20 -9.75
C PHE A 261 -29.17 -10.69 -9.00
N HIS A 262 -29.13 -9.38 -8.80
CA HIS A 262 -28.05 -8.70 -8.12
C HIS A 262 -28.19 -8.89 -6.60
N MET A 263 -29.43 -8.82 -6.12
CA MET A 263 -29.72 -8.99 -4.69
C MET A 263 -29.52 -10.44 -4.27
N TYR A 264 -29.64 -11.33 -5.24
CA TYR A 264 -29.46 -12.75 -5.00
C TYR A 264 -28.01 -12.95 -4.56
N PHE A 265 -27.08 -12.50 -5.41
CA PHE A 265 -25.64 -12.62 -5.18
C PHE A 265 -25.12 -12.01 -3.91
N MET A 266 -25.90 -11.11 -3.34
CA MET A 266 -25.52 -10.48 -2.09
C MET A 266 -25.89 -11.38 -0.93
N LEU A 267 -27.15 -11.78 -0.88
CA LEU A 267 -27.66 -12.62 0.20
C LEU A 267 -26.99 -13.99 0.26
N ARG A 268 -26.62 -14.52 -0.89
CA ARG A 268 -25.99 -15.83 -0.91
C ARG A 268 -24.80 -15.80 0.03
N THR A 269 -24.24 -14.61 0.22
CA THR A 269 -23.08 -14.46 1.08
C THR A 269 -23.49 -14.14 2.51
N VAL A 270 -24.77 -14.30 2.82
CA VAL A 270 -25.27 -14.04 4.16
C VAL A 270 -25.50 -15.35 4.89
N TYR A 271 -25.17 -15.37 6.19
CA TYR A 271 -25.33 -16.58 7.00
C TYR A 271 -26.67 -16.68 7.69
N CYS A 272 -27.20 -17.90 7.74
CA CYS A 272 -28.44 -18.17 8.44
C CYS A 272 -28.24 -19.51 9.10
N ASN A 273 -28.55 -19.60 10.41
CA ASN A 273 -28.39 -20.84 11.17
C ASN A 273 -29.40 -21.89 10.75
N LYS A 274 -30.51 -21.43 10.20
CA LYS A 274 -31.54 -22.34 9.72
C LYS A 274 -30.89 -23.18 8.61
N THR A 275 -31.57 -24.22 8.14
CA THR A 275 -30.99 -25.04 7.07
C THR A 275 -31.89 -25.02 5.88
N PHE A 276 -31.29 -25.08 4.70
CA PHE A 276 -32.06 -25.05 3.46
C PHE A 276 -31.48 -26.07 2.47
N PRO A 277 -32.32 -26.64 1.62
CA PRO A 277 -31.88 -27.63 0.62
C PRO A 277 -30.82 -27.12 -0.36
N THR A 278 -31.02 -25.92 -0.89
CA THR A 278 -30.07 -25.32 -1.81
C THR A 278 -29.89 -23.89 -1.35
N THR A 279 -29.11 -23.11 -2.10
CA THR A 279 -28.91 -21.71 -1.77
C THR A 279 -30.19 -20.98 -2.22
N LYS A 280 -30.64 -21.29 -3.42
CA LYS A 280 -31.85 -20.69 -3.95
C LYS A 280 -32.89 -20.77 -2.85
N ALA A 281 -32.83 -21.85 -2.08
CA ALA A 281 -33.75 -22.08 -0.99
C ALA A 281 -33.61 -21.02 0.11
N LYS A 282 -32.37 -20.65 0.42
CA LYS A 282 -32.08 -19.66 1.44
C LYS A 282 -32.30 -18.22 0.93
N VAL A 283 -31.68 -17.89 -0.19
CA VAL A 283 -31.86 -16.55 -0.73
C VAL A 283 -33.34 -16.25 -0.74
N LEU A 284 -34.11 -17.11 -1.41
CA LEU A 284 -35.55 -16.95 -1.50
C LEU A 284 -36.19 -16.82 -0.13
N PHE A 285 -35.59 -17.45 0.88
CA PHE A 285 -36.12 -17.35 2.23
C PHE A 285 -35.82 -15.95 2.72
N LEU A 286 -34.53 -15.62 2.78
CA LEU A 286 -34.10 -14.31 3.22
C LEU A 286 -35.01 -13.29 2.54
N GLN A 287 -34.83 -13.07 1.23
CA GLN A 287 -35.67 -12.12 0.51
C GLN A 287 -37.07 -12.08 1.08
N GLN A 288 -37.71 -13.24 1.06
CA GLN A 288 -39.07 -13.42 1.58
C GLN A 288 -39.23 -12.80 2.97
N SER A 289 -38.18 -12.85 3.79
CA SER A 289 -38.21 -12.26 5.13
C SER A 289 -38.03 -10.75 5.11
N ILE A 290 -36.98 -10.31 4.43
CA ILE A 290 -36.65 -8.90 4.29
C ILE A 290 -37.82 -8.15 3.72
N PHE A 291 -38.30 -8.59 2.56
CA PHE A 291 -39.43 -7.93 1.90
C PHE A 291 -40.65 -7.93 2.82
N ARG A 292 -40.62 -8.83 3.80
CA ARG A 292 -41.71 -8.97 4.76
C ARG A 292 -41.56 -7.87 5.79
N PHE A 293 -40.39 -7.78 6.40
CA PHE A 293 -40.14 -6.77 7.42
C PHE A 293 -40.37 -5.36 6.89
N LEU A 294 -39.93 -5.10 5.67
CA LEU A 294 -40.10 -3.77 5.09
C LEU A 294 -41.54 -3.53 4.66
N ASN A 295 -42.26 -4.64 4.44
CA ASN A 295 -43.65 -4.63 4.02
C ASN A 295 -43.85 -4.47 2.54
N ILE A 296 -42.94 -5.08 1.79
CA ILE A 296 -42.97 -5.04 0.34
C ILE A 296 -43.72 -6.30 -0.12
N PRO A 297 -44.84 -6.15 -0.85
CA PRO A 297 -45.60 -7.30 -1.33
C PRO A 297 -44.75 -8.37 -2.06
N MET B 1 38.41 2.60 24.11
CA MET B 1 38.20 3.80 24.98
C MET B 1 36.73 4.31 24.93
N ASP B 2 36.23 4.47 23.69
CA ASP B 2 34.87 4.95 23.39
C ASP B 2 34.85 5.11 21.86
N VAL B 3 35.61 4.26 21.20
CA VAL B 3 35.73 4.28 19.77
C VAL B 3 34.85 3.15 19.26
N VAL B 4 34.72 3.05 17.94
CA VAL B 4 33.90 2.00 17.38
C VAL B 4 34.35 1.63 15.99
N SER B 5 33.92 0.46 15.53
CA SER B 5 34.28 0.00 14.22
C SER B 5 33.00 -0.35 13.44
N LEU B 6 32.25 0.70 13.07
CA LEU B 6 31.00 0.57 12.33
C LEU B 6 31.19 0.12 10.89
N ASP B 7 30.08 -0.24 10.27
CA ASP B 7 30.08 -0.70 8.88
C ASP B 7 29.44 0.36 7.98
N LYS B 8 28.53 1.13 8.57
CA LYS B 8 27.85 2.20 7.86
C LYS B 8 27.04 2.96 8.90
N PRO B 9 26.81 4.26 8.68
CA PRO B 9 26.04 5.00 9.68
C PRO B 9 24.56 4.68 9.62
N PHE B 10 23.84 5.15 10.63
CA PHE B 10 22.42 4.95 10.65
C PHE B 10 21.91 6.00 9.68
N MET B 11 21.32 5.59 8.56
CA MET B 11 20.81 6.56 7.60
C MET B 11 19.36 6.86 7.88
N TYR B 12 18.59 5.83 8.22
CA TYR B 12 17.16 6.01 8.51
C TYR B 12 16.76 5.53 9.90
N PHE B 13 15.77 6.23 10.48
CA PHE B 13 15.31 5.93 11.83
C PHE B 13 15.03 4.47 12.10
N GLU B 14 14.53 3.83 11.06
CA GLU B 14 14.20 2.42 11.10
C GLU B 14 15.45 1.60 11.47
N GLU B 15 16.61 2.04 10.99
CA GLU B 15 17.88 1.37 11.21
C GLU B 15 18.52 1.44 12.60
N ILE B 16 17.86 2.05 13.58
CA ILE B 16 18.43 2.15 14.92
C ILE B 16 18.19 0.86 15.73
N ASP B 17 19.28 0.17 16.04
CA ASP B 17 19.29 -1.11 16.75
C ASP B 17 19.04 -1.12 18.26
N ASN B 18 19.38 -0.04 18.95
CA ASN B 18 19.17 0.01 20.38
C ASN B 18 18.19 1.11 20.76
N GLU B 19 18.33 1.58 22.01
CA GLU B 19 17.47 2.63 22.56
C GLU B 19 17.79 2.86 24.04
N LEU B 20 17.51 4.06 24.54
CA LEU B 20 17.74 4.42 25.94
C LEU B 20 16.68 5.42 26.45
N ASP B 21 16.42 5.36 27.76
CA ASP B 21 15.43 6.21 28.40
C ASP B 21 15.81 7.70 28.43
N TYR B 22 15.00 8.55 27.80
CA TYR B 22 15.30 9.99 27.80
C TYR B 22 15.59 10.48 29.22
N GLU B 23 16.86 10.81 29.45
CA GLU B 23 17.34 11.35 30.73
C GLU B 23 17.40 12.90 30.56
N PRO B 24 16.40 13.62 31.14
CA PRO B 24 16.24 15.10 31.11
C PRO B 24 17.48 15.96 31.36
N GLU B 25 18.52 15.37 31.97
CA GLU B 25 19.77 16.05 32.33
C GLU B 25 20.54 16.64 31.12
N SER B 26 20.10 16.25 29.92
CA SER B 26 20.71 16.68 28.66
C SER B 26 20.18 18.01 28.15
N LYS B 33 27.59 23.33 18.32
CA LYS B 33 29.01 23.17 17.99
C LYS B 33 29.36 24.02 16.76
N LEU B 34 30.22 23.50 15.89
CA LEU B 34 30.67 24.19 14.66
C LEU B 34 29.78 25.37 14.31
N PRO B 35 30.39 26.49 13.90
CA PRO B 35 29.61 27.69 13.54
C PRO B 35 28.88 27.41 12.23
N TYR B 36 27.56 27.64 12.25
CA TYR B 36 26.69 27.43 11.09
C TYR B 36 26.40 25.94 10.89
N GLN B 37 25.92 25.28 11.95
CA GLN B 37 25.55 23.85 11.91
C GLN B 37 24.13 23.71 11.37
N GLY B 38 23.24 24.62 11.78
CA GLY B 38 21.85 24.58 11.36
C GLY B 38 21.66 25.10 9.97
N GLN B 39 22.71 24.93 9.17
CA GLN B 39 22.76 25.33 7.77
C GLN B 39 23.39 24.14 7.09
N LEU B 40 24.23 23.46 7.87
CA LEU B 40 24.91 22.26 7.43
C LEU B 40 23.86 21.16 7.51
N LYS B 41 23.15 21.09 8.63
CA LYS B 41 22.10 20.09 8.83
C LYS B 41 21.09 20.14 7.68
N LEU B 42 20.69 21.34 7.30
CA LEU B 42 19.76 21.51 6.19
C LEU B 42 20.37 21.25 4.79
N LEU B 43 21.53 21.85 4.49
CA LEU B 43 22.17 21.66 3.17
C LEU B 43 22.54 20.22 2.88
N LEU B 44 22.96 19.49 3.92
CA LEU B 44 23.33 18.09 3.75
C LEU B 44 22.11 17.20 3.58
N GLY B 45 20.96 17.63 4.09
CA GLY B 45 19.75 16.84 3.94
C GLY B 45 19.02 17.03 2.63
N GLU B 46 19.10 18.24 2.10
CA GLU B 46 18.47 18.62 0.84
C GLU B 46 19.30 18.21 -0.35
N LEU B 47 20.61 18.06 -0.15
CA LEU B 47 21.46 17.61 -1.25
C LEU B 47 21.14 16.13 -1.39
N PHE B 48 21.09 15.43 -0.27
CA PHE B 48 20.81 14.01 -0.25
C PHE B 48 19.50 13.73 -0.94
N PHE B 49 18.45 14.39 -0.46
CA PHE B 49 17.09 14.25 -0.99
C PHE B 49 17.00 14.57 -2.49
N LEU B 50 17.34 15.79 -2.86
CA LEU B 50 17.28 16.17 -4.25
C LEU B 50 18.25 15.41 -5.14
N SER B 51 19.33 14.88 -4.58
CA SER B 51 20.27 14.09 -5.38
C SER B 51 19.63 12.73 -5.55
N LYS B 52 18.95 12.26 -4.50
CA LYS B 52 18.28 10.98 -4.56
C LYS B 52 17.27 11.06 -5.67
N LEU B 53 16.47 12.13 -5.68
CA LEU B 53 15.46 12.34 -6.71
C LEU B 53 16.15 12.28 -8.06
N GLN B 54 16.97 13.29 -8.39
CA GLN B 54 17.71 13.31 -9.65
C GLN B 54 18.15 11.91 -10.11
N ARG B 55 18.57 11.08 -9.16
CA ARG B 55 19.04 9.71 -9.44
C ARG B 55 17.93 8.74 -9.88
N HIS B 56 16.70 9.07 -9.53
CA HIS B 56 15.57 8.26 -9.92
C HIS B 56 14.75 9.09 -10.92
N GLY B 57 15.48 9.99 -11.59
CA GLY B 57 14.94 10.88 -12.59
C GLY B 57 13.67 11.63 -12.29
N ILE B 58 13.44 11.96 -11.03
CA ILE B 58 12.23 12.68 -10.73
C ILE B 58 12.55 14.15 -10.66
N LEU B 59 13.79 14.47 -10.32
CA LEU B 59 14.20 15.86 -10.20
C LEU B 59 14.34 16.55 -11.54
N ASP B 60 14.40 15.75 -12.60
CA ASP B 60 14.57 16.24 -13.98
C ASP B 60 13.52 17.29 -14.40
N GLY B 61 13.97 18.50 -14.70
CA GLY B 61 13.09 19.58 -15.13
C GLY B 61 11.81 19.79 -14.36
N ALA B 62 11.87 19.64 -13.03
CA ALA B 62 10.69 19.81 -12.18
C ALA B 62 10.83 21.07 -11.35
N THR B 63 9.77 21.47 -10.65
CA THR B 63 9.85 22.65 -9.82
C THR B 63 9.94 22.24 -8.37
N VAL B 64 10.90 22.81 -7.63
CA VAL B 64 11.04 22.52 -6.23
C VAL B 64 10.44 23.70 -5.46
N VAL B 65 9.31 23.42 -4.82
CA VAL B 65 8.61 24.41 -4.02
C VAL B 65 9.08 24.22 -2.59
N TYR B 66 9.29 25.34 -1.92
CA TYR B 66 9.79 25.34 -0.57
C TYR B 66 8.86 26.17 0.30
N ILE B 67 8.37 25.56 1.37
CA ILE B 67 7.47 26.25 2.26
C ILE B 67 8.09 26.29 3.68
N GLY B 68 8.51 27.48 4.10
CA GLY B 68 9.15 27.64 5.39
C GLY B 68 10.65 27.63 5.15
N SER B 69 11.06 28.27 4.05
CA SER B 69 12.45 28.30 3.58
C SER B 69 13.36 29.49 3.92
N ALA B 70 12.93 30.40 4.77
CA ALA B 70 13.77 31.55 5.08
C ALA B 70 14.62 31.37 6.33
N PRO B 71 15.83 31.94 6.31
CA PRO B 71 16.36 32.70 5.18
C PRO B 71 16.83 31.75 4.11
N GLY B 72 17.03 30.49 4.49
CA GLY B 72 17.50 29.48 3.55
C GLY B 72 18.69 29.99 2.75
N THR B 73 19.78 30.27 3.45
CA THR B 73 20.97 30.75 2.79
C THR B 73 21.47 29.58 1.96
N HIS B 74 21.56 28.43 2.62
CA HIS B 74 22.05 27.21 1.99
C HIS B 74 21.46 26.92 0.62
N ILE B 75 20.21 27.31 0.41
CA ILE B 75 19.55 27.04 -0.84
C ILE B 75 20.30 27.61 -2.04
N ARG B 76 21.04 28.69 -1.84
CA ARG B 76 21.78 29.24 -2.94
C ARG B 76 22.78 28.21 -3.42
N TYR B 77 23.44 27.56 -2.49
CA TYR B 77 24.42 26.54 -2.82
C TYR B 77 23.74 25.44 -3.59
N LEU B 78 22.64 24.92 -3.04
CA LEU B 78 21.90 23.86 -3.69
C LEU B 78 21.57 24.31 -5.10
N ARG B 79 21.11 25.54 -5.22
CA ARG B 79 20.74 26.11 -6.52
C ARG B 79 21.87 26.00 -7.50
N ASP B 80 23.07 26.32 -7.02
CA ASP B 80 24.27 26.28 -7.82
C ASP B 80 24.79 24.86 -8.08
N HIS B 81 24.81 24.00 -7.06
CA HIS B 81 25.29 22.64 -7.27
C HIS B 81 24.63 22.02 -8.50
N PHE B 82 23.30 22.05 -8.50
CA PHE B 82 22.49 21.50 -9.57
C PHE B 82 22.59 22.22 -10.90
N TYR B 83 22.67 23.54 -10.85
CA TYR B 83 22.76 24.29 -12.08
C TYR B 83 23.97 23.74 -12.82
N ASN B 84 25.11 23.77 -12.15
CA ASN B 84 26.37 23.28 -12.68
C ASN B 84 26.30 21.84 -13.17
N LEU B 85 25.39 21.04 -12.60
CA LEU B 85 25.26 19.66 -13.00
C LEU B 85 24.43 19.48 -14.27
N GLY B 86 23.98 20.59 -14.82
CA GLY B 86 23.19 20.55 -16.03
C GLY B 86 21.72 20.37 -15.76
N VAL B 87 21.37 19.98 -14.53
CA VAL B 87 19.97 19.76 -14.17
C VAL B 87 19.19 21.05 -14.22
N ILE B 88 18.03 21.00 -14.87
CA ILE B 88 17.21 22.18 -15.03
C ILE B 88 16.05 22.19 -14.05
N ILE B 89 16.05 23.15 -13.14
CA ILE B 89 15.01 23.19 -12.15
C ILE B 89 14.49 24.58 -11.87
N LYS B 90 13.19 24.64 -11.57
CA LYS B 90 12.51 25.89 -11.22
C LYS B 90 12.46 25.89 -9.69
N TRP B 91 12.96 26.94 -9.05
CA TRP B 91 12.92 26.98 -7.60
C TRP B 91 11.91 27.99 -7.13
N MET B 92 10.99 27.57 -6.26
CA MET B 92 9.99 28.50 -5.72
C MET B 92 10.04 28.46 -4.20
N LEU B 93 10.42 29.59 -3.62
CA LEU B 93 10.55 29.68 -2.20
C LEU B 93 9.51 30.62 -1.60
N ILE B 94 8.71 30.07 -0.70
CA ILE B 94 7.66 30.83 -0.07
C ILE B 94 7.85 30.75 1.44
N ASP B 95 7.87 31.90 2.09
CA ASP B 95 7.99 31.93 3.54
C ASP B 95 7.34 33.22 3.98
N GLY B 96 6.78 33.24 5.19
CA GLY B 96 6.13 34.43 5.71
C GLY B 96 7.09 35.59 5.79
N ARG B 97 8.36 35.29 5.97
CA ARG B 97 9.39 36.31 6.07
C ARG B 97 10.26 36.40 4.82
N HIS B 98 11.24 37.31 4.86
CA HIS B 98 12.13 37.50 3.72
C HIS B 98 13.31 36.55 3.69
N HIS B 99 13.95 36.44 2.52
CA HIS B 99 15.07 35.52 2.32
C HIS B 99 16.41 36.26 2.22
N ASP B 100 17.50 35.51 2.30
CA ASP B 100 18.87 36.04 2.21
C ASP B 100 19.04 36.58 0.80
N PRO B 101 19.35 37.87 0.66
CA PRO B 101 19.55 38.51 -0.63
C PRO B 101 20.30 37.72 -1.70
N ILE B 102 21.18 36.81 -1.30
CA ILE B 102 21.92 36.01 -2.28
C ILE B 102 20.97 35.21 -3.18
N LEU B 103 19.68 35.25 -2.86
CA LEU B 103 18.68 34.53 -3.65
C LEU B 103 17.97 35.45 -4.63
N ASN B 104 18.22 36.75 -4.54
CA ASN B 104 17.59 37.70 -5.45
C ASN B 104 18.32 37.77 -6.77
N GLY B 105 17.56 37.96 -7.84
CA GLY B 105 18.15 38.05 -9.15
C GLY B 105 18.33 36.74 -9.88
N LEU B 106 17.92 35.64 -9.26
CA LEU B 106 18.04 34.36 -9.92
C LEU B 106 16.78 34.13 -10.73
N ARG B 107 16.97 33.98 -12.04
CA ARG B 107 15.89 33.77 -13.01
C ARG B 107 15.15 32.47 -12.73
N ASP B 108 15.90 31.49 -12.25
CA ASP B 108 15.40 30.16 -11.91
C ASP B 108 14.80 30.08 -10.52
N VAL B 109 14.90 31.16 -9.75
CA VAL B 109 14.35 31.20 -8.41
C VAL B 109 13.33 32.31 -8.20
N THR B 110 12.12 31.92 -7.86
CA THR B 110 11.05 32.87 -7.59
C THR B 110 10.99 33.02 -6.08
N LEU B 111 10.68 34.20 -5.57
CA LEU B 111 10.61 34.36 -4.12
C LEU B 111 9.33 35.02 -3.64
N VAL B 112 8.45 34.20 -3.07
CA VAL B 112 7.19 34.68 -2.55
C VAL B 112 7.37 35.07 -1.09
N THR B 113 6.74 36.16 -0.69
CA THR B 113 6.85 36.55 0.69
C THR B 113 5.47 36.76 1.23
N ARG B 114 4.88 35.67 1.67
CA ARG B 114 3.56 35.67 2.25
C ARG B 114 3.37 34.39 3.05
N PHE B 115 2.30 34.36 3.86
CA PHE B 115 1.98 33.19 4.67
C PHE B 115 0.96 32.33 3.93
N VAL B 116 1.25 31.04 3.86
CA VAL B 116 0.41 30.09 3.14
C VAL B 116 -0.78 29.50 3.90
N ASP B 117 -1.74 29.00 3.11
CA ASP B 117 -2.95 28.37 3.61
C ASP B 117 -3.69 27.72 2.45
N GLU B 118 -4.79 27.07 2.78
CA GLU B 118 -5.61 26.40 1.78
C GLU B 118 -5.69 27.25 0.53
N GLU B 119 -6.40 28.37 0.65
CA GLU B 119 -6.58 29.33 -0.44
C GLU B 119 -5.39 29.40 -1.38
N TYR B 120 -4.22 29.73 -0.82
CA TYR B 120 -2.98 29.87 -1.57
C TYR B 120 -2.46 28.58 -2.23
N LEU B 121 -2.45 27.47 -1.50
CA LEU B 121 -1.96 26.25 -2.09
C LEU B 121 -2.73 25.90 -3.35
N ARG B 122 -4.05 26.10 -3.32
CA ARG B 122 -4.89 25.81 -4.48
C ARG B 122 -4.55 26.77 -5.61
N SER B 123 -4.09 27.96 -5.24
CA SER B 123 -3.73 29.01 -6.19
C SER B 123 -2.42 28.74 -6.95
N ILE B 124 -1.37 28.32 -6.26
CA ILE B 124 -0.11 28.03 -6.94
C ILE B 124 -0.16 26.74 -7.74
N LYS B 125 -0.90 25.74 -7.27
CA LYS B 125 -0.96 24.50 -8.01
C LYS B 125 -1.47 24.85 -9.39
N LYS B 126 -2.50 25.71 -9.45
CA LYS B 126 -3.07 26.12 -10.73
C LYS B 126 -1.99 26.75 -11.59
N GLN B 127 -1.20 27.61 -10.96
CA GLN B 127 -0.12 28.31 -11.63
C GLN B 127 0.94 27.38 -12.18
N LEU B 128 1.44 26.50 -11.32
CA LEU B 128 2.53 25.58 -11.68
C LEU B 128 2.18 24.47 -12.63
N HIS B 129 0.99 23.90 -12.48
CA HIS B 129 0.55 22.80 -13.34
C HIS B 129 0.93 23.09 -14.78
N PRO B 130 1.28 22.06 -15.56
CA PRO B 130 1.36 20.63 -15.26
C PRO B 130 2.78 20.15 -14.92
N SER B 131 3.65 21.08 -14.56
CA SER B 131 5.01 20.69 -14.22
C SER B 131 4.95 19.98 -12.88
N LYS B 132 5.70 18.90 -12.73
CA LYS B 132 5.70 18.16 -11.48
C LYS B 132 6.25 19.02 -10.36
N ILE B 133 5.75 18.81 -9.15
CA ILE B 133 6.19 19.59 -8.00
C ILE B 133 6.92 18.75 -6.97
N ILE B 134 8.01 19.29 -6.40
CA ILE B 134 8.79 18.64 -5.37
C ILE B 134 8.74 19.58 -4.19
N LEU B 135 8.06 19.18 -3.12
CA LEU B 135 7.89 20.03 -1.96
C LEU B 135 8.93 19.85 -0.87
N ILE B 136 9.36 20.96 -0.27
CA ILE B 136 10.31 20.85 0.82
C ILE B 136 9.79 21.70 1.99
N SER B 137 9.11 21.03 2.91
CA SER B 137 8.50 21.69 4.07
C SER B 137 9.35 21.73 5.35
N ASP B 138 9.47 22.93 5.90
CA ASP B 138 10.21 23.16 7.13
C ASP B 138 9.50 24.24 7.96
N VAL B 139 8.16 24.27 7.88
CA VAL B 139 7.39 25.25 8.64
C VAL B 139 7.90 25.29 10.09
N ALA B 140 7.75 26.46 10.72
CA ALA B 140 8.19 26.68 12.10
C ALA B 140 7.05 27.32 12.90
N SER B 141 7.08 27.14 14.22
CA SER B 141 6.06 27.71 15.12
C SER B 141 6.66 28.53 16.29
N GLY B 145 13.11 31.19 21.84
CA GLY B 145 12.35 30.22 21.06
C GLY B 145 11.80 29.10 21.93
N ASN B 146 12.72 28.28 22.47
CA ASN B 146 12.42 27.13 23.36
C ASN B 146 12.22 25.79 22.64
N GLU B 147 10.96 25.35 22.59
CA GLU B 147 10.57 24.11 21.95
C GLU B 147 9.18 24.33 21.37
N PRO B 148 8.90 23.80 20.18
CA PRO B 148 7.53 24.08 19.77
C PRO B 148 6.61 23.21 20.65
N SER B 149 5.39 23.69 20.89
CA SER B 149 4.42 22.97 21.71
C SER B 149 3.93 21.77 20.96
N THR B 150 3.45 20.74 21.67
CA THR B 150 2.93 19.55 20.99
C THR B 150 1.74 19.95 20.14
N ALA B 151 1.05 21.01 20.58
CA ALA B 151 -0.08 21.52 19.85
C ALA B 151 0.38 22.18 18.53
N ASP B 152 1.57 22.77 18.53
CA ASP B 152 2.10 23.40 17.32
C ASP B 152 2.64 22.39 16.36
N LEU B 153 3.11 21.28 16.91
CA LEU B 153 3.64 20.23 16.07
C LEU B 153 2.47 19.65 15.32
N LEU B 154 1.36 19.46 16.01
CA LEU B 154 0.17 18.92 15.35
C LEU B 154 -0.33 19.91 14.29
N SER B 155 -0.42 21.17 14.67
CA SER B 155 -0.88 22.19 13.76
C SER B 155 0.07 22.29 12.57
N ASN B 156 1.35 22.04 12.79
CA ASN B 156 2.33 22.09 11.70
C ASN B 156 2.21 20.86 10.79
N TYR B 157 2.34 19.66 11.36
CA TYR B 157 2.26 18.43 10.58
C TYR B 157 0.92 18.38 9.87
N ALA B 158 -0.07 19.04 10.47
CA ALA B 158 -1.40 19.11 9.91
C ALA B 158 -1.27 19.81 8.57
N LEU B 159 -0.89 21.08 8.62
CA LEU B 159 -0.71 21.87 7.41
C LEU B 159 0.11 21.16 6.32
N GLN B 160 1.27 20.61 6.68
CA GLN B 160 2.12 19.91 5.72
C GLN B 160 1.34 18.84 4.92
N ASN B 161 0.40 18.18 5.57
CA ASN B 161 -0.38 17.15 4.88
C ASN B 161 -1.30 17.82 3.85
N VAL B 162 -1.70 19.07 4.11
CA VAL B 162 -2.56 19.80 3.17
C VAL B 162 -1.77 20.17 1.93
N MET B 163 -0.54 20.60 2.13
CA MET B 163 0.34 20.96 1.03
C MET B 163 0.40 19.75 0.12
N ILE B 164 0.43 18.57 0.72
CA ILE B 164 0.49 17.32 -0.03
C ILE B 164 -0.77 17.13 -0.89
N SER B 165 -1.94 17.38 -0.33
CA SER B 165 -3.21 17.22 -1.04
C SER B 165 -3.42 18.27 -2.12
N ILE B 166 -3.26 19.54 -1.77
CA ILE B 166 -3.44 20.60 -2.74
C ILE B 166 -2.42 20.42 -3.85
N LEU B 167 -1.14 20.61 -3.51
CA LEU B 167 -0.03 20.50 -4.47
C LEU B 167 0.12 19.15 -5.16
N ASN B 168 -0.30 18.09 -4.49
CA ASN B 168 -0.17 16.76 -5.05
C ASN B 168 1.22 16.63 -5.63
N PRO B 169 2.22 16.73 -4.78
CA PRO B 169 3.63 16.63 -5.19
C PRO B 169 4.05 15.20 -5.52
N VAL B 170 4.95 15.05 -6.48
CA VAL B 170 5.44 13.73 -6.87
C VAL B 170 6.38 13.15 -5.85
N ALA B 171 6.96 14.03 -5.01
CA ALA B 171 7.90 13.66 -3.93
C ALA B 171 8.02 14.80 -2.95
N SER B 172 8.18 14.48 -1.67
CA SER B 172 8.29 15.50 -0.65
C SER B 172 9.34 15.24 0.42
N SER B 173 9.67 16.29 1.17
CA SER B 173 10.63 16.22 2.27
C SER B 173 10.17 17.15 3.39
N LEU B 174 9.59 16.60 4.46
CA LEU B 174 9.11 17.43 5.55
C LEU B 174 9.79 17.16 6.85
N LYS B 175 9.56 18.07 7.82
CA LYS B 175 10.12 17.93 9.14
C LYS B 175 9.31 16.88 9.86
N TRP B 176 9.98 16.15 10.74
CA TRP B 176 9.32 15.11 11.49
C TRP B 176 10.00 14.93 12.83
N ARG B 177 9.39 15.46 13.88
CA ARG B 177 9.91 15.30 15.22
C ARG B 177 8.67 14.89 16.02
N CYS B 178 8.65 13.64 16.45
CA CYS B 178 7.51 13.17 17.15
C CYS B 178 7.23 13.98 18.41
N PRO B 179 5.95 14.19 18.75
CA PRO B 179 5.62 14.94 19.95
C PRO B 179 6.12 14.14 21.14
N PHE B 180 6.45 14.81 22.23
CA PHE B 180 6.96 14.08 23.38
C PHE B 180 5.87 13.28 24.08
N PRO B 181 6.14 12.00 24.36
CA PRO B 181 5.13 11.18 25.02
C PRO B 181 4.51 11.92 26.21
N ASP B 182 5.34 12.42 27.12
CA ASP B 182 4.81 13.13 28.29
C ASP B 182 3.95 14.34 27.92
N GLN B 183 4.05 14.77 26.66
CA GLN B 183 3.28 15.92 26.19
C GLN B 183 2.37 15.51 25.02
N TRP B 184 1.77 14.32 25.12
CA TRP B 184 0.87 13.82 24.09
C TRP B 184 -0.49 14.50 24.17
N ILE B 185 -1.17 14.59 23.02
CA ILE B 185 -2.49 15.22 22.94
C ILE B 185 -3.44 14.27 22.26
N LYS B 186 -3.21 14.07 20.97
CA LYS B 186 -4.02 13.18 20.18
C LYS B 186 -3.07 12.50 19.22
N ASP B 187 -3.61 11.59 18.43
CA ASP B 187 -2.83 10.87 17.42
C ASP B 187 -2.95 11.66 16.13
N PHE B 188 -2.39 11.14 15.07
CA PHE B 188 -2.44 11.81 13.80
C PHE B 188 -1.78 10.96 12.74
N TYR B 189 -1.88 11.42 11.51
CA TYR B 189 -1.31 10.73 10.39
C TYR B 189 -0.31 11.62 9.68
N ILE B 190 0.76 11.01 9.18
CA ILE B 190 1.78 11.73 8.44
C ILE B 190 2.09 10.87 7.24
N PRO B 191 2.52 11.50 6.12
CA PRO B 191 2.84 10.76 4.91
C PRO B 191 3.73 9.57 5.14
N HIS B 192 3.62 8.62 4.22
CA HIS B 192 4.43 7.43 4.27
C HIS B 192 5.74 7.94 3.70
N GLY B 193 6.84 7.59 4.33
CA GLY B 193 8.14 8.04 3.87
C GLY B 193 9.21 7.49 4.79
N ASN B 194 10.46 7.67 4.42
CA ASN B 194 11.54 7.18 5.24
C ASN B 194 12.00 8.34 6.11
N LYS B 195 12.23 8.08 7.38
CA LYS B 195 12.66 9.11 8.31
C LYS B 195 14.17 9.17 8.26
N MET B 196 14.67 10.17 7.55
CA MET B 196 16.08 10.40 7.34
C MET B 196 16.68 11.06 8.58
N LEU B 197 17.72 10.46 9.16
CA LEU B 197 18.35 11.04 10.34
C LEU B 197 19.20 12.18 9.86
N GLN B 198 19.46 13.16 10.73
CA GLN B 198 20.24 14.35 10.35
C GLN B 198 21.60 14.56 11.03
N PRO B 199 22.65 14.82 10.23
CA PRO B 199 24.02 15.05 10.69
C PRO B 199 24.19 16.49 11.14
N PHE B 200 25.01 16.69 12.15
CA PHE B 200 25.24 18.03 12.68
C PHE B 200 23.95 18.70 13.13
N ALA B 201 23.07 17.90 13.73
CA ALA B 201 21.80 18.37 14.25
C ALA B 201 21.99 18.54 15.74
N PRO B 202 21.18 19.39 16.39
CA PRO B 202 21.33 19.60 17.82
C PRO B 202 21.66 18.35 18.58
N SER B 203 22.48 18.52 19.61
CA SER B 203 22.92 17.41 20.44
C SER B 203 21.78 16.47 20.83
N TYR B 204 20.67 17.03 21.31
CA TYR B 204 19.53 16.22 21.69
C TYR B 204 18.25 16.56 20.95
N SER B 205 18.29 16.32 19.63
CA SER B 205 17.16 16.59 18.78
C SER B 205 16.62 15.26 18.32
N ALA B 206 15.30 15.20 18.16
CA ALA B 206 14.69 13.98 17.71
C ALA B 206 14.26 14.23 16.28
N GLU B 207 14.30 15.50 15.88
CA GLU B 207 13.91 15.93 14.55
C GLU B 207 14.61 15.16 13.44
N MET B 208 13.84 14.69 12.48
CA MET B 208 14.39 13.96 11.36
C MET B 208 13.74 14.48 10.09
N ARG B 209 13.99 13.84 8.96
CA ARG B 209 13.40 14.28 7.71
C ARG B 209 12.57 13.17 7.06
N LEU B 210 11.27 13.44 6.88
CA LEU B 210 10.40 12.44 6.29
C LEU B 210 10.42 12.52 4.77
N LEU B 211 11.35 11.81 4.17
CA LEU B 211 11.47 11.79 2.73
C LEU B 211 10.46 10.80 2.18
N SER B 212 9.62 11.24 1.25
CA SER B 212 8.62 10.34 0.69
C SER B 212 8.37 10.53 -0.79
N ILE B 213 8.19 9.43 -1.51
CA ILE B 213 7.94 9.47 -2.95
C ILE B 213 6.55 8.92 -3.22
N TYR B 214 5.73 9.75 -3.83
CA TYR B 214 4.36 9.42 -4.11
C TYR B 214 4.07 8.64 -5.38
N THR B 215 2.85 8.12 -5.48
CA THR B 215 2.40 7.37 -6.64
C THR B 215 1.06 7.91 -7.13
N GLY B 216 0.81 9.17 -6.79
CA GLY B 216 -0.39 9.87 -7.22
C GLY B 216 -1.77 9.40 -6.80
N GLU B 217 -2.32 8.47 -7.58
CA GLU B 217 -3.66 7.98 -7.31
C GLU B 217 -3.64 7.17 -6.02
N ASN B 218 -2.43 6.80 -5.59
CA ASN B 218 -2.26 6.01 -4.39
C ASN B 218 -1.48 6.68 -3.28
N MET B 219 -2.25 7.35 -2.41
CA MET B 219 -1.73 8.06 -1.26
C MET B 219 -1.66 7.08 -0.09
N ARG B 220 -0.75 7.34 0.84
CA ARG B 220 -0.56 6.50 2.01
C ARG B 220 -0.16 7.35 3.20
N LEU B 221 -0.84 7.16 4.32
CA LEU B 221 -0.53 7.89 5.54
C LEU B 221 -0.29 6.81 6.56
N THR B 222 0.36 7.14 7.67
CA THR B 222 0.60 6.16 8.72
C THR B 222 0.29 6.83 10.06
N ARG B 223 -0.57 6.18 10.83
CA ARG B 223 -1.03 6.70 12.11
C ARG B 223 0.04 6.70 13.17
N VAL B 224 0.31 7.88 13.71
CA VAL B 224 1.32 8.00 14.74
C VAL B 224 0.59 7.94 16.05
N THR B 225 1.10 7.12 16.96
CA THR B 225 0.48 6.97 18.26
C THR B 225 1.47 7.33 19.36
N LYS B 226 1.04 7.19 20.61
CA LYS B 226 1.90 7.51 21.74
C LYS B 226 2.83 6.35 22.02
N SER B 227 2.42 5.14 21.65
CA SER B 227 3.29 4.00 21.87
C SER B 227 4.49 4.33 21.02
N ASP B 228 4.19 4.69 19.76
CA ASP B 228 5.19 5.05 18.77
C ASP B 228 6.05 6.20 19.29
N ALA B 229 5.41 7.24 19.80
CA ALA B 229 6.13 8.40 20.33
C ALA B 229 7.23 8.05 21.34
N VAL B 230 7.01 6.96 22.06
CA VAL B 230 7.96 6.50 23.07
C VAL B 230 9.15 5.82 22.44
N ASN B 231 8.90 5.00 21.41
CA ASN B 231 10.01 4.36 20.75
C ASN B 231 10.79 5.42 19.99
N TYR B 232 10.23 6.59 19.80
CA TYR B 232 10.92 7.67 19.10
C TYR B 232 11.94 8.30 20.02
N GLU B 233 11.46 8.71 21.19
CA GLU B 233 12.29 9.35 22.23
C GLU B 233 13.39 8.39 22.67
N LYS B 234 13.05 7.12 22.83
CA LYS B 234 14.01 6.13 23.24
C LYS B 234 15.13 5.97 22.24
N LYS B 235 14.80 5.50 21.04
CA LYS B 235 15.81 5.27 20.02
C LYS B 235 16.61 6.53 19.65
N MET B 236 15.94 7.66 19.53
CA MET B 236 16.67 8.88 19.22
C MET B 236 17.66 9.23 20.31
N TYR B 237 17.23 9.26 21.58
CA TYR B 237 18.11 9.57 22.71
C TYR B 237 19.35 8.64 22.76
N TYR B 238 19.22 7.45 22.19
CA TYR B 238 20.33 6.51 22.13
C TYR B 238 21.29 7.07 21.09
N LEU B 239 20.76 7.25 19.88
CA LEU B 239 21.50 7.78 18.75
C LEU B 239 22.30 9.00 19.20
N ASN B 240 21.66 9.90 19.93
CA ASN B 240 22.31 11.12 20.41
C ASN B 240 23.31 10.96 21.57
N LYS B 241 22.94 10.19 22.60
CA LYS B 241 23.82 10.00 23.76
C LYS B 241 24.95 9.01 23.56
N ILE B 242 24.64 7.86 22.96
CA ILE B 242 25.63 6.83 22.75
C ILE B 242 26.21 6.69 21.34
N VAL B 243 25.40 6.85 20.31
CA VAL B 243 25.86 6.70 18.91
C VAL B 243 26.70 7.85 18.31
N ARG B 244 26.14 9.05 18.28
CA ARG B 244 26.84 10.19 17.69
C ARG B 244 28.00 10.72 18.53
N ASN B 245 28.43 9.95 19.52
CA ASN B 245 29.53 10.38 20.39
C ASN B 245 30.74 9.50 20.20
N LYS B 246 30.62 8.51 19.33
CA LYS B 246 31.71 7.57 19.10
C LYS B 246 32.70 8.06 18.05
N VAL B 247 33.78 7.32 17.88
CA VAL B 247 34.79 7.66 16.90
C VAL B 247 34.97 6.44 16.00
N VAL B 248 34.64 6.61 14.72
CA VAL B 248 34.73 5.53 13.77
C VAL B 248 36.18 5.32 13.42
N VAL B 249 36.84 4.47 14.20
CA VAL B 249 38.24 4.18 14.00
C VAL B 249 38.56 3.61 12.64
N ASN B 250 37.62 2.87 12.06
CA ASN B 250 37.84 2.25 10.75
C ASN B 250 37.36 3.08 9.59
N PHE B 251 37.20 4.37 9.83
CA PHE B 251 36.74 5.30 8.81
C PHE B 251 37.95 6.10 8.38
N ASP B 252 38.49 5.76 7.22
CA ASP B 252 39.66 6.48 6.75
C ASP B 252 39.28 7.84 6.21
N TYR B 253 39.30 8.84 7.08
CA TYR B 253 38.93 10.19 6.67
C TYR B 253 39.50 11.20 7.65
N PRO B 254 39.79 12.41 7.17
CA PRO B 254 40.34 13.43 8.08
C PRO B 254 39.62 13.55 9.44
N ASN B 255 38.29 13.52 9.43
CA ASN B 255 37.53 13.61 10.68
C ASN B 255 36.90 12.25 10.94
N GLN B 256 36.93 11.79 12.18
CA GLN B 256 36.33 10.50 12.51
C GLN B 256 35.11 10.58 13.44
N GLU B 257 34.74 11.78 13.88
CA GLU B 257 33.58 11.91 14.74
C GLU B 257 32.43 11.34 13.92
N TYR B 258 31.57 10.56 14.55
CA TYR B 258 30.43 9.92 13.88
C TYR B 258 29.77 10.77 12.78
N ASP B 259 29.33 11.99 13.08
CA ASP B 259 28.66 12.80 12.06
C ASP B 259 29.46 12.89 10.78
N TYR B 260 30.74 13.22 10.88
CA TYR B 260 31.56 13.30 9.69
C TYR B 260 31.47 11.99 8.92
N PHE B 261 31.35 10.89 9.64
CA PHE B 261 31.24 9.56 9.05
C PHE B 261 29.84 9.39 8.44
N HIS B 262 28.87 10.05 9.06
CA HIS B 262 27.48 10.01 8.63
C HIS B 262 27.29 10.93 7.43
N MET B 263 27.94 12.09 7.45
CA MET B 263 27.87 13.05 6.34
C MET B 263 28.58 12.52 5.12
N TYR B 264 29.55 11.64 5.34
CA TYR B 264 30.30 11.03 4.28
C TYR B 264 29.33 10.22 3.43
N PHE B 265 28.64 9.28 4.08
CA PHE B 265 27.69 8.38 3.43
C PHE B 265 26.56 9.05 2.68
N MET B 266 26.32 10.32 2.99
CA MET B 266 25.28 11.07 2.31
C MET B 266 25.81 11.63 1.01
N LEU B 267 26.93 12.33 1.07
CA LEU B 267 27.54 12.93 -0.11
C LEU B 267 28.00 11.91 -1.13
N ARG B 268 28.44 10.75 -0.68
CA ARG B 268 28.90 9.71 -1.60
C ARG B 268 27.81 9.48 -2.62
N THR B 269 26.56 9.73 -2.23
CA THR B 269 25.44 9.52 -3.11
C THR B 269 25.11 10.78 -3.90
N VAL B 270 26.00 11.77 -3.86
CA VAL B 270 25.78 13.01 -4.60
C VAL B 270 26.60 13.00 -5.88
N TYR B 271 26.04 13.54 -6.95
CA TYR B 271 26.73 13.60 -8.24
C TYR B 271 27.53 14.86 -8.48
N CYS B 272 28.71 14.70 -9.06
CA CYS B 272 29.55 15.82 -9.41
C CYS B 272 30.15 15.50 -10.78
N ASN B 273 30.03 16.43 -11.73
CA ASN B 273 30.56 16.22 -13.09
C ASN B 273 32.07 16.20 -13.11
N LYS B 274 32.68 16.81 -12.09
CA LYS B 274 34.12 16.84 -11.99
C LYS B 274 34.56 15.37 -11.80
N THR B 275 35.86 15.10 -11.89
CA THR B 275 36.32 13.72 -11.72
C THR B 275 37.24 13.67 -10.55
N PHE B 276 37.24 12.52 -9.86
CA PHE B 276 38.07 12.34 -8.69
C PHE B 276 38.64 10.92 -8.71
N PRO B 277 39.84 10.73 -8.14
CA PRO B 277 40.48 9.42 -8.09
C PRO B 277 39.66 8.34 -7.35
N THR B 278 39.15 8.70 -6.18
CA THR B 278 38.35 7.77 -5.40
C THR B 278 37.13 8.54 -4.95
N THR B 279 36.30 7.93 -4.12
CA THR B 279 35.12 8.61 -3.61
C THR B 279 35.62 9.53 -2.50
N LYS B 280 36.47 8.98 -1.63
CA LYS B 280 37.03 9.77 -0.54
C LYS B 280 37.48 11.09 -1.14
N ALA B 281 37.96 11.02 -2.38
CA ALA B 281 38.45 12.20 -3.07
C ALA B 281 37.31 13.20 -3.33
N LYS B 282 36.13 12.69 -3.68
CA LYS B 282 34.97 13.54 -3.96
C LYS B 282 34.30 14.02 -2.68
N VAL B 283 33.95 13.10 -1.80
CA VAL B 283 33.33 13.49 -0.56
C VAL B 283 34.14 14.63 0.02
N LEU B 284 35.43 14.38 0.23
CA LEU B 284 36.34 15.37 0.80
C LEU B 284 36.30 16.67 0.02
N PHE B 285 36.05 16.58 -1.28
CA PHE B 285 35.96 17.75 -2.12
C PHE B 285 34.68 18.47 -1.75
N LEU B 286 33.56 17.77 -1.94
CA LEU B 286 32.26 18.32 -1.62
C LEU B 286 32.37 18.98 -0.25
N GLN B 287 32.47 18.19 0.81
CA GLN B 287 32.59 18.76 2.15
C GLN B 287 33.36 20.07 2.11
N GLN B 288 34.58 19.98 1.63
CA GLN B 288 35.48 21.11 1.51
C GLN B 288 34.79 22.32 0.87
N SER B 289 33.86 22.05 -0.06
CA SER B 289 33.10 23.13 -0.74
C SER B 289 31.96 23.67 0.11
N ILE B 290 31.13 22.75 0.62
CA ILE B 290 30.00 23.07 1.45
C ILE B 290 30.43 23.87 2.66
N PHE B 291 31.39 23.33 3.41
CA PHE B 291 31.90 23.99 4.61
C PHE B 291 32.48 25.36 4.24
N ARG B 292 32.83 25.51 2.96
CA ARG B 292 33.40 26.74 2.44
C ARG B 292 32.27 27.75 2.26
N PHE B 293 31.24 27.36 1.53
CA PHE B 293 30.08 28.21 1.29
C PHE B 293 29.44 28.68 2.59
N LEU B 294 29.28 27.77 3.54
CA LEU B 294 28.68 28.13 4.81
C LEU B 294 29.62 28.95 5.68
N ASN B 295 30.91 28.85 5.38
CA ASN B 295 31.97 29.55 6.09
C ASN B 295 32.40 28.87 7.37
N ILE B 296 32.41 27.56 7.33
CA ILE B 296 32.79 26.74 8.46
C ILE B 296 34.29 26.41 8.28
N PRO B 297 35.14 26.81 9.25
CA PRO B 297 36.58 26.53 9.14
C PRO B 297 36.92 25.07 8.83
N ASN C 12 29.09 50.67 -6.48
CA ASN C 12 29.56 51.90 -7.20
C ASN C 12 29.60 51.69 -8.71
N ILE C 13 30.51 50.81 -9.13
CA ILE C 13 30.67 50.50 -10.54
C ILE C 13 29.42 49.72 -11.02
N THR C 14 28.71 49.09 -10.06
CA THR C 14 27.48 48.36 -10.40
C THR C 14 26.55 49.40 -11.07
N LEU C 15 26.51 50.59 -10.47
CA LEU C 15 25.72 51.72 -10.96
C LEU C 15 25.98 51.90 -12.46
N LYS C 16 27.25 52.09 -12.81
CA LYS C 16 27.64 52.26 -14.21
C LYS C 16 27.43 51.00 -15.01
N ILE C 17 27.93 49.87 -14.50
CA ILE C 17 27.79 48.57 -15.19
C ILE C 17 26.39 48.44 -15.78
N ILE C 18 25.40 48.62 -14.89
CA ILE C 18 23.98 48.52 -15.22
C ILE C 18 23.50 49.60 -16.19
N GLU C 19 24.13 50.77 -16.12
CA GLU C 19 23.79 51.89 -17.01
C GLU C 19 24.46 51.76 -18.39
N THR C 20 25.68 51.25 -18.38
CA THR C 20 26.50 51.01 -19.58
C THR C 20 25.97 49.76 -20.30
N TYR C 21 24.92 49.17 -19.73
CA TYR C 21 24.30 47.96 -20.26
C TYR C 21 22.89 48.25 -20.82
N LEU C 22 22.10 49.01 -20.06
CA LEU C 22 20.73 49.32 -20.46
C LEU C 22 20.62 50.43 -21.50
N GLY C 23 21.76 51.05 -21.84
CA GLY C 23 21.75 52.15 -22.79
C GLY C 23 20.96 53.32 -22.22
N ARG C 24 20.74 53.30 -20.91
CA ARG C 24 19.98 54.34 -20.20
C ARG C 24 20.47 54.39 -18.75
N VAL C 25 19.80 55.18 -17.94
CA VAL C 25 20.14 55.26 -16.51
C VAL C 25 19.31 54.23 -15.78
N PRO C 26 19.96 53.40 -14.95
CA PRO C 26 19.32 52.34 -14.15
C PRO C 26 18.30 52.91 -13.13
N SER C 27 17.05 52.46 -13.18
CA SER C 27 16.06 52.95 -12.22
C SER C 27 16.31 52.30 -10.85
N VAL C 28 15.84 52.94 -9.79
CA VAL C 28 16.05 52.37 -8.45
C VAL C 28 15.51 50.93 -8.41
N ASN C 29 14.39 50.71 -9.11
CA ASN C 29 13.75 49.38 -9.20
C ASN C 29 14.75 48.40 -9.86
N GLU C 30 15.31 48.82 -10.99
CA GLU C 30 16.26 48.02 -11.73
C GLU C 30 17.59 47.82 -11.01
N TYR C 31 18.12 48.89 -10.43
CA TYR C 31 19.40 48.78 -9.76
C TYR C 31 19.33 47.72 -8.67
N HIS C 32 18.14 47.52 -8.11
CA HIS C 32 18.00 46.52 -7.07
C HIS C 32 18.13 45.11 -7.63
N MET C 33 17.25 44.76 -8.56
CA MET C 33 17.21 43.43 -9.19
C MET C 33 18.51 43.03 -9.86
N LEU C 34 18.84 43.76 -10.94
CA LEU C 34 20.04 43.55 -11.75
C LEU C 34 21.32 43.56 -10.95
N LYS C 35 21.37 44.38 -9.91
CA LYS C 35 22.52 44.52 -9.01
C LYS C 35 23.38 43.26 -8.84
N SER C 36 22.72 42.11 -8.67
CA SER C 36 23.38 40.82 -8.49
C SER C 36 24.07 40.27 -9.75
N GLN C 37 23.78 40.88 -10.90
CA GLN C 37 24.36 40.49 -12.20
C GLN C 37 25.34 41.57 -12.68
N ALA C 38 25.83 42.35 -11.71
CA ALA C 38 26.77 43.43 -11.99
C ALA C 38 28.03 42.83 -12.60
N ARG C 39 28.29 41.58 -12.25
CA ARG C 39 29.48 40.93 -12.75
C ARG C 39 29.28 40.31 -14.13
N ASN C 40 28.08 39.77 -14.34
CA ASN C 40 27.78 39.13 -15.60
C ASN C 40 27.47 40.13 -16.68
N ILE C 41 26.85 41.23 -16.28
CA ILE C 41 26.54 42.30 -17.22
C ILE C 41 27.86 42.99 -17.61
N GLN C 42 28.74 43.18 -16.63
CA GLN C 42 30.02 43.79 -16.92
C GLN C 42 30.79 42.86 -17.87
N LYS C 43 30.99 41.62 -17.44
CA LYS C 43 31.74 40.66 -18.25
C LYS C 43 31.20 40.58 -19.67
N ILE C 44 29.97 41.05 -19.86
CA ILE C 44 29.34 41.06 -21.19
C ILE C 44 29.72 42.35 -21.92
N THR C 45 29.57 43.48 -21.23
CA THR C 45 29.91 44.79 -21.81
C THR C 45 31.38 44.69 -22.23
N VAL C 46 32.26 44.45 -21.24
CA VAL C 46 33.71 44.33 -21.44
C VAL C 46 34.08 43.26 -22.49
N PHE C 47 33.07 42.54 -22.98
CA PHE C 47 33.26 41.49 -23.96
C PHE C 47 33.28 42.12 -25.36
N ASN C 48 34.36 41.90 -26.11
CA ASN C 48 34.45 42.46 -27.45
C ASN C 48 33.32 41.92 -28.35
N LYS C 49 32.28 42.73 -28.50
CA LYS C 49 31.14 42.35 -29.33
C LYS C 49 31.41 42.50 -30.81
N ASP C 50 32.68 42.36 -31.21
CA ASP C 50 33.03 42.50 -32.61
C ASP C 50 33.71 41.25 -33.15
N ILE C 51 34.78 40.83 -32.48
CA ILE C 51 35.50 39.63 -32.89
C ILE C 51 34.41 38.57 -32.92
N PHE C 52 33.36 38.82 -32.15
CA PHE C 52 32.26 37.88 -32.16
C PHE C 52 31.64 37.88 -33.57
N VAL C 53 31.37 39.07 -34.10
CA VAL C 53 30.81 39.19 -35.45
C VAL C 53 31.78 38.52 -36.43
N SER C 54 33.08 38.55 -36.08
CA SER C 54 34.15 37.93 -36.88
C SER C 54 34.03 36.40 -36.89
N LEU C 55 33.52 35.81 -35.80
CA LEU C 55 33.39 34.35 -35.70
C LEU C 55 32.10 33.77 -36.32
N VAL C 56 30.97 34.47 -36.19
CA VAL C 56 29.71 33.99 -36.77
C VAL C 56 29.87 34.00 -38.30
N LYS C 57 30.69 34.93 -38.78
CA LYS C 57 30.94 35.06 -40.22
C LYS C 57 31.91 33.96 -40.63
N LYS C 58 32.95 33.79 -39.81
CA LYS C 58 33.97 32.77 -40.04
C LYS C 58 33.35 31.43 -39.69
N ASN C 59 32.11 31.25 -40.14
CA ASN C 59 31.33 30.04 -39.91
C ASN C 59 30.32 29.96 -41.06
N LYS C 60 29.65 31.08 -41.32
CA LYS C 60 28.66 31.19 -42.39
C LYS C 60 29.32 30.71 -43.67
N LYS C 61 30.60 31.06 -43.85
CA LYS C 61 31.36 30.66 -45.02
C LYS C 61 32.04 29.28 -44.89
N ARG C 62 31.92 28.63 -43.71
CA ARG C 62 32.53 27.31 -43.47
C ARG C 62 31.54 26.15 -43.34
N PHE C 63 30.30 26.47 -42.94
CA PHE C 63 29.24 25.47 -42.78
C PHE C 63 27.90 26.02 -43.30
N PHE C 64 27.90 27.31 -43.67
CA PHE C 64 26.68 27.97 -44.14
C PHE C 64 26.84 28.77 -45.43
N SER C 65 27.58 28.23 -46.39
CA SER C 65 27.79 28.93 -47.67
C SER C 65 26.49 29.34 -48.33
N ASP C 66 25.64 28.35 -48.61
CA ASP C 66 24.34 28.57 -49.25
C ASP C 66 23.37 29.41 -48.43
N VAL C 67 23.82 30.57 -47.93
CA VAL C 67 22.97 31.46 -47.12
C VAL C 67 22.66 32.84 -47.72
N ASN C 68 21.42 33.00 -48.18
CA ASN C 68 20.94 34.24 -48.80
C ASN C 68 20.85 35.48 -47.87
N THR C 69 21.99 35.93 -47.34
CA THR C 69 22.03 37.12 -46.47
C THR C 69 23.41 37.80 -46.50
N SER C 70 23.39 39.13 -46.55
CA SER C 70 24.64 39.93 -46.58
C SER C 70 25.39 39.76 -45.26
N ALA C 71 26.70 39.98 -45.29
CA ALA C 71 27.54 39.87 -44.09
C ALA C 71 27.23 41.05 -43.14
N SER C 72 26.21 41.84 -43.49
CA SER C 72 25.80 42.98 -42.68
C SER C 72 24.62 42.55 -41.79
N GLU C 73 23.93 41.49 -42.20
CA GLU C 73 22.82 40.93 -41.42
C GLU C 73 23.46 40.11 -40.28
N ILE C 74 24.38 39.23 -40.69
CA ILE C 74 25.13 38.36 -39.79
C ILE C 74 26.16 39.25 -39.04
N LYS C 75 25.79 40.51 -38.88
CA LYS C 75 26.62 41.50 -38.19
C LYS C 75 25.68 42.43 -37.41
N ASP C 76 24.49 42.69 -37.97
CA ASP C 76 23.51 43.54 -37.30
C ASP C 76 22.78 42.65 -36.29
N ARG C 77 22.10 41.61 -36.80
CA ARG C 77 21.38 40.67 -35.93
C ARG C 77 22.15 40.55 -34.60
N ILE C 78 23.47 40.36 -34.73
CA ILE C 78 24.36 40.24 -33.58
C ILE C 78 24.23 41.51 -32.73
N LEU C 79 25.08 42.51 -32.97
CA LEU C 79 25.04 43.78 -32.24
C LEU C 79 23.62 44.16 -31.74
N SER C 80 22.61 43.89 -32.57
CA SER C 80 21.20 44.19 -32.28
C SER C 80 20.72 43.41 -31.03
N TYR C 81 21.06 42.13 -30.96
CA TYR C 81 20.68 41.35 -29.78
C TYR C 81 21.48 41.93 -28.61
N PHE C 82 22.81 41.89 -28.73
CA PHE C 82 23.73 42.36 -27.69
C PHE C 82 23.45 43.72 -27.03
N SER C 83 22.44 44.45 -27.51
CA SER C 83 22.08 45.73 -26.88
C SER C 83 20.59 45.98 -26.79
N LYS C 84 19.78 44.93 -26.83
CA LYS C 84 18.34 45.09 -26.71
C LYS C 84 17.91 45.34 -25.27
N GLN C 85 18.87 45.69 -24.40
CA GLN C 85 18.55 46.01 -23.01
C GLN C 85 18.06 47.46 -23.05
N THR C 86 18.49 48.18 -24.08
CA THR C 86 18.13 49.57 -24.28
C THR C 86 16.65 49.61 -24.65
N GLN C 87 16.27 48.82 -25.66
CA GLN C 87 14.86 48.79 -26.07
C GLN C 87 13.99 48.14 -24.98
N THR C 88 14.49 47.05 -24.38
CA THR C 88 13.76 46.33 -23.33
C THR C 88 13.90 46.97 -21.96
N TYR C 89 12.77 47.35 -21.38
CA TYR C 89 12.76 47.98 -20.06
C TYR C 89 12.13 47.07 -19.03
N ASN C 90 11.54 45.97 -19.50
CA ASN C 90 10.90 44.98 -18.62
C ASN C 90 11.97 44.27 -17.78
N ILE C 91 11.79 44.25 -16.46
CA ILE C 91 12.75 43.62 -15.57
C ILE C 91 12.92 42.11 -15.82
N GLY C 92 11.81 41.44 -16.15
CA GLY C 92 11.86 40.02 -16.43
C GLY C 92 12.58 39.62 -17.73
N LYS C 93 12.28 40.33 -18.81
CA LYS C 93 12.89 40.05 -20.11
C LYS C 93 14.38 40.38 -20.08
N LEU C 94 14.77 41.29 -19.20
CA LEU C 94 16.18 41.62 -19.05
C LEU C 94 16.86 40.34 -18.57
N PHE C 95 16.52 39.89 -17.34
CA PHE C 95 17.08 38.66 -16.74
C PHE C 95 17.20 37.53 -17.77
N THR C 96 16.23 37.46 -18.69
CA THR C 96 16.19 36.46 -19.74
C THR C 96 17.14 36.76 -20.90
N ILE C 97 17.45 38.03 -21.11
CA ILE C 97 18.37 38.43 -22.17
C ILE C 97 19.79 38.49 -21.62
N ILE C 98 19.89 38.61 -20.29
CA ILE C 98 21.18 38.67 -19.59
C ILE C 98 21.78 37.28 -19.44
N GLU C 99 20.92 36.26 -19.26
CA GLU C 99 21.41 34.89 -19.08
C GLU C 99 21.70 34.24 -20.43
N LEU C 100 21.08 34.76 -21.47
CA LEU C 100 21.34 34.21 -22.79
C LEU C 100 22.57 34.89 -23.42
N GLN C 101 22.77 36.18 -23.19
CA GLN C 101 23.93 36.85 -23.74
C GLN C 101 25.15 36.22 -23.12
N SER C 102 25.06 35.92 -21.84
CA SER C 102 26.18 35.32 -21.12
C SER C 102 26.62 33.96 -21.66
N VAL C 103 25.69 33.20 -22.24
CA VAL C 103 26.02 31.90 -22.80
C VAL C 103 27.01 32.09 -23.97
N LEU C 104 26.96 33.24 -24.62
CA LEU C 104 27.87 33.50 -25.73
C LEU C 104 29.25 33.92 -25.18
N VAL C 105 29.24 34.94 -24.34
CA VAL C 105 30.45 35.51 -23.73
C VAL C 105 31.38 34.50 -23.03
N THR C 106 30.88 33.31 -22.72
CA THR C 106 31.72 32.35 -22.00
C THR C 106 31.87 30.98 -22.62
N THR C 107 30.97 30.60 -23.53
CA THR C 107 31.09 29.26 -24.14
C THR C 107 31.27 29.16 -25.66
N TYR C 108 30.68 30.09 -26.42
CA TYR C 108 30.82 30.03 -27.89
C TYR C 108 32.21 29.58 -28.35
N THR C 109 33.26 30.18 -27.78
CA THR C 109 34.63 29.80 -28.14
C THR C 109 34.83 28.28 -27.98
N ASP C 110 34.75 27.80 -26.76
CA ASP C 110 34.97 26.39 -26.45
C ASP C 110 33.92 25.49 -27.04
N ILE C 111 32.78 26.05 -27.43
CA ILE C 111 31.69 25.25 -27.99
C ILE C 111 31.70 25.25 -29.53
N LEU C 112 31.26 26.34 -30.16
CA LEU C 112 31.22 26.44 -31.62
C LEU C 112 32.44 27.17 -32.24
N GLY C 113 33.16 27.94 -31.41
CA GLY C 113 34.33 28.64 -31.91
C GLY C 113 35.33 27.65 -32.47
N VAL C 114 35.77 26.72 -31.61
CA VAL C 114 36.74 25.69 -31.99
C VAL C 114 36.46 25.16 -33.42
N LEU C 115 35.19 25.16 -33.82
CA LEU C 115 34.76 24.67 -35.13
C LEU C 115 35.48 25.23 -36.38
N THR C 116 36.42 26.12 -36.15
CA THR C 116 37.22 26.72 -37.21
C THR C 116 38.64 26.89 -36.65
N ILE C 117 39.38 25.77 -36.66
CA ILE C 117 40.76 25.68 -36.18
C ILE C 117 41.39 24.38 -36.68
N ASN C 130 29.96 -5.53 -46.35
CA ASN C 130 30.08 -6.28 -45.08
C ASN C 130 28.73 -6.78 -44.57
N VAL C 131 27.85 -5.82 -44.27
CA VAL C 131 26.50 -6.08 -43.73
C VAL C 131 25.60 -6.89 -44.70
N THR C 132 25.82 -6.71 -46.01
CA THR C 132 25.08 -7.40 -47.07
C THR C 132 24.98 -8.94 -46.80
N SER C 133 26.09 -9.51 -46.30
CA SER C 133 26.17 -10.93 -45.97
C SER C 133 25.31 -11.26 -44.71
N MET C 134 24.64 -10.25 -44.16
CA MET C 134 23.79 -10.47 -43.01
C MET C 134 22.36 -10.00 -43.27
N GLU C 135 22.13 -9.44 -44.46
CA GLU C 135 20.80 -8.96 -44.86
C GLU C 135 19.76 -10.07 -44.71
N GLU C 136 20.13 -11.27 -45.13
CA GLU C 136 19.24 -12.42 -45.03
C GLU C 136 18.99 -12.66 -43.53
N LEU C 137 19.94 -12.23 -42.70
CA LEU C 137 19.82 -12.42 -41.25
C LEU C 137 18.87 -11.40 -40.58
N ALA C 138 19.02 -10.12 -40.93
CA ALA C 138 18.15 -9.09 -40.37
C ALA C 138 16.77 -9.32 -40.99
N ARG C 139 16.79 -9.85 -42.23
CA ARG C 139 15.59 -10.18 -43.01
C ARG C 139 14.82 -11.28 -42.24
N ASP C 140 15.57 -12.32 -41.88
CA ASP C 140 15.09 -13.48 -41.14
C ASP C 140 14.36 -13.02 -39.87
N MET C 141 15.12 -12.31 -39.02
CA MET C 141 14.64 -11.81 -37.72
C MET C 141 13.50 -10.77 -37.72
N LEU C 142 13.67 -9.67 -38.44
CA LEU C 142 12.64 -8.62 -38.49
C LEU C 142 11.24 -9.23 -38.70
N ASN C 143 11.18 -10.15 -39.68
CA ASN C 143 9.93 -10.83 -40.02
C ASN C 143 9.53 -11.80 -38.92
N SER C 144 10.50 -12.27 -38.14
CA SER C 144 10.19 -13.18 -37.04
C SER C 144 9.24 -12.42 -36.09
N MET C 145 9.47 -11.12 -35.97
CA MET C 145 8.68 -10.25 -35.10
C MET C 145 7.53 -9.54 -35.80
N ASN C 146 7.61 -9.44 -37.13
CA ASN C 146 6.56 -8.76 -37.91
C ASN C 146 5.13 -9.24 -37.57
N VAL C 147 4.49 -8.60 -36.58
CA VAL C 147 3.14 -9.00 -36.17
C VAL C 147 2.25 -7.84 -35.72
N ALA C 148 2.75 -6.60 -35.83
CA ALA C 148 1.95 -5.43 -35.41
C ALA C 148 0.71 -5.13 -36.29
N VAL C 149 -0.22 -4.35 -35.72
CA VAL C 149 -1.50 -3.93 -36.36
C VAL C 149 -2.40 -5.12 -36.63
N VAL C 161 11.89 18.96 -39.86
CA VAL C 161 12.50 18.52 -41.11
C VAL C 161 12.72 19.70 -42.10
N SER C 162 13.36 20.77 -41.62
CA SER C 162 13.63 21.99 -42.42
C SER C 162 14.78 21.87 -43.42
N SER C 163 15.09 22.97 -44.11
CA SER C 163 16.18 23.03 -45.09
C SER C 163 17.53 22.94 -44.36
N LEU C 164 17.59 23.63 -43.22
CA LEU C 164 18.77 23.65 -42.36
C LEU C 164 19.07 22.26 -41.82
N VAL C 165 18.03 21.43 -41.70
CA VAL C 165 18.16 20.06 -41.21
C VAL C 165 19.41 19.43 -41.81
N LYS C 166 19.55 19.60 -43.13
CA LYS C 166 20.69 19.06 -43.87
C LYS C 166 21.88 20.04 -43.78
N ASN C 167 21.61 21.33 -43.95
CA ASN C 167 22.62 22.37 -43.87
C ASN C 167 23.36 22.33 -42.51
N VAL C 168 22.77 21.62 -41.55
CA VAL C 168 23.33 21.52 -40.20
C VAL C 168 24.17 20.26 -39.93
N ASN C 169 23.63 19.08 -40.26
CA ASN C 169 24.35 17.82 -40.06
C ASN C 169 25.84 17.99 -40.36
N LYS C 170 26.15 18.86 -41.32
CA LYS C 170 27.52 19.14 -41.73
C LYS C 170 28.29 19.84 -40.60
N LEU C 171 27.61 20.77 -39.95
CA LEU C 171 28.16 21.51 -38.85
C LEU C 171 28.56 20.58 -37.69
N MET C 172 27.67 19.61 -37.40
CA MET C 172 27.82 18.62 -36.32
C MET C 172 28.90 17.54 -36.48
N GLU C 173 29.19 17.17 -37.73
CA GLU C 173 30.20 16.16 -38.03
C GLU C 173 31.50 16.64 -37.42
N GLU C 174 31.72 17.95 -37.51
CA GLU C 174 32.91 18.59 -36.95
C GLU C 174 32.88 18.52 -35.40
N TYR C 175 31.73 18.87 -34.82
CA TYR C 175 31.54 18.86 -33.37
C TYR C 175 32.01 17.51 -32.81
N LEU C 176 31.54 16.42 -33.40
CA LEU C 176 31.95 15.10 -32.94
C LEU C 176 33.49 14.95 -32.81
N ARG C 177 34.24 15.54 -33.75
CA ARG C 177 35.71 15.50 -33.70
C ARG C 177 36.26 16.44 -32.64
N ARG C 178 36.02 17.73 -32.84
CA ARG C 178 36.48 18.78 -31.93
C ARG C 178 36.12 18.60 -30.45
N HIS C 179 35.11 17.78 -30.17
CA HIS C 179 34.67 17.51 -28.80
C HIS C 179 34.43 16.01 -28.60
N ASN C 180 35.51 15.28 -28.32
CA ASN C 180 35.42 13.84 -28.12
C ASN C 180 34.71 13.43 -26.84
N LYS C 181 35.03 14.11 -25.75
CA LYS C 181 34.47 13.79 -24.44
C LYS C 181 33.29 14.65 -23.95
N SER C 182 32.76 15.49 -24.84
CA SER C 182 31.61 16.35 -24.52
C SER C 182 30.58 16.18 -25.63
N CYS C 183 30.59 15.00 -26.23
CA CYS C 183 29.68 14.64 -27.31
C CYS C 183 29.94 13.22 -27.84
N ILE C 184 28.95 12.35 -27.69
CA ILE C 184 29.01 10.96 -28.15
C ILE C 184 27.83 10.82 -29.11
N CYS C 185 28.02 10.03 -30.17
CA CYS C 185 27.00 9.85 -31.20
C CYS C 185 26.33 8.46 -31.27
N TYR C 186 25.18 8.39 -31.94
CA TYR C 186 24.44 7.15 -32.12
C TYR C 186 23.27 7.43 -33.08
N GLY C 187 22.40 6.44 -33.25
CA GLY C 187 21.25 6.61 -34.14
C GLY C 187 21.48 5.93 -35.47
N SER C 188 21.16 6.63 -36.56
CA SER C 188 21.37 6.06 -37.88
C SER C 188 22.80 6.36 -38.29
N TYR C 189 23.14 7.64 -38.20
CA TYR C 189 24.45 8.17 -38.55
C TYR C 189 25.63 7.42 -37.94
N SER C 190 25.41 6.78 -36.79
CA SER C 190 26.49 6.05 -36.13
C SER C 190 26.89 4.85 -36.99
N LEU C 191 25.89 4.05 -37.38
CA LEU C 191 26.10 2.88 -38.22
C LEU C 191 26.70 3.32 -39.59
N TYR C 192 26.46 4.58 -39.97
CA TYR C 192 26.99 5.12 -41.22
C TYR C 192 28.53 5.16 -41.19
N LEU C 193 29.09 5.41 -40.01
CA LEU C 193 30.53 5.46 -39.87
C LEU C 193 31.01 3.99 -39.82
N ILE C 194 30.04 3.07 -39.84
CA ILE C 194 30.29 1.62 -39.82
C ILE C 194 30.07 1.06 -41.24
N ASN C 195 28.85 1.24 -41.75
CA ASN C 195 28.50 0.81 -43.10
C ASN C 195 28.17 2.09 -43.91
N PRO C 196 29.14 2.57 -44.73
CA PRO C 196 28.98 3.78 -45.55
C PRO C 196 27.78 3.76 -46.48
N ASN C 197 26.91 2.77 -46.24
CA ASN C 197 25.68 2.56 -47.00
C ASN C 197 24.45 2.78 -46.08
N ILE C 198 24.69 3.07 -44.80
CA ILE C 198 23.60 3.32 -43.85
C ILE C 198 23.20 4.80 -43.96
N ARG C 199 22.19 5.06 -44.79
CA ARG C 199 21.71 6.42 -45.03
C ARG C 199 21.39 7.20 -43.74
N TYR C 200 21.90 8.44 -43.64
CA TYR C 200 21.63 9.28 -42.48
C TYR C 200 21.08 10.66 -42.91
N GLY C 201 20.08 11.13 -42.16
CA GLY C 201 19.47 12.40 -42.44
C GLY C 201 19.18 13.07 -41.12
N ASP C 202 20.08 12.84 -40.16
CA ASP C 202 19.96 13.39 -38.81
C ASP C 202 21.08 12.84 -37.95
N ILE C 203 21.56 13.64 -37.01
CA ILE C 203 22.61 13.17 -36.12
C ILE C 203 22.13 13.23 -34.68
N ASP C 204 21.94 12.04 -34.09
CA ASP C 204 21.51 11.94 -32.70
C ASP C 204 22.77 11.86 -31.84
N ILE C 205 22.80 12.64 -30.77
CA ILE C 205 23.98 12.68 -29.89
C ILE C 205 23.67 12.81 -28.38
N LEU C 206 24.70 12.55 -27.56
CA LEU C 206 24.62 12.66 -26.11
C LEU C 206 25.71 13.69 -25.77
N GLN C 207 25.44 14.61 -24.84
CA GLN C 207 26.41 15.62 -24.46
C GLN C 207 26.31 15.98 -22.98
N THR C 208 27.45 16.16 -22.32
CA THR C 208 27.45 16.51 -20.90
C THR C 208 27.30 18.02 -20.75
N ASN C 209 26.59 18.64 -21.67
CA ASN C 209 26.46 20.09 -21.63
C ASN C 209 25.48 20.59 -22.67
N SER C 210 24.71 19.67 -23.23
CA SER C 210 23.75 20.01 -24.26
C SER C 210 22.82 21.20 -24.01
N ARG C 211 22.90 21.89 -22.88
CA ARG C 211 22.03 23.06 -22.70
C ARG C 211 22.85 24.26 -23.17
N THR C 212 24.15 24.22 -22.86
CA THR C 212 25.06 25.27 -23.30
C THR C 212 25.17 25.03 -24.80
N PHE C 213 25.32 23.77 -25.18
CA PHE C 213 25.41 23.42 -26.60
C PHE C 213 24.24 23.97 -27.41
N LEU C 214 23.07 23.40 -27.22
CA LEU C 214 21.89 23.82 -27.97
C LEU C 214 21.66 25.35 -28.08
N ILE C 215 21.94 26.09 -27.00
CA ILE C 215 21.78 27.55 -27.05
C ILE C 215 22.68 28.14 -28.14
N ASP C 216 24.00 28.03 -27.97
CA ASP C 216 24.93 28.57 -28.96
C ASP C 216 24.52 28.24 -30.42
N LEU C 217 24.12 27.00 -30.70
CA LEU C 217 23.72 26.66 -32.06
C LEU C 217 22.43 27.35 -32.50
N ALA C 218 21.55 27.67 -31.56
CA ALA C 218 20.29 28.36 -31.90
C ALA C 218 20.62 29.82 -32.14
N PHE C 219 21.72 30.29 -31.53
CA PHE C 219 22.14 31.67 -31.71
C PHE C 219 22.84 31.73 -33.06
N LEU C 220 23.37 30.59 -33.47
CA LEU C 220 24.06 30.48 -34.75
C LEU C 220 23.02 30.47 -35.88
N ILE C 221 22.10 29.51 -35.83
CA ILE C 221 21.06 29.41 -36.83
C ILE C 221 20.31 30.74 -36.95
N LYS C 222 20.46 31.60 -35.94
CA LYS C 222 19.78 32.91 -35.98
C LYS C 222 20.62 33.95 -36.76
N PHE C 223 21.66 34.49 -36.12
CA PHE C 223 22.54 35.50 -36.74
C PHE C 223 22.78 35.24 -38.24
N ILE C 224 23.05 33.98 -38.58
CA ILE C 224 23.30 33.59 -39.97
C ILE C 224 22.02 33.58 -40.80
N THR C 225 21.09 32.66 -40.50
CA THR C 225 19.83 32.59 -41.26
C THR C 225 18.92 33.79 -41.05
N GLY C 226 18.58 34.01 -39.79
CA GLY C 226 17.68 35.08 -39.45
C GLY C 226 16.40 34.35 -39.05
N ASN C 227 16.55 33.04 -38.87
CA ASN C 227 15.44 32.19 -38.46
C ASN C 227 15.28 32.24 -36.92
N ASN C 228 14.02 32.37 -36.45
CA ASN C 228 13.74 32.41 -35.01
C ASN C 228 13.41 31.00 -34.50
N ILE C 229 14.47 30.24 -34.18
CA ILE C 229 14.34 28.87 -33.70
C ILE C 229 13.79 28.81 -32.28
N ILE C 230 13.18 27.68 -31.96
CA ILE C 230 12.60 27.54 -30.66
C ILE C 230 13.18 26.32 -29.99
N LEU C 231 13.75 26.53 -28.81
CA LEU C 231 14.36 25.45 -28.04
C LEU C 231 13.30 24.89 -27.10
N SER C 232 12.81 23.70 -27.41
CA SER C 232 11.77 23.09 -26.58
C SER C 232 12.29 21.85 -25.83
N LYS C 233 11.75 21.61 -24.63
CA LYS C 233 12.15 20.48 -23.79
C LYS C 233 10.96 19.54 -23.51
N ILE C 234 11.06 18.31 -23.99
CA ILE C 234 10.00 17.32 -23.82
C ILE C 234 10.03 16.64 -22.46
N PRO C 235 8.96 16.80 -21.67
CA PRO C 235 8.78 16.24 -20.33
C PRO C 235 8.91 14.73 -20.19
N TYR C 236 8.16 13.98 -21.00
CA TYR C 236 8.22 12.53 -20.87
C TYR C 236 9.53 11.91 -21.38
N LEU C 237 10.56 12.74 -21.51
CA LEU C 237 11.90 12.29 -21.95
C LEU C 237 12.96 12.77 -20.96
N ARG C 238 13.70 11.82 -20.39
CA ARG C 238 14.73 12.11 -19.40
C ARG C 238 15.87 12.99 -19.93
N ASN C 239 15.92 14.25 -19.49
CA ASN C 239 16.98 15.21 -19.89
C ASN C 239 17.00 15.43 -21.39
N TYR C 240 15.95 16.03 -21.92
CA TYR C 240 15.84 16.23 -23.35
C TYR C 240 15.39 17.64 -23.78
N MET C 241 16.16 18.21 -24.73
CA MET C 241 15.94 19.54 -25.33
C MET C 241 16.20 19.47 -26.85
N VAL C 242 15.32 20.06 -27.63
CA VAL C 242 15.49 20.07 -29.08
C VAL C 242 15.15 21.46 -29.63
N ILE C 243 15.84 21.87 -30.69
CA ILE C 243 15.54 23.17 -31.29
C ILE C 243 14.73 22.91 -32.54
N LYS C 244 13.85 23.84 -32.87
CA LYS C 244 13.02 23.75 -34.07
C LYS C 244 12.95 25.11 -34.78
N ASP C 245 12.41 25.14 -36.00
CA ASP C 245 12.32 26.39 -36.75
C ASP C 245 10.96 27.09 -36.59
N GLU C 246 10.87 28.30 -37.13
CA GLU C 246 9.66 29.10 -37.05
C GLU C 246 8.39 28.29 -37.36
N ASN C 247 8.48 27.41 -38.37
CA ASN C 247 7.34 26.58 -38.80
C ASN C 247 7.19 25.28 -38.02
N ASP C 248 7.75 25.21 -36.81
CA ASP C 248 7.67 24.01 -35.98
C ASP C 248 8.39 22.77 -36.56
N ASN C 249 9.44 22.96 -37.36
CA ASN C 249 10.17 21.81 -37.92
C ASN C 249 11.48 21.48 -37.17
N HIS C 250 11.62 20.19 -36.83
CA HIS C 250 12.78 19.68 -36.11
C HIS C 250 14.10 19.94 -36.84
N ILE C 251 15.02 20.65 -36.19
CA ILE C 251 16.33 20.91 -36.78
C ILE C 251 17.27 19.87 -36.19
N ILE C 252 17.55 20.01 -34.90
CA ILE C 252 18.41 19.07 -34.18
C ILE C 252 18.02 18.94 -32.70
N ASP C 253 18.14 17.73 -32.15
CA ASP C 253 17.84 17.48 -30.74
C ASP C 253 19.11 17.06 -30.01
N SER C 254 18.95 16.68 -28.75
CA SER C 254 20.05 16.22 -27.89
C SER C 254 19.57 15.65 -26.55
N PHE C 255 20.30 14.66 -26.04
CA PHE C 255 20.05 14.02 -24.73
C PHE C 255 21.22 14.40 -23.80
N ASN C 256 20.97 14.64 -22.52
CA ASN C 256 22.05 15.02 -21.61
C ASN C 256 22.39 13.90 -20.61
N ILE C 257 23.67 13.82 -20.25
CA ILE C 257 24.14 12.82 -19.31
C ILE C 257 25.22 13.36 -18.40
N ARG C 258 25.21 12.86 -17.16
CA ARG C 258 26.20 13.28 -16.18
C ARG C 258 27.55 12.89 -16.75
N GLN C 259 28.62 13.48 -16.22
CA GLN C 259 29.95 13.14 -16.68
C GLN C 259 30.08 11.69 -16.28
N ASP C 260 29.63 11.39 -15.07
CA ASP C 260 29.60 10.04 -14.50
C ASP C 260 29.25 9.08 -15.63
N THR C 261 27.98 9.15 -16.02
CA THR C 261 27.42 8.32 -17.10
C THR C 261 28.26 8.37 -18.38
N MET C 262 28.69 9.56 -18.78
CA MET C 262 29.47 9.71 -20.01
C MET C 262 30.64 8.73 -20.09
N ASN C 263 31.04 8.19 -18.94
CA ASN C 263 32.14 7.23 -18.90
C ASN C 263 31.64 5.80 -19.08
N VAL C 264 30.85 5.32 -18.14
CA VAL C 264 30.37 3.95 -18.26
C VAL C 264 29.70 3.63 -19.60
N VAL C 265 29.39 4.66 -20.40
CA VAL C 265 28.75 4.42 -21.69
C VAL C 265 29.78 3.83 -22.64
N PRO C 266 29.60 2.54 -23.01
CA PRO C 266 30.53 1.87 -23.92
C PRO C 266 30.65 2.68 -25.20
N LYS C 267 31.87 3.08 -25.52
CA LYS C 267 32.11 3.86 -26.73
C LYS C 267 33.07 3.16 -27.69
N ILE C 268 33.02 3.59 -28.95
CA ILE C 268 33.85 3.08 -30.03
C ILE C 268 34.40 4.29 -30.77
N PHE C 269 35.70 4.27 -31.04
CA PHE C 269 36.30 5.39 -31.73
C PHE C 269 36.35 5.12 -33.24
N ILE C 270 35.93 6.10 -34.05
CA ILE C 270 35.99 5.96 -35.50
C ILE C 270 36.70 7.13 -36.15
N ASP C 271 35.98 7.85 -37.02
CA ASP C 271 36.56 8.98 -37.71
C ASP C 271 36.83 10.11 -36.72
N ASN C 272 37.69 9.83 -35.74
CA ASN C 272 38.04 10.80 -34.70
C ASN C 272 36.85 11.17 -33.80
N ILE C 273 35.74 10.44 -33.97
CA ILE C 273 34.52 10.67 -33.18
C ILE C 273 34.06 9.37 -32.47
N TYR C 274 33.64 9.49 -31.21
CA TYR C 274 33.19 8.30 -30.49
C TYR C 274 31.73 7.99 -30.78
N ILE C 275 31.45 6.74 -31.12
CA ILE C 275 30.09 6.34 -31.39
C ILE C 275 29.68 5.30 -30.37
N VAL C 276 28.44 5.40 -29.93
CA VAL C 276 27.92 4.46 -28.96
C VAL C 276 28.10 3.05 -29.52
N ASP C 277 29.17 2.38 -29.10
CA ASP C 277 29.47 1.01 -29.51
C ASP C 277 28.24 0.28 -30.12
N PRO C 278 28.33 -0.13 -31.41
CA PRO C 278 27.24 -0.83 -32.11
C PRO C 278 26.69 -2.08 -31.42
N THR C 279 27.44 -2.66 -30.49
CA THR C 279 26.98 -3.85 -29.77
C THR C 279 25.89 -3.45 -28.80
N PHE C 280 26.17 -2.33 -28.12
CA PHE C 280 25.25 -1.79 -27.14
C PHE C 280 24.03 -1.31 -27.91
N GLN C 281 24.28 -0.51 -28.94
CA GLN C 281 23.20 0.03 -29.76
C GLN C 281 22.23 -1.07 -30.20
N LEU C 282 22.76 -2.21 -30.61
CA LEU C 282 21.96 -3.35 -31.07
C LEU C 282 21.17 -3.99 -29.94
N LEU C 283 21.79 -4.07 -28.77
CA LEU C 283 21.12 -4.67 -27.63
C LEU C 283 19.87 -3.86 -27.32
N ASN C 284 20.04 -2.55 -27.41
CA ASN C 284 18.98 -1.60 -27.12
C ASN C 284 17.88 -1.61 -28.17
N MET C 285 18.08 -2.35 -29.27
CA MET C 285 17.06 -2.39 -30.31
C MET C 285 16.04 -3.51 -30.05
N ILE C 286 16.42 -4.50 -29.25
CA ILE C 286 15.50 -5.59 -28.92
C ILE C 286 14.53 -5.01 -27.90
N LYS C 287 15.09 -4.19 -27.02
CA LYS C 287 14.29 -3.53 -25.99
C LYS C 287 13.41 -2.54 -26.74
N MET C 288 13.72 -2.31 -28.01
CA MET C 288 12.96 -1.37 -28.83
C MET C 288 11.63 -1.96 -29.32
N PHE C 289 11.75 -3.08 -30.04
CA PHE C 289 10.59 -3.76 -30.60
C PHE C 289 9.59 -4.23 -29.54
N SER C 290 9.94 -4.08 -28.27
CA SER C 290 9.03 -4.47 -27.21
C SER C 290 7.95 -3.38 -27.07
N GLN C 291 8.19 -2.22 -27.67
CA GLN C 291 7.23 -1.13 -27.63
C GLN C 291 6.30 -1.26 -28.83
N ILE C 292 5.04 -1.64 -28.58
CA ILE C 292 4.07 -1.84 -29.64
C ILE C 292 4.31 -0.94 -30.86
N ASP C 293 4.50 0.36 -30.63
CA ASP C 293 4.76 1.33 -31.71
C ASP C 293 5.78 0.79 -32.72
N ARG C 294 7.04 0.68 -32.30
CA ARG C 294 8.12 0.19 -33.19
C ARG C 294 7.66 -0.97 -34.04
N LEU C 295 6.86 -1.87 -33.47
CA LEU C 295 6.34 -3.00 -34.22
C LEU C 295 5.49 -2.42 -35.36
N GLU C 296 4.56 -1.52 -35.02
CA GLU C 296 3.68 -0.89 -36.01
C GLU C 296 4.49 -0.09 -37.04
N ASP C 297 5.68 0.35 -36.64
CA ASP C 297 6.59 1.08 -37.51
C ASP C 297 7.16 0.09 -38.53
N LEU C 298 7.63 -1.06 -38.02
CA LEU C 298 8.19 -2.12 -38.87
C LEU C 298 7.05 -2.85 -39.61
N SER C 299 5.80 -2.53 -39.27
CA SER C 299 4.65 -3.13 -39.92
C SER C 299 4.60 -2.63 -41.35
N LYS C 300 4.57 -1.30 -41.46
CA LYS C 300 4.52 -0.60 -42.75
C LYS C 300 5.91 -0.37 -43.37
N ASP C 301 6.80 -1.38 -43.31
CA ASP C 301 8.14 -1.29 -43.88
C ASP C 301 9.08 -2.31 -43.26
N PRO C 302 8.65 -3.58 -43.24
CA PRO C 302 9.45 -4.67 -42.66
C PRO C 302 10.91 -4.66 -43.10
N GLU C 303 11.19 -3.87 -44.14
CA GLU C 303 12.55 -3.78 -44.67
C GLU C 303 13.40 -2.62 -44.12
N LYS C 304 12.73 -1.67 -43.47
CA LYS C 304 13.37 -0.49 -42.88
C LYS C 304 14.58 -0.79 -41.98
N PHE C 305 14.41 -1.75 -41.08
CA PHE C 305 15.49 -2.10 -40.16
C PHE C 305 16.48 -3.12 -40.69
N ASN C 306 16.13 -3.77 -41.80
CA ASN C 306 17.02 -4.76 -42.40
C ASN C 306 18.39 -4.08 -42.53
N ALA C 307 18.37 -2.90 -43.14
CA ALA C 307 19.59 -2.11 -43.35
C ALA C 307 20.37 -1.81 -42.05
N ARG C 308 19.69 -1.19 -41.09
CA ARG C 308 20.33 -0.86 -39.83
C ARG C 308 20.62 -2.12 -38.99
N MET C 309 19.60 -2.97 -38.82
CA MET C 309 19.70 -4.21 -38.02
C MET C 309 20.75 -5.21 -38.49
N ALA C 310 20.90 -5.34 -39.80
CA ALA C 310 21.90 -6.27 -40.34
C ALA C 310 23.27 -5.61 -40.15
N THR C 311 23.37 -4.31 -40.42
CA THR C 311 24.63 -3.58 -40.27
C THR C 311 25.19 -3.84 -38.90
N MET C 312 24.29 -4.24 -37.99
CA MET C 312 24.65 -4.51 -36.60
C MET C 312 24.88 -5.99 -36.24
N LEU C 313 24.04 -6.89 -36.77
CA LEU C 313 24.23 -8.32 -36.50
C LEU C 313 25.56 -8.72 -37.17
N GLU C 314 25.99 -7.87 -38.10
CA GLU C 314 27.23 -8.03 -38.86
C GLU C 314 28.45 -7.52 -38.07
N TYR C 315 28.20 -6.54 -37.21
CA TYR C 315 29.26 -5.96 -36.39
C TYR C 315 29.59 -6.89 -35.22
N VAL C 316 28.56 -7.36 -34.53
CA VAL C 316 28.74 -8.25 -33.39
C VAL C 316 29.33 -9.59 -33.85
N ARG C 317 28.77 -10.16 -34.93
CA ARG C 317 29.25 -11.44 -35.48
C ARG C 317 30.77 -11.41 -35.60
N TYR C 318 31.28 -10.31 -36.16
CA TYR C 318 32.71 -10.16 -36.28
C TYR C 318 33.23 -9.83 -34.89
N THR C 319 33.24 -8.52 -34.62
CA THR C 319 33.69 -7.90 -33.37
C THR C 319 33.84 -8.81 -32.15
N HIS C 320 32.84 -9.64 -31.92
CA HIS C 320 32.90 -10.54 -30.79
C HIS C 320 32.47 -11.92 -31.26
N GLY C 321 33.10 -12.36 -32.36
CA GLY C 321 32.82 -13.67 -32.94
C GLY C 321 31.53 -14.30 -32.43
N ILE C 322 30.40 -13.78 -32.91
CA ILE C 322 29.14 -14.33 -32.46
C ILE C 322 28.69 -15.49 -33.35
N VAL C 323 28.46 -16.64 -32.71
CA VAL C 323 28.00 -17.84 -33.41
C VAL C 323 26.50 -17.67 -33.74
N PHE C 324 26.20 -17.64 -35.03
CA PHE C 324 24.80 -17.47 -35.46
C PHE C 324 24.17 -18.78 -35.97
N ASP C 325 23.41 -19.45 -35.10
CA ASP C 325 22.73 -20.70 -35.48
C ASP C 325 21.39 -20.90 -34.74
N GLY C 326 20.33 -21.11 -35.53
CA GLY C 326 18.98 -21.30 -35.02
C GLY C 326 18.94 -22.04 -33.70
N LYS C 327 19.99 -22.84 -33.49
CA LYS C 327 20.19 -23.66 -32.29
C LYS C 327 20.89 -22.84 -31.18
N ARG C 328 20.14 -22.46 -30.16
CA ARG C 328 20.65 -21.69 -29.02
C ARG C 328 19.48 -21.34 -28.07
N ASN C 329 19.22 -22.32 -27.19
CA ASN C 329 18.16 -22.30 -26.18
C ASN C 329 18.49 -21.47 -24.92
N ASN C 330 17.86 -21.83 -23.81
CA ASN C 330 18.04 -21.18 -22.49
C ASN C 330 18.00 -19.64 -22.47
N MET C 331 17.57 -19.02 -23.58
CA MET C 331 17.56 -17.56 -23.63
C MET C 331 16.25 -16.88 -23.21
N PRO C 332 15.14 -17.06 -23.96
CA PRO C 332 13.93 -16.38 -23.48
C PRO C 332 13.66 -16.81 -22.01
N MET C 333 14.18 -16.01 -21.05
CA MET C 333 14.07 -16.25 -19.60
C MET C 333 12.64 -16.20 -19.06
N LYS C 334 12.35 -17.03 -18.06
CA LYS C 334 11.02 -17.08 -17.45
C LYS C 334 10.52 -15.70 -16.96
N CYS C 335 9.86 -14.97 -17.86
CA CYS C 335 9.34 -13.63 -17.54
C CYS C 335 7.90 -13.64 -17.01
N ILE C 336 7.66 -14.31 -15.90
CA ILE C 336 6.32 -14.33 -15.31
C ILE C 336 5.88 -12.87 -15.04
N ILE C 337 4.74 -12.47 -15.62
CA ILE C 337 4.22 -11.12 -15.40
C ILE C 337 3.01 -11.12 -14.44
N ASP C 338 3.05 -10.23 -13.46
CA ASP C 338 1.95 -10.09 -12.51
C ASP C 338 1.07 -8.90 -12.95
N GLU C 339 0.05 -9.20 -13.76
CA GLU C 339 -0.89 -8.20 -14.28
C GLU C 339 -1.46 -7.17 -13.29
N ASN C 340 -1.25 -7.39 -11.98
CA ASN C 340 -1.74 -6.46 -10.95
C ASN C 340 -0.70 -5.41 -10.53
N ASN C 341 0.41 -5.87 -9.94
CA ASN C 341 1.46 -4.98 -9.48
C ASN C 341 2.36 -4.44 -10.59
N ARG C 342 1.94 -4.70 -11.83
CA ARG C 342 2.67 -4.26 -13.02
C ARG C 342 4.18 -4.50 -12.91
N ILE C 343 4.56 -5.74 -12.58
CA ILE C 343 5.96 -6.11 -12.44
C ILE C 343 6.33 -7.45 -13.09
N VAL C 344 6.94 -7.39 -14.28
CA VAL C 344 7.37 -8.59 -14.96
C VAL C 344 8.46 -9.24 -14.09
N THR C 345 8.33 -10.52 -13.77
CA THR C 345 9.37 -11.16 -12.96
C THR C 345 10.34 -12.00 -13.82
N VAL C 346 11.52 -11.44 -14.13
CA VAL C 346 12.54 -12.11 -14.96
C VAL C 346 13.55 -13.01 -14.21
N THR C 347 13.75 -14.21 -14.76
CA THR C 347 14.66 -15.21 -14.22
C THR C 347 15.97 -15.07 -14.96
N THR C 348 17.03 -14.75 -14.24
CA THR C 348 18.34 -14.59 -14.90
C THR C 348 19.35 -15.51 -14.25
N LYS C 349 18.86 -16.29 -13.27
CA LYS C 349 19.69 -17.22 -12.49
C LYS C 349 20.64 -18.08 -13.30
N ASP C 350 20.28 -18.36 -14.55
CA ASP C 350 21.13 -19.16 -15.39
C ASP C 350 22.16 -18.31 -16.14
N TYR C 351 22.41 -17.10 -15.63
CA TYR C 351 23.37 -16.18 -16.24
C TYR C 351 24.07 -15.34 -15.19
N PHE C 352 23.33 -14.86 -14.20
CA PHE C 352 23.95 -14.02 -13.16
C PHE C 352 23.74 -14.44 -11.70
N SER C 353 24.71 -14.02 -10.89
CA SER C 353 24.73 -14.28 -9.45
C SER C 353 23.39 -13.89 -8.83
N PHE C 354 22.75 -12.89 -9.41
CA PHE C 354 21.47 -12.45 -8.91
C PHE C 354 20.36 -13.21 -9.64
N LYS C 355 19.73 -14.09 -8.89
CA LYS C 355 18.64 -14.94 -9.35
C LYS C 355 17.61 -14.22 -10.24
N LYS C 356 16.68 -13.51 -9.61
CA LYS C 356 15.67 -12.78 -10.37
C LYS C 356 16.02 -11.31 -10.54
N CYS C 357 15.11 -10.58 -11.15
CA CYS C 357 15.29 -9.16 -11.38
C CYS C 357 13.91 -8.56 -11.60
N LEU C 358 13.26 -8.17 -10.50
CA LEU C 358 11.92 -7.60 -10.57
C LEU C 358 11.92 -6.35 -11.42
N VAL C 359 11.37 -6.51 -12.64
CA VAL C 359 11.27 -5.42 -13.60
C VAL C 359 9.95 -4.70 -13.35
N TYR C 360 10.02 -3.42 -13.02
CA TYR C 360 8.79 -2.65 -12.78
C TYR C 360 8.27 -2.00 -14.05
N LEU C 361 7.02 -1.58 -14.00
CA LEU C 361 6.40 -0.93 -15.14
C LEU C 361 6.04 0.51 -14.76
N ASP C 362 6.08 0.78 -13.47
CA ASP C 362 5.76 2.09 -12.92
C ASP C 362 6.97 2.65 -12.16
N GLU C 363 7.79 3.44 -12.83
CA GLU C 363 9.00 4.02 -12.25
C GLU C 363 8.78 4.85 -10.97
N ASN C 364 7.61 5.47 -10.84
CA ASN C 364 7.32 6.27 -9.65
C ASN C 364 7.22 5.33 -8.44
N VAL C 365 6.78 4.10 -8.67
CA VAL C 365 6.66 3.11 -7.61
C VAL C 365 8.05 2.62 -7.20
N LEU C 366 8.74 1.97 -8.13
CA LEU C 366 10.08 1.45 -7.91
C LEU C 366 10.97 2.40 -7.13
N SER C 367 10.93 3.68 -7.50
CA SER C 367 11.72 4.70 -6.83
C SER C 367 11.34 4.80 -5.37
N SER C 368 10.09 4.46 -5.09
CA SER C 368 9.58 4.53 -3.74
C SER C 368 9.94 3.30 -2.93
N ASP C 369 9.69 2.13 -3.51
CA ASP C 369 10.00 0.87 -2.85
C ASP C 369 11.48 0.84 -2.57
N ILE C 370 12.27 1.30 -3.54
CA ILE C 370 13.71 1.32 -3.40
C ILE C 370 14.12 2.14 -2.17
N LEU C 371 13.41 3.24 -1.94
CA LEU C 371 13.68 4.10 -0.80
C LEU C 371 13.43 3.32 0.47
N ASP C 372 12.32 2.57 0.47
CA ASP C 372 11.92 1.74 1.62
C ASP C 372 13.03 0.74 1.94
N LEU C 373 13.73 0.27 0.91
CA LEU C 373 14.82 -0.67 1.10
C LEU C 373 16.02 0.02 1.76
N ASN C 374 15.91 1.33 1.94
CA ASN C 374 16.96 2.13 2.53
C ASN C 374 18.10 2.17 1.53
N ALA C 375 17.73 2.08 0.25
CA ALA C 375 18.69 2.08 -0.85
C ALA C 375 19.11 3.48 -1.22
N ASP C 376 20.42 3.73 -1.23
CA ASP C 376 20.92 5.06 -1.54
C ASP C 376 21.80 5.17 -2.77
N THR C 377 22.14 4.05 -3.37
CA THR C 377 23.02 4.14 -4.52
C THR C 377 22.58 3.30 -5.72
N SER C 378 21.31 3.41 -6.08
CA SER C 378 20.79 2.68 -7.22
C SER C 378 21.56 3.25 -8.42
N CYS C 379 21.99 2.38 -9.35
CA CYS C 379 22.75 2.82 -10.53
C CYS C 379 21.92 3.51 -11.63
N ASP C 380 22.04 4.83 -11.77
CA ASP C 380 21.27 5.51 -12.81
C ASP C 380 22.17 5.89 -13.97
N PHE C 381 21.70 5.65 -15.19
CA PHE C 381 22.46 6.00 -16.38
C PHE C 381 21.64 6.92 -17.29
N GLU C 382 20.56 7.45 -16.72
CA GLU C 382 19.67 8.40 -17.41
C GLU C 382 19.03 7.87 -18.68
N SER C 383 19.11 8.67 -19.74
CA SER C 383 18.54 8.33 -21.05
C SER C 383 18.94 6.95 -21.51
N VAL C 384 20.24 6.75 -21.61
CA VAL C 384 20.81 5.48 -22.02
C VAL C 384 19.92 4.27 -21.68
N THR C 385 19.50 4.14 -20.41
CA THR C 385 18.67 3.01 -19.99
C THR C 385 17.22 3.32 -19.66
N ASN C 386 16.93 4.59 -19.37
CA ASN C 386 15.58 5.05 -19.00
C ASN C 386 15.04 4.29 -17.81
N SER C 387 15.93 4.10 -16.86
CA SER C 387 15.64 3.41 -15.64
C SER C 387 16.95 3.27 -14.89
N VAL C 388 16.81 2.94 -13.62
CA VAL C 388 17.95 2.79 -12.75
C VAL C 388 18.04 1.29 -12.44
N TYR C 389 19.13 0.83 -11.84
CA TYR C 389 19.26 -0.59 -11.49
C TYR C 389 19.75 -0.74 -10.06
N LEU C 390 19.13 -1.65 -9.29
CA LEU C 390 19.52 -1.86 -7.90
C LEU C 390 19.59 -3.33 -7.57
N ILE C 391 20.77 -3.85 -7.25
CA ILE C 391 20.87 -5.26 -6.90
C ILE C 391 20.85 -5.37 -5.38
N HIS C 392 19.66 -5.22 -4.81
CA HIS C 392 19.51 -5.29 -3.38
C HIS C 392 19.28 -6.74 -3.05
N ASP C 393 20.25 -7.34 -2.36
CA ASP C 393 20.17 -8.74 -1.95
C ASP C 393 19.92 -9.77 -3.06
N ASN C 394 20.82 -9.84 -4.03
CA ASN C 394 20.71 -10.80 -5.11
C ASN C 394 19.51 -10.57 -6.00
N ILE C 395 18.69 -9.57 -5.65
CA ILE C 395 17.53 -9.25 -6.46
C ILE C 395 17.80 -7.94 -7.16
N MET C 396 17.61 -7.94 -8.47
CA MET C 396 17.80 -6.73 -9.23
C MET C 396 16.44 -6.09 -9.52
N TYR C 397 16.27 -4.84 -9.10
CA TYR C 397 15.02 -4.12 -9.32
C TYR C 397 15.26 -3.13 -10.43
N THR C 398 14.31 -3.06 -11.35
CA THR C 398 14.46 -2.14 -12.46
C THR C 398 13.11 -1.74 -13.03
N TYR C 399 13.13 -0.78 -13.94
CA TYR C 399 11.93 -0.26 -14.59
C TYR C 399 11.98 -0.35 -16.11
N PHE C 400 10.97 -1.01 -16.68
CA PHE C 400 10.85 -1.17 -18.12
C PHE C 400 10.06 0.04 -18.65
N SER C 401 10.67 0.79 -19.56
CA SER C 401 10.03 2.00 -20.11
C SER C 401 9.11 1.87 -21.30
N ASN C 402 8.72 0.63 -21.65
CA ASN C 402 7.81 0.37 -22.79
C ASN C 402 6.65 -0.54 -22.42
N THR C 403 5.75 -0.76 -23.37
CA THR C 403 4.58 -1.62 -23.17
C THR C 403 4.99 -3.09 -23.23
N ILE C 404 4.42 -3.90 -22.34
CA ILE C 404 4.73 -5.32 -22.33
C ILE C 404 3.78 -6.07 -23.27
N LEU C 405 4.32 -6.56 -24.38
CA LEU C 405 3.54 -7.30 -25.38
C LEU C 405 3.24 -8.70 -24.83
N LEU C 406 2.05 -9.21 -25.13
CA LEU C 406 1.65 -10.56 -24.69
C LEU C 406 1.40 -11.56 -25.85
N SER C 407 1.54 -12.86 -25.54
CA SER C 407 1.28 -13.92 -26.51
C SER C 407 -0.19 -14.25 -26.26
N ASP C 408 -0.54 -14.28 -24.97
CA ASP C 408 -1.90 -14.56 -24.54
C ASP C 408 -2.20 -13.86 -23.20
N LYS C 409 -3.31 -14.26 -22.56
CA LYS C 409 -3.76 -13.69 -21.27
C LYS C 409 -2.76 -13.84 -20.12
N GLY C 410 -1.88 -12.86 -19.99
CA GLY C 410 -0.89 -12.91 -18.94
C GLY C 410 0.30 -13.74 -19.37
N LYS C 411 0.54 -13.77 -20.67
CA LYS C 411 1.68 -14.50 -21.20
C LYS C 411 2.59 -13.51 -21.95
N VAL C 412 3.68 -13.09 -21.29
CA VAL C 412 4.61 -12.11 -21.85
C VAL C 412 5.19 -12.51 -23.20
N HIS C 413 4.65 -11.90 -24.24
CA HIS C 413 5.06 -12.14 -25.61
C HIS C 413 6.58 -12.29 -25.72
N GLU C 414 7.00 -13.12 -26.68
CA GLU C 414 8.41 -13.40 -26.93
C GLU C 414 9.33 -12.20 -27.12
N ILE C 415 8.95 -11.22 -27.95
CA ILE C 415 9.84 -10.05 -28.14
C ILE C 415 9.98 -9.27 -26.85
N SER C 416 8.89 -9.20 -26.07
CA SER C 416 8.91 -8.50 -24.81
C SER C 416 9.81 -9.25 -23.84
N ALA C 417 9.80 -10.57 -23.93
CA ALA C 417 10.65 -11.38 -23.05
C ALA C 417 12.11 -11.12 -23.41
N ARG C 418 12.37 -10.89 -24.70
CA ARG C 418 13.72 -10.58 -25.20
C ARG C 418 14.01 -9.09 -24.96
N GLY C 419 12.97 -8.24 -25.07
CA GLY C 419 13.16 -6.83 -24.83
C GLY C 419 13.68 -6.64 -23.41
N LEU C 420 12.95 -7.19 -22.43
CA LEU C 420 13.29 -7.11 -21.00
C LEU C 420 14.72 -7.57 -20.78
N CYS C 421 14.98 -8.78 -21.26
CA CYS C 421 16.28 -9.44 -21.19
C CYS C 421 17.36 -8.50 -21.72
N ALA C 422 17.11 -7.92 -22.91
CA ALA C 422 18.05 -6.99 -23.56
C ALA C 422 18.39 -5.86 -22.62
N HIS C 423 17.37 -5.34 -21.95
CA HIS C 423 17.52 -4.26 -20.99
C HIS C 423 18.55 -4.66 -19.95
N ILE C 424 18.28 -5.75 -19.21
CA ILE C 424 19.20 -6.22 -18.17
C ILE C 424 20.64 -6.22 -18.64
N LEU C 425 20.85 -6.64 -19.89
CA LEU C 425 22.18 -6.71 -20.48
C LEU C 425 22.81 -5.33 -20.73
N LEU C 426 21.99 -4.29 -20.82
CA LEU C 426 22.51 -2.95 -21.03
C LEU C 426 23.28 -2.57 -19.78
N TYR C 427 22.74 -2.97 -18.64
CA TYR C 427 23.36 -2.68 -17.36
C TYR C 427 24.75 -3.27 -17.33
N GLN C 428 24.85 -4.55 -17.69
CA GLN C 428 26.14 -5.24 -17.68
C GLN C 428 27.15 -4.38 -18.40
N MET C 429 26.86 -4.04 -19.66
CA MET C 429 27.74 -3.21 -20.50
C MET C 429 28.18 -1.87 -19.90
N LEU C 430 27.42 -1.38 -18.92
CA LEU C 430 27.72 -0.11 -18.29
C LEU C 430 28.52 -0.33 -17.02
N THR C 431 28.49 -1.56 -16.52
CA THR C 431 29.21 -1.89 -15.31
C THR C 431 30.29 -2.92 -15.62
N SER C 432 30.53 -3.13 -16.92
CA SER C 432 31.55 -4.06 -17.40
C SER C 432 31.47 -5.46 -16.82
N GLY C 433 30.32 -6.10 -16.98
CA GLY C 433 30.14 -7.43 -16.45
C GLY C 433 29.77 -8.45 -17.51
N GLU C 434 29.44 -9.64 -17.03
CA GLU C 434 29.03 -10.76 -17.88
C GLU C 434 27.87 -10.41 -18.83
N TYR C 435 28.13 -10.37 -20.13
CA TYR C 435 27.11 -10.04 -21.12
C TYR C 435 27.25 -10.85 -22.42
N LYS C 436 28.51 -11.01 -22.85
CA LYS C 436 28.87 -11.74 -24.07
C LYS C 436 27.90 -12.87 -24.45
N GLN C 437 28.04 -14.03 -23.80
CA GLN C 437 27.19 -15.18 -24.10
C GLN C 437 25.68 -14.93 -24.15
N CYS C 438 25.12 -14.34 -23.09
CA CYS C 438 23.68 -14.07 -23.04
C CYS C 438 23.25 -13.42 -24.34
N LEU C 439 23.99 -12.40 -24.77
CA LEU C 439 23.69 -11.73 -26.03
C LEU C 439 23.50 -12.83 -27.10
N SER C 440 24.56 -13.62 -27.34
CA SER C 440 24.51 -14.73 -28.29
C SER C 440 23.19 -15.48 -28.16
N ASP C 441 22.94 -16.08 -26.99
CA ASP C 441 21.70 -16.82 -26.77
C ASP C 441 20.49 -15.97 -27.19
N LEU C 442 20.55 -14.68 -26.85
CA LEU C 442 19.46 -13.76 -27.18
C LEU C 442 19.28 -13.59 -28.69
N LEU C 443 20.40 -13.39 -29.38
CA LEU C 443 20.40 -13.23 -30.83
C LEU C 443 19.75 -14.44 -31.51
N ASN C 444 20.34 -15.61 -31.29
CA ASN C 444 19.85 -16.88 -31.85
C ASN C 444 18.34 -17.15 -31.62
N SER C 445 17.83 -16.81 -30.44
CA SER C 445 16.42 -17.01 -30.11
C SER C 445 15.50 -16.35 -31.16
N MET C 446 16.04 -15.35 -31.85
CA MET C 446 15.30 -14.56 -32.83
C MET C 446 15.39 -15.00 -34.29
N MET C 447 16.10 -16.10 -34.52
CA MET C 447 16.27 -16.65 -35.86
C MET C 447 15.28 -17.80 -36.11
N ASN C 448 14.58 -17.74 -37.24
CA ASN C 448 13.63 -18.79 -37.62
C ASN C 448 12.52 -19.06 -36.57
N ARG C 449 11.65 -18.08 -36.36
CA ARG C 449 10.57 -18.24 -35.39
C ARG C 449 9.20 -17.97 -36.04
N ASP C 450 8.13 -18.39 -35.35
CA ASP C 450 6.75 -18.23 -35.82
C ASP C 450 6.05 -16.97 -35.31
N LYS C 451 5.93 -15.96 -36.17
CA LYS C 451 5.25 -14.70 -35.84
C LYS C 451 4.09 -14.87 -34.82
N ILE C 452 4.40 -14.91 -33.52
CA ILE C 452 3.35 -15.05 -32.48
C ILE C 452 2.65 -13.69 -32.46
N PRO C 453 1.37 -13.65 -32.83
CA PRO C 453 0.59 -12.40 -32.86
C PRO C 453 0.68 -11.56 -31.58
N ILE C 454 0.18 -10.32 -31.66
CA ILE C 454 0.15 -9.41 -30.50
C ILE C 454 -1.21 -9.54 -29.83
N TYR C 455 -1.33 -10.47 -28.89
CA TYR C 455 -2.59 -10.67 -28.18
C TYR C 455 -3.02 -9.42 -27.45
N SER C 456 -2.06 -8.78 -26.77
CA SER C 456 -2.30 -7.55 -25.99
C SER C 456 -0.98 -6.96 -25.47
N HIS C 457 -1.06 -5.85 -24.74
CA HIS C 457 0.13 -5.22 -24.14
C HIS C 457 -0.24 -4.36 -22.92
N THR C 458 0.77 -3.99 -22.15
CA THR C 458 0.57 -3.16 -20.96
C THR C 458 0.59 -1.69 -21.37
N GLU C 459 0.23 -0.80 -20.44
CA GLU C 459 0.23 0.62 -20.76
C GLU C 459 1.29 1.41 -20.02
N ARG C 460 2.21 2.02 -20.80
CA ARG C 460 3.26 2.85 -20.23
C ARG C 460 2.72 3.65 -19.04
N ASP C 461 3.59 3.98 -18.10
CA ASP C 461 3.19 4.79 -16.97
C ASP C 461 3.25 6.24 -17.47
N LYS C 462 2.37 7.11 -17.00
CA LYS C 462 2.38 8.50 -17.46
C LYS C 462 3.56 9.27 -16.85
N LYS C 463 4.28 10.00 -17.69
CA LYS C 463 5.41 10.77 -17.19
C LYS C 463 4.91 12.19 -16.93
N PRO C 464 5.17 12.72 -15.71
CA PRO C 464 4.74 14.07 -15.34
C PRO C 464 5.41 15.20 -16.14
N GLY C 465 5.46 16.39 -15.55
CA GLY C 465 6.10 17.54 -16.18
C GLY C 465 5.30 18.38 -17.15
N ARG C 466 5.87 19.53 -17.50
CA ARG C 466 5.26 20.45 -18.45
C ARG C 466 6.27 20.65 -19.57
N HIS C 467 5.79 21.04 -20.73
CA HIS C 467 6.68 21.28 -21.86
C HIS C 467 7.36 22.62 -21.58
N GLY C 468 8.67 22.60 -21.38
CA GLY C 468 9.42 23.82 -21.13
C GLY C 468 10.00 24.35 -22.42
N PHE C 469 10.51 25.58 -22.42
CA PHE C 469 11.09 26.14 -23.64
C PHE C 469 11.72 27.53 -23.55
N ILE C 470 12.69 27.75 -24.42
CA ILE C 470 13.38 29.03 -24.52
C ILE C 470 13.07 29.58 -25.91
N ASN C 471 12.77 30.86 -25.98
CA ASN C 471 12.44 31.48 -27.25
C ASN C 471 13.14 32.84 -27.30
N ILE C 472 14.29 32.89 -27.95
CA ILE C 472 15.06 34.14 -28.01
C ILE C 472 14.28 35.39 -28.41
N GLU C 473 13.58 35.31 -29.54
CA GLU C 473 12.82 36.45 -30.04
C GLU C 473 11.97 37.19 -28.98
N LYS C 474 11.01 36.46 -28.40
CA LYS C 474 10.12 37.00 -27.40
C LYS C 474 10.73 37.11 -25.99
N ASP C 475 12.02 36.76 -25.86
CA ASP C 475 12.70 36.81 -24.57
C ASP C 475 11.94 35.96 -23.53
N ILE C 476 11.65 34.71 -23.89
CA ILE C 476 10.90 33.81 -23.02
C ILE C 476 11.60 32.50 -22.65
N ILE C 477 11.79 32.31 -21.34
CA ILE C 477 12.41 31.12 -20.76
C ILE C 477 11.47 30.53 -19.68
N VAL C 478 10.96 29.32 -19.92
CA VAL C 478 10.04 28.68 -18.95
C VAL C 478 10.33 27.19 -18.74
N PHE C 479 10.33 26.75 -17.48
CA PHE C 479 10.59 25.33 -17.19
C PHE C 479 9.85 24.72 -16.00
N ASN D 12 -52.58 -0.79 26.79
CA ASN D 12 -53.54 -0.95 27.93
C ASN D 12 -53.02 -1.96 28.95
N ILE D 13 -52.91 -3.20 28.49
CA ILE D 13 -52.42 -4.28 29.35
C ILE D 13 -50.91 -4.04 29.60
N THR D 14 -50.27 -3.29 28.69
CA THR D 14 -48.85 -2.98 28.86
C THR D 14 -48.72 -2.31 30.22
N LEU D 15 -49.67 -1.40 30.50
CA LEU D 15 -49.77 -0.65 31.75
C LEU D 15 -49.66 -1.63 32.93
N LYS D 16 -50.55 -2.62 32.94
CA LYS D 16 -50.55 -3.62 34.00
C LYS D 16 -49.33 -4.51 33.92
N ILE D 17 -49.04 -5.05 32.74
CA ILE D 17 -47.89 -5.93 32.54
C ILE D 17 -46.69 -5.37 33.30
N ILE D 18 -46.36 -4.11 32.99
CA ILE D 18 -45.22 -3.38 33.58
C ILE D 18 -45.37 -3.16 35.09
N GLU D 19 -46.61 -3.04 35.55
CA GLU D 19 -46.90 -2.84 36.98
C GLU D 19 -46.90 -4.16 37.77
N THR D 20 -47.39 -5.21 37.10
CA THR D 20 -47.45 -6.56 37.67
C THR D 20 -46.05 -7.17 37.62
N TYR D 21 -45.10 -6.39 37.12
CA TYR D 21 -43.70 -6.83 37.01
C TYR D 21 -42.78 -6.09 37.99
N LEU D 22 -42.95 -4.76 38.07
CA LEU D 22 -42.13 -3.92 38.95
C LEU D 22 -42.52 -3.96 40.43
N GLY D 23 -43.63 -4.63 40.73
CA GLY D 23 -44.10 -4.70 42.11
C GLY D 23 -44.50 -3.32 42.59
N ARG D 24 -44.73 -2.42 41.63
CA ARG D 24 -45.09 -1.03 41.90
C ARG D 24 -45.85 -0.49 40.70
N VAL D 25 -46.16 0.81 40.73
CA VAL D 25 -46.84 1.43 39.61
C VAL D 25 -45.78 1.98 38.66
N PRO D 26 -45.88 1.65 37.36
CA PRO D 26 -44.94 2.09 36.32
C PRO D 26 -44.94 3.61 36.16
N SER D 27 -43.76 4.23 36.26
CA SER D 27 -43.67 5.70 36.11
C SER D 27 -43.78 6.04 34.62
N VAL D 28 -44.19 7.27 34.31
CA VAL D 28 -44.32 7.67 32.90
C VAL D 28 -42.98 7.42 32.17
N ASN D 29 -41.87 7.66 32.88
CA ASN D 29 -40.51 7.46 32.36
C ASN D 29 -40.34 5.98 32.00
N GLU D 30 -40.68 5.10 32.95
CA GLU D 30 -40.58 3.66 32.78
C GLU D 30 -41.56 3.08 31.76
N TYR D 31 -42.80 3.55 31.79
CA TYR D 31 -43.79 3.02 30.86
C TYR D 31 -43.31 3.25 29.45
N HIS D 32 -42.53 4.31 29.24
CA HIS D 32 -42.04 4.59 27.89
C HIS D 32 -41.02 3.54 27.43
N MET D 33 -39.91 3.45 28.18
CA MET D 33 -38.81 2.51 27.89
C MET D 33 -39.26 1.04 27.81
N LEU D 34 -39.67 0.51 28.97
CA LEU D 34 -40.12 -0.86 29.13
C LEU D 34 -41.23 -1.28 28.16
N LYS D 35 -42.10 -0.32 27.83
CA LYS D 35 -43.24 -0.51 26.91
C LYS D 35 -43.01 -1.56 25.81
N SER D 36 -41.83 -1.51 25.19
CA SER D 36 -41.45 -2.44 24.10
C SER D 36 -41.22 -3.88 24.57
N GLN D 37 -41.11 -4.08 25.87
CA GLN D 37 -40.89 -5.39 26.48
C GLN D 37 -42.16 -5.86 27.18
N ALA D 38 -43.28 -5.28 26.77
CA ALA D 38 -44.58 -5.61 27.34
C ALA D 38 -44.86 -7.10 27.13
N ARG D 39 -44.29 -7.62 26.06
CA ARG D 39 -44.51 -9.01 25.73
C ARG D 39 -43.58 -9.96 26.47
N ASN D 40 -42.34 -9.54 26.62
CA ASN D 40 -41.35 -10.35 27.29
C ASN D 40 -41.51 -10.34 28.80
N ILE D 41 -41.96 -9.21 29.32
CA ILE D 41 -42.20 -9.06 30.75
C ILE D 41 -43.46 -9.88 31.09
N GLN D 42 -44.46 -9.82 30.20
CA GLN D 42 -45.68 -10.59 30.42
C GLN D 42 -45.31 -12.07 30.38
N LYS D 43 -44.76 -12.50 29.26
CA LYS D 43 -44.37 -13.91 29.11
C LYS D 43 -43.57 -14.43 30.31
N ILE D 44 -42.96 -13.50 31.07
CA ILE D 44 -42.18 -13.83 32.26
C ILE D 44 -43.11 -13.94 33.46
N THR D 45 -43.96 -12.93 33.63
CA THR D 45 -44.92 -12.94 34.75
C THR D 45 -45.74 -14.22 34.59
N VAL D 46 -46.46 -14.33 33.48
CA VAL D 46 -47.31 -15.49 33.16
C VAL D 46 -46.56 -16.84 33.24
N PHE D 47 -45.24 -16.76 33.44
CA PHE D 47 -44.37 -17.92 33.53
C PHE D 47 -44.43 -18.46 34.96
N ASN D 48 -44.81 -19.72 35.10
CA ASN D 48 -44.90 -20.33 36.42
C ASN D 48 -43.51 -20.35 37.11
N LYS D 49 -43.32 -19.38 38.01
CA LYS D 49 -42.03 -19.27 38.71
C LYS D 49 -41.92 -20.26 39.86
N ASP D 50 -42.58 -21.41 39.71
CA ASP D 50 -42.52 -22.42 40.77
C ASP D 50 -41.98 -23.76 40.25
N ILE D 51 -42.62 -24.28 39.21
CA ILE D 51 -42.18 -25.53 38.61
C ILE D 51 -40.72 -25.28 38.32
N PHE D 52 -40.37 -24.01 38.17
CA PHE D 52 -38.99 -23.66 37.92
C PHE D 52 -38.18 -24.08 39.17
N VAL D 53 -38.66 -23.69 40.35
CA VAL D 53 -37.99 -24.05 41.60
C VAL D 53 -37.94 -25.58 41.68
N SER D 54 -38.94 -26.23 41.07
CA SER D 54 -39.03 -27.70 41.02
C SER D 54 -37.90 -28.30 40.16
N LEU D 55 -37.47 -27.56 39.13
CA LEU D 55 -36.41 -28.06 38.24
C LEU D 55 -34.95 -27.81 38.74
N VAL D 56 -34.68 -26.66 39.33
CA VAL D 56 -33.34 -26.37 39.84
C VAL D 56 -33.04 -27.38 40.98
N LYS D 57 -34.10 -27.80 41.67
CA LYS D 57 -33.96 -28.77 42.77
C LYS D 57 -33.78 -30.15 42.17
N LYS D 58 -34.61 -30.44 41.16
CA LYS D 58 -34.54 -31.71 40.45
C LYS D 58 -33.29 -31.68 39.57
N ASN D 59 -32.20 -31.18 40.15
CA ASN D 59 -30.91 -31.06 39.48
C ASN D 59 -29.85 -31.07 40.57
N LYS D 60 -30.09 -30.30 41.62
CA LYS D 60 -29.19 -30.20 42.77
C LYS D 60 -28.96 -31.62 43.26
N LYS D 61 -30.03 -32.42 43.25
CA LYS D 61 -29.95 -33.82 43.69
C LYS D 61 -29.51 -34.81 42.59
N ARG D 62 -29.33 -34.31 41.37
CA ARG D 62 -28.91 -35.16 40.22
C ARG D 62 -27.47 -34.91 39.73
N PHE D 63 -26.96 -33.70 39.95
CA PHE D 63 -25.60 -33.34 39.53
C PHE D 63 -24.93 -32.50 40.63
N PHE D 64 -25.70 -32.15 41.66
CA PHE D 64 -25.21 -31.32 42.75
C PHE D 64 -25.52 -31.83 44.17
N SER D 65 -25.36 -33.13 44.37
CA SER D 65 -25.63 -33.71 45.68
C SER D 65 -24.82 -33.04 46.79
N ASP D 66 -23.49 -33.07 46.67
CA ASP D 66 -22.57 -32.47 47.63
C ASP D 66 -22.72 -30.94 47.78
N VAL D 67 -23.94 -30.45 47.97
CA VAL D 67 -24.18 -29.01 48.10
C VAL D 67 -24.74 -28.55 49.46
N ASN D 68 -23.87 -27.90 50.25
CA ASN D 68 -24.24 -27.39 51.58
C ASN D 68 -25.28 -26.24 51.61
N THR D 69 -26.52 -26.51 51.18
CA THR D 69 -27.59 -25.49 51.20
C THR D 69 -28.98 -26.15 51.23
N SER D 70 -29.86 -25.58 52.06
CA SER D 70 -31.22 -26.08 52.21
C SER D 70 -31.99 -25.89 50.89
N ALA D 71 -33.03 -26.70 50.68
CA ALA D 71 -33.84 -26.61 49.48
C ALA D 71 -34.67 -25.32 49.52
N SER D 72 -34.44 -24.50 50.55
CA SER D 72 -35.14 -23.24 50.71
C SER D 72 -34.30 -22.09 50.09
N GLU D 73 -33.00 -22.34 49.98
CA GLU D 73 -32.09 -21.37 49.38
C GLU D 73 -32.28 -21.50 47.87
N ILE D 74 -32.22 -22.75 47.40
CA ILE D 74 -32.38 -23.13 45.99
C ILE D 74 -33.89 -22.99 45.66
N LYS D 75 -34.53 -22.08 46.38
CA LYS D 75 -35.95 -21.80 46.21
C LYS D 75 -36.18 -20.29 46.41
N ASP D 76 -35.39 -19.70 47.31
CA ASP D 76 -35.48 -18.25 47.58
C ASP D 76 -34.64 -17.56 46.50
N ARG D 77 -33.34 -17.85 46.47
CA ARG D 77 -32.45 -17.26 45.46
C ARG D 77 -33.26 -17.07 44.17
N ILE D 78 -33.97 -18.13 43.77
CA ILE D 78 -34.82 -18.11 42.59
C ILE D 78 -35.84 -16.97 42.71
N LEU D 79 -37.03 -17.25 43.25
CA LEU D 79 -38.06 -16.22 43.45
C LEU D 79 -37.51 -14.78 43.69
N SER D 80 -36.40 -14.70 44.44
CA SER D 80 -35.72 -13.45 44.79
C SER D 80 -35.23 -12.73 43.52
N TYR D 81 -34.57 -13.49 42.63
CA TYR D 81 -34.11 -12.88 41.38
C TYR D 81 -35.38 -12.48 40.61
N PHE D 82 -36.23 -13.47 40.31
CA PHE D 82 -37.45 -13.29 39.55
C PHE D 82 -38.36 -12.12 39.90
N SER D 83 -38.04 -11.39 40.98
CA SER D 83 -38.84 -10.21 41.35
C SER D 83 -38.02 -9.01 41.82
N LYS D 84 -36.75 -8.97 41.46
CA LYS D 84 -35.91 -7.85 41.86
C LYS D 84 -36.18 -6.59 41.02
N GLN D 85 -37.31 -6.57 40.32
CA GLN D 85 -37.70 -5.39 39.54
C GLN D 85 -38.34 -4.44 40.55
N THR D 86 -38.83 -5.03 41.64
CA THR D 86 -39.46 -4.29 42.72
C THR D 86 -38.37 -3.49 43.44
N GLN D 87 -37.30 -4.18 43.87
CA GLN D 87 -36.19 -3.48 44.54
C GLN D 87 -35.48 -2.55 43.56
N THR D 88 -35.25 -3.02 42.33
CA THR D 88 -34.56 -2.22 41.31
C THR D 88 -35.47 -1.23 40.60
N TYR D 89 -35.12 0.05 40.69
CA TYR D 89 -35.90 1.12 40.07
C TYR D 89 -35.14 1.75 38.91
N ASN D 90 -33.86 1.38 38.79
CA ASN D 90 -32.99 1.90 37.72
C ASN D 90 -33.48 1.37 36.37
N ILE D 91 -33.71 2.27 35.42
CA ILE D 91 -34.18 1.84 34.10
C ILE D 91 -33.19 0.91 33.36
N GLY D 92 -31.90 1.17 33.53
CA GLY D 92 -30.88 0.35 32.89
C GLY D 92 -30.75 -1.06 33.45
N LYS D 93 -30.74 -1.18 34.77
CA LYS D 93 -30.61 -2.48 35.42
C LYS D 93 -31.85 -3.33 35.17
N LEU D 94 -32.98 -2.67 34.94
CA LEU D 94 -34.19 -3.41 34.62
C LEU D 94 -33.91 -4.14 33.30
N PHE D 95 -33.72 -3.38 32.21
CA PHE D 95 -33.42 -3.96 30.88
C PHE D 95 -32.46 -5.13 30.96
N THR D 96 -31.52 -5.05 31.90
CA THR D 96 -30.51 -6.08 32.12
C THR D 96 -31.03 -7.28 32.89
N ILE D 97 -32.06 -7.05 33.72
CA ILE D 97 -32.67 -8.13 34.51
C ILE D 97 -33.83 -8.73 33.73
N ILE D 98 -34.35 -7.96 32.77
CA ILE D 98 -35.45 -8.40 31.91
C ILE D 98 -34.95 -9.34 30.80
N GLU D 99 -33.73 -9.11 30.31
CA GLU D 99 -33.19 -9.94 29.24
C GLU D 99 -32.56 -11.22 29.80
N LEU D 100 -32.20 -11.19 31.07
CA LEU D 100 -31.64 -12.38 31.67
C LEU D 100 -32.77 -13.29 32.21
N GLN D 101 -33.85 -12.69 32.73
CA GLN D 101 -34.95 -13.50 33.23
C GLN D 101 -35.53 -14.27 32.05
N SER D 102 -35.62 -13.58 30.93
CA SER D 102 -36.17 -14.18 29.71
C SER D 102 -35.38 -15.41 29.21
N VAL D 103 -34.08 -15.45 29.48
CA VAL D 103 -33.26 -16.58 29.05
C VAL D 103 -33.73 -17.85 29.77
N LEU D 104 -34.31 -17.69 30.95
CA LEU D 104 -34.81 -18.84 31.69
C LEU D 104 -36.18 -19.25 31.15
N VAL D 105 -37.10 -18.30 31.12
CA VAL D 105 -38.46 -18.52 30.65
C VAL D 105 -38.63 -19.19 29.26
N THR D 106 -37.57 -19.19 28.44
CA THR D 106 -37.68 -19.77 27.09
C THR D 106 -36.67 -20.85 26.73
N THR D 107 -35.55 -20.95 27.44
CA THR D 107 -34.57 -21.97 27.09
C THR D 107 -34.18 -23.03 28.13
N TYR D 108 -34.21 -22.67 29.42
CA TYR D 108 -33.84 -23.64 30.47
C TYR D 108 -34.35 -25.05 30.16
N THR D 109 -35.63 -25.18 29.81
CA THR D 109 -36.22 -26.47 29.47
C THR D 109 -35.37 -27.18 28.41
N ASP D 110 -35.35 -26.61 27.20
CA ASP D 110 -34.60 -27.19 26.09
C ASP D 110 -33.11 -27.22 26.29
N ILE D 111 -32.62 -26.44 27.25
CA ILE D 111 -31.19 -26.40 27.50
C ILE D 111 -30.78 -27.31 28.66
N LEU D 112 -31.04 -26.89 29.90
CA LEU D 112 -30.67 -27.69 31.08
C LEU D 112 -31.83 -28.56 31.62
N GLY D 113 -33.06 -28.21 31.27
CA GLY D 113 -34.20 -28.99 31.73
C GLY D 113 -34.07 -30.43 31.29
N VAL D 114 -33.94 -30.64 29.98
CA VAL D 114 -33.81 -31.97 29.40
C VAL D 114 -32.88 -32.86 30.23
N LEU D 115 -31.90 -32.24 30.88
CA LEU D 115 -30.92 -32.94 31.72
C LEU D 115 -31.43 -33.92 32.78
N THR D 116 -32.75 -34.04 32.88
CA THR D 116 -33.41 -34.94 33.82
C THR D 116 -34.65 -35.48 33.10
N ILE D 117 -34.39 -36.48 32.26
CA ILE D 117 -35.40 -37.17 31.45
C ILE D 117 -34.81 -38.48 30.88
N ASN D 130 -4.04 -49.63 23.84
CA ASN D 130 -3.98 -49.30 22.41
C ASN D 130 -2.86 -48.32 22.11
N VAL D 131 -3.01 -47.11 22.67
CA VAL D 131 -2.06 -45.99 22.51
C VAL D 131 -0.63 -46.29 23.01
N THR D 132 -0.54 -47.14 24.05
CA THR D 132 0.74 -47.56 24.65
C THR D 132 1.74 -48.00 23.57
N SER D 133 1.23 -48.70 22.56
CA SER D 133 2.05 -49.20 21.45
C SER D 133 2.52 -48.04 20.54
N MET D 134 2.14 -46.82 20.91
CA MET D 134 2.54 -45.65 20.13
C MET D 134 3.29 -44.63 21.01
N GLU D 135 3.39 -44.94 22.30
CA GLU D 135 4.09 -44.06 23.26
C GLU D 135 5.50 -43.76 22.81
N GLU D 136 6.18 -44.79 22.31
CA GLU D 136 7.53 -44.62 21.80
C GLU D 136 7.46 -43.69 20.57
N LEU D 137 6.28 -43.64 19.94
CA LEU D 137 6.08 -42.80 18.76
C LEU D 137 5.88 -41.31 19.11
N ALA D 138 5.00 -41.04 20.08
CA ALA D 138 4.75 -39.67 20.49
C ALA D 138 6.03 -39.22 21.20
N ARG D 139 6.71 -40.18 21.83
CA ARG D 139 7.95 -39.98 22.56
C ARG D 139 8.99 -39.50 21.56
N ASP D 140 9.10 -40.25 20.46
CA ASP D 140 10.02 -39.99 19.36
C ASP D 140 9.87 -38.55 18.87
N MET D 141 8.65 -38.24 18.44
CA MET D 141 8.27 -36.93 17.87
C MET D 141 8.33 -35.70 18.79
N LEU D 142 7.66 -35.77 19.94
CA LEU D 142 7.66 -34.64 20.89
C LEU D 142 9.08 -34.11 21.08
N ASN D 143 10.03 -35.03 21.29
CA ASN D 143 11.43 -34.70 21.50
C ASN D 143 12.07 -34.20 20.21
N SER D 144 11.50 -34.59 19.08
CA SER D 144 12.02 -34.13 17.79
C SER D 144 11.89 -32.59 17.77
N MET D 145 10.81 -32.11 18.37
CA MET D 145 10.53 -30.68 18.43
C MET D 145 11.03 -30.00 19.71
N ASN D 146 11.28 -30.77 20.76
CA ASN D 146 11.75 -30.25 22.06
C ASN D 146 12.94 -29.28 21.90
N VAL D 147 12.67 -27.98 21.73
CA VAL D 147 13.75 -27.00 21.54
C VAL D 147 13.46 -25.61 22.13
N ALA D 148 12.32 -25.47 22.80
CA ALA D 148 11.94 -24.17 23.39
C ALA D 148 12.82 -23.71 24.58
N VAL D 149 12.75 -22.40 24.88
CA VAL D 149 13.52 -21.73 25.96
C VAL D 149 15.02 -21.80 25.71
N VAL D 161 -10.20 -22.76 38.31
CA VAL D 161 -9.96 -24.09 38.86
C VAL D 161 -10.62 -24.28 40.25
N SER D 162 -11.91 -23.96 40.35
CA SER D 162 -12.69 -24.08 41.61
C SER D 162 -13.14 -25.52 41.96
N SER D 163 -13.90 -25.64 43.05
CA SER D 163 -14.41 -26.94 43.51
C SER D 163 -15.46 -27.44 42.51
N LEU D 164 -16.27 -26.50 42.04
CA LEU D 164 -17.32 -26.79 41.07
C LEU D 164 -16.74 -27.29 39.75
N VAL D 165 -15.50 -26.87 39.47
CA VAL D 165 -14.80 -27.29 38.25
C VAL D 165 -15.07 -28.78 38.00
N LYS D 166 -14.91 -29.57 39.06
CA LYS D 166 -15.12 -31.02 38.99
C LYS D 166 -16.61 -31.35 39.16
N ASN D 167 -17.25 -30.68 40.13
CA ASN D 167 -18.67 -30.88 40.40
C ASN D 167 -19.51 -30.58 39.15
N VAL D 168 -18.90 -29.92 38.16
CA VAL D 168 -19.58 -29.55 36.91
C VAL D 168 -19.37 -30.53 35.74
N ASN D 169 -18.12 -30.88 35.44
CA ASN D 169 -17.82 -31.81 34.34
C ASN D 169 -18.86 -32.93 34.26
N LYS D 170 -19.41 -33.31 35.42
CA LYS D 170 -20.42 -34.37 35.50
C LYS D 170 -21.71 -33.90 34.84
N LEU D 171 -22.06 -32.65 35.11
CA LEU D 171 -23.25 -32.05 34.54
C LEU D 171 -23.21 -32.05 33.00
N MET D 172 -22.03 -31.72 32.46
CA MET D 172 -21.75 -31.62 31.02
C MET D 172 -21.70 -32.92 30.20
N GLU D 173 -21.32 -34.01 30.87
CA GLU D 173 -21.23 -35.32 30.21
C GLU D 173 -22.60 -35.63 29.67
N GLU D 174 -23.62 -35.22 30.43
CA GLU D 174 -25.02 -35.41 30.05
C GLU D 174 -25.36 -34.53 28.86
N TYR D 175 -24.98 -33.25 28.95
CA TYR D 175 -25.25 -32.29 27.88
C TYR D 175 -24.81 -32.88 26.53
N LEU D 176 -23.58 -33.38 26.46
CA LEU D 176 -23.09 -33.96 25.22
C LEU D 176 -24.08 -34.99 24.63
N ARG D 177 -24.73 -35.79 25.47
CA ARG D 177 -25.70 -36.77 25.00
C ARG D 177 -27.01 -36.09 24.57
N ARG D 178 -27.68 -35.48 25.55
CA ARG D 178 -28.96 -34.80 25.35
C ARG D 178 -29.01 -33.79 24.22
N HIS D 179 -27.84 -33.30 23.81
CA HIS D 179 -27.74 -32.31 22.73
C HIS D 179 -26.62 -32.69 21.76
N ASN D 180 -26.92 -33.59 20.83
CA ASN D 180 -25.94 -34.04 19.85
C ASN D 180 -25.53 -32.98 18.84
N LYS D 181 -26.52 -32.25 18.33
CA LYS D 181 -26.28 -31.25 17.29
C LYS D 181 -26.19 -29.78 17.76
N SER D 182 -26.15 -29.57 19.08
CA SER D 182 -26.03 -28.22 19.66
C SER D 182 -24.90 -28.25 20.68
N CYS D 183 -23.95 -29.15 20.44
CA CYS D 183 -22.80 -29.33 21.30
C CYS D 183 -21.87 -30.43 20.79
N ILE D 184 -20.64 -30.05 20.45
CA ILE D 184 -19.63 -30.99 19.97
C ILE D 184 -18.46 -30.82 20.96
N CYS D 185 -17.76 -31.91 21.25
CA CYS D 185 -16.65 -31.90 22.22
C CYS D 185 -15.24 -32.11 21.63
N TYR D 186 -14.23 -31.73 22.42
CA TYR D 186 -12.84 -31.90 22.03
C TYR D 186 -11.97 -31.56 23.25
N GLY D 187 -10.65 -31.52 23.03
CA GLY D 187 -9.74 -31.19 24.12
C GLY D 187 -9.08 -32.43 24.68
N SER D 188 -9.03 -32.54 26.00
CA SER D 188 -8.41 -33.71 26.61
C SER D 188 -9.47 -34.78 26.71
N TYR D 189 -10.60 -34.39 27.30
CA TYR D 189 -11.76 -35.26 27.51
C TYR D 189 -12.23 -36.02 26.27
N SER D 190 -11.98 -35.47 25.08
CA SER D 190 -12.37 -36.13 23.84
C SER D 190 -11.58 -37.44 23.68
N LEU D 191 -10.26 -37.35 23.79
CA LEU D 191 -9.39 -38.52 23.68
C LEU D 191 -9.73 -39.52 24.82
N TYR D 192 -10.31 -39.02 25.90
CA TYR D 192 -10.68 -39.88 27.03
C TYR D 192 -11.77 -40.88 26.61
N LEU D 193 -12.65 -40.46 25.72
CA LEU D 193 -13.70 -41.33 25.23
C LEU D 193 -13.03 -42.28 24.22
N ILE D 194 -11.75 -42.03 23.95
CA ILE D 194 -10.95 -42.83 23.02
C ILE D 194 -10.01 -43.76 23.83
N ASN D 195 -9.17 -43.16 24.65
CA ASN D 195 -8.26 -43.91 25.52
C ASN D 195 -8.69 -43.60 26.98
N PRO D 196 -9.48 -44.50 27.61
CA PRO D 196 -9.97 -44.35 28.99
C PRO D 196 -8.87 -44.10 30.01
N ASN D 197 -7.67 -43.81 29.49
CA ASN D 197 -6.46 -43.53 30.28
C ASN D 197 -6.03 -42.07 30.06
N ILE D 198 -6.75 -41.35 29.20
CA ILE D 198 -6.44 -39.94 28.92
C ILE D 198 -7.15 -39.09 29.99
N ARG D 199 -6.41 -38.77 31.06
CA ARG D 199 -6.92 -37.98 32.17
C ARG D 199 -7.60 -36.66 31.72
N TYR D 200 -8.81 -36.40 32.24
CA TYR D 200 -9.52 -35.16 31.92
C TYR D 200 -9.96 -34.44 33.21
N GLY D 201 -9.80 -33.12 33.21
CA GLY D 201 -10.17 -32.28 34.34
C GLY D 201 -10.79 -31.01 33.80
N ASP D 202 -11.52 -31.17 32.71
CA ASP D 202 -12.18 -30.06 32.03
C ASP D 202 -12.80 -30.56 30.73
N ILE D 203 -13.91 -29.98 30.35
CA ILE D 203 -14.54 -30.38 29.11
C ILE D 203 -14.65 -29.17 28.18
N ASP D 204 -13.89 -29.22 27.09
CA ASP D 204 -13.91 -28.16 26.08
C ASP D 204 -14.97 -28.54 25.03
N ILE D 205 -15.82 -27.58 24.67
CA ILE D 205 -16.88 -27.84 23.69
C ILE D 205 -17.17 -26.69 22.72
N LEU D 206 -17.90 -27.02 21.64
CA LEU D 206 -18.34 -26.06 20.64
C LEU D 206 -19.87 -26.16 20.67
N GLN D 207 -20.56 -25.03 20.57
CA GLN D 207 -22.03 -25.03 20.60
C GLN D 207 -22.60 -23.92 19.71
N THR D 208 -23.69 -24.20 19.01
CA THR D 208 -24.30 -23.21 18.14
C THR D 208 -25.28 -22.36 18.95
N ASN D 209 -24.96 -22.16 20.23
CA ASN D 209 -25.87 -21.39 21.08
C ASN D 209 -25.25 -21.12 22.45
N SER D 210 -23.95 -21.34 22.56
CA SER D 210 -23.23 -21.14 23.80
C SER D 210 -23.46 -19.83 24.57
N ARG D 211 -24.32 -18.93 24.09
CA ARG D 211 -24.58 -17.72 24.87
C ARG D 211 -25.82 -18.02 25.71
N THR D 212 -26.77 -18.71 25.10
CA THR D 212 -27.98 -19.14 25.79
C THR D 212 -27.47 -20.20 26.76
N PHE D 213 -26.61 -21.10 26.27
CA PHE D 213 -26.05 -22.13 27.11
C PHE D 213 -25.40 -21.58 28.37
N LEU D 214 -24.27 -20.91 28.22
CA LEU D 214 -23.54 -20.37 29.37
C LEU D 214 -24.38 -19.60 30.41
N ILE D 215 -25.37 -18.83 29.96
CA ILE D 215 -26.25 -18.10 30.89
C ILE D 215 -26.95 -19.10 31.81
N ASP D 216 -27.83 -19.93 31.25
CA ASP D 216 -28.55 -20.91 32.05
C ASP D 216 -27.65 -21.64 33.07
N LEU D 217 -26.47 -22.10 32.67
CA LEU D 217 -25.59 -22.79 33.62
C LEU D 217 -25.07 -21.87 34.73
N ALA D 218 -24.95 -20.57 34.44
CA ALA D 218 -24.48 -19.61 35.44
C ALA D 218 -25.62 -19.31 36.41
N PHE D 219 -26.85 -19.48 35.92
CA PHE D 219 -28.02 -19.26 36.76
C PHE D 219 -28.18 -20.53 37.63
N LEU D 220 -27.62 -21.63 37.13
CA LEU D 220 -27.67 -22.90 37.83
C LEU D 220 -26.65 -22.87 38.95
N ILE D 221 -25.38 -22.65 38.59
CA ILE D 221 -24.33 -22.58 39.60
C ILE D 221 -24.69 -21.55 40.69
N LYS D 222 -25.65 -20.67 40.41
CA LYS D 222 -26.06 -19.66 41.40
C LYS D 222 -27.12 -20.21 42.36
N PHE D 223 -28.37 -20.30 41.91
CA PHE D 223 -29.49 -20.82 42.72
C PHE D 223 -29.08 -21.98 43.64
N ILE D 224 -28.31 -22.93 43.09
CA ILE D 224 -27.84 -24.09 43.85
C ILE D 224 -26.72 -23.72 44.84
N THR D 225 -25.56 -23.31 44.33
CA THR D 225 -24.44 -22.93 45.21
C THR D 225 -24.71 -21.66 45.99
N GLY D 226 -24.95 -20.58 45.25
CA GLY D 226 -25.16 -19.29 45.87
C GLY D 226 -23.91 -18.53 45.49
N ASN D 227 -23.17 -19.09 44.55
CA ASN D 227 -21.95 -18.48 44.05
C ASN D 227 -22.29 -17.44 42.97
N ASN D 228 -21.63 -16.27 43.03
CA ASN D 228 -21.86 -15.21 42.03
C ASN D 228 -20.82 -15.32 40.90
N ILE D 229 -21.12 -16.17 39.92
CA ILE D 229 -20.24 -16.40 38.79
C ILE D 229 -20.21 -15.23 37.82
N ILE D 230 -19.12 -15.11 37.09
CA ILE D 230 -18.99 -14.01 36.18
C ILE D 230 -18.74 -14.56 34.78
N LEU D 231 -19.60 -14.16 33.86
CA LEU D 231 -19.49 -14.59 32.47
C LEU D 231 -18.66 -13.58 31.73
N SER D 232 -17.44 -13.95 31.40
CA SER D 232 -16.55 -13.03 30.70
C SER D 232 -16.26 -13.47 29.26
N LYS D 233 -16.08 -12.50 28.35
CA LYS D 233 -15.79 -12.77 26.93
C LYS D 233 -14.41 -12.22 26.51
N ILE D 234 -13.51 -13.12 26.13
CA ILE D 234 -12.15 -12.75 25.72
C ILE D 234 -12.09 -12.28 24.27
N PRO D 235 -11.69 -11.01 24.06
CA PRO D 235 -11.57 -10.35 22.76
C PRO D 235 -10.66 -11.00 21.72
N TYR D 236 -9.43 -11.33 22.10
CA TYR D 236 -8.52 -11.93 21.14
C TYR D 236 -8.86 -13.40 20.80
N LEU D 237 -10.09 -13.80 21.08
CA LEU D 237 -10.57 -15.15 20.79
C LEU D 237 -11.88 -15.08 20.02
N ARG D 238 -11.90 -15.67 18.83
CA ARG D 238 -13.08 -15.66 17.97
C ARG D 238 -14.31 -16.34 18.57
N ASN D 239 -15.32 -15.56 18.95
CA ASN D 239 -16.57 -16.08 19.54
C ASN D 239 -16.32 -16.90 20.79
N TYR D 240 -15.87 -16.23 21.84
CA TYR D 240 -15.55 -16.92 23.08
C TYR D 240 -16.08 -16.26 24.37
N MET D 241 -16.73 -17.08 25.19
CA MET D 241 -17.31 -16.69 26.49
C MET D 241 -17.03 -17.80 27.54
N VAL D 242 -16.60 -17.40 28.73
CA VAL D 242 -16.33 -18.36 29.80
C VAL D 242 -16.88 -17.84 31.12
N ILE D 243 -17.35 -18.73 31.97
CA ILE D 243 -17.86 -18.32 33.27
C ILE D 243 -16.79 -18.61 34.31
N LYS D 244 -16.73 -17.78 35.34
CA LYS D 244 -15.76 -17.98 36.42
C LYS D 244 -16.46 -17.75 37.79
N ASP D 245 -15.76 -18.10 38.88
CA ASP D 245 -16.34 -17.92 40.21
C ASP D 245 -15.95 -16.59 40.85
N GLU D 246 -16.56 -16.33 42.01
CA GLU D 246 -16.31 -15.11 42.76
C GLU D 246 -14.79 -14.79 42.89
N ASN D 247 -13.98 -15.83 43.09
CA ASN D 247 -12.54 -15.69 43.26
C ASN D 247 -11.76 -15.72 41.95
N ASP D 248 -12.43 -15.41 40.84
CA ASP D 248 -11.78 -15.38 39.52
C ASP D 248 -11.27 -16.75 39.03
N ASN D 249 -11.89 -17.86 39.46
CA ASN D 249 -11.45 -19.20 39.00
C ASN D 249 -12.33 -19.79 37.87
N HIS D 250 -11.65 -20.24 36.83
CA HIS D 250 -12.29 -20.83 35.64
C HIS D 250 -13.15 -22.05 35.99
N ILE D 251 -14.44 -21.97 35.67
CA ILE D 251 -15.36 -23.09 35.91
C ILE D 251 -15.46 -23.82 34.57
N ILE D 252 -16.11 -23.20 33.60
CA ILE D 252 -16.24 -23.78 32.26
C ILE D 252 -16.29 -22.69 31.17
N ASP D 253 -15.70 -23.00 30.01
CA ASP D 253 -15.72 -22.07 28.89
C ASP D 253 -16.52 -22.68 27.73
N SER D 254 -16.49 -21.99 26.58
CA SER D 254 -17.17 -22.44 25.36
C SER D 254 -16.83 -21.58 24.13
N PHE D 255 -16.78 -22.22 22.95
CA PHE D 255 -16.52 -21.55 21.65
C PHE D 255 -17.84 -21.64 20.84
N ASN D 256 -18.18 -20.59 20.09
CA ASN D 256 -19.42 -20.62 19.31
C ASN D 256 -19.18 -20.75 17.81
N ILE D 257 -20.10 -21.45 17.13
CA ILE D 257 -20.00 -21.65 15.69
C ILE D 257 -21.35 -21.60 15.01
N ARG D 258 -21.35 -21.09 13.78
CA ARG D 258 -22.57 -20.99 13.01
C ARG D 258 -23.08 -22.41 12.83
N GLN D 259 -24.36 -22.55 12.48
CA GLN D 259 -24.91 -23.87 12.26
C GLN D 259 -24.11 -24.39 11.07
N ASP D 260 -23.92 -23.50 10.10
CA ASP D 260 -23.14 -23.75 8.89
C ASP D 260 -21.94 -24.60 9.28
N THR D 261 -21.02 -23.95 9.99
CA THR D 261 -19.79 -24.57 10.46
C THR D 261 -20.03 -25.87 11.23
N MET D 262 -21.04 -25.87 12.10
CA MET D 262 -21.33 -27.05 12.90
C MET D 262 -21.45 -28.32 12.08
N ASN D 263 -21.67 -28.16 10.77
CA ASN D 263 -21.77 -29.31 9.88
C ASN D 263 -20.41 -29.70 9.32
N VAL D 264 -19.79 -28.82 8.55
CA VAL D 264 -18.50 -29.17 7.96
C VAL D 264 -17.45 -29.64 8.99
N VAL D 265 -17.71 -29.45 10.28
CA VAL D 265 -16.75 -29.88 11.30
C VAL D 265 -16.80 -31.40 11.40
N PRO D 266 -15.70 -32.07 10.97
CA PRO D 266 -15.63 -33.53 11.02
C PRO D 266 -15.90 -34.02 12.43
N LYS D 267 -16.94 -34.84 12.57
CA LYS D 267 -17.31 -35.38 13.87
C LYS D 267 -17.25 -36.90 13.91
N ILE D 268 -17.13 -37.41 15.13
CA ILE D 268 -17.05 -38.85 15.40
C ILE D 268 -18.04 -39.14 16.52
N PHE D 269 -18.84 -40.18 16.35
CA PHE D 269 -19.82 -40.51 17.38
C PHE D 269 -19.28 -41.56 18.36
N ILE D 270 -19.42 -41.30 19.66
CA ILE D 270 -18.96 -42.26 20.68
C ILE D 270 -20.08 -42.58 21.67
N ASP D 271 -19.83 -42.27 22.95
CA ASP D 271 -20.80 -42.58 23.98
C ASP D 271 -22.02 -41.69 23.82
N ASN D 272 -22.69 -41.82 22.67
CA ASN D 272 -23.87 -41.03 22.38
C ASN D 272 -23.55 -39.52 22.25
N ILE D 273 -22.25 -39.20 22.22
CA ILE D 273 -21.78 -37.82 22.10
C ILE D 273 -20.79 -37.66 20.93
N TYR D 274 -20.93 -36.60 20.14
CA TYR D 274 -20.02 -36.39 19.01
C TYR D 274 -18.75 -35.70 19.47
N ILE D 275 -17.60 -36.26 19.08
CA ILE D 275 -16.33 -35.66 19.44
C ILE D 275 -15.64 -35.23 18.16
N VAL D 276 -14.97 -34.09 18.22
CA VAL D 276 -14.24 -33.59 17.07
C VAL D 276 -13.26 -34.67 16.63
N ASP D 277 -13.64 -35.43 15.61
CA ASP D 277 -12.79 -36.49 15.04
C ASP D 277 -11.29 -36.35 15.42
N PRO D 278 -10.73 -37.36 16.13
CA PRO D 278 -9.32 -37.34 16.56
C PRO D 278 -8.28 -37.11 15.46
N THR D 279 -8.67 -37.31 14.19
CA THR D 279 -7.75 -37.11 13.06
C THR D 279 -7.54 -35.62 12.85
N PHE D 280 -8.66 -34.90 12.92
CA PHE D 280 -8.68 -33.46 12.76
C PHE D 280 -7.97 -32.86 13.96
N GLN D 281 -8.38 -33.30 15.15
CA GLN D 281 -7.79 -32.81 16.41
C GLN D 281 -6.27 -32.91 16.37
N LEU D 282 -5.75 -34.02 15.83
CA LEU D 282 -4.30 -34.25 15.75
C LEU D 282 -3.63 -33.34 14.72
N LEU D 283 -4.33 -33.08 13.62
CA LEU D 283 -3.78 -32.22 12.58
C LEU D 283 -3.56 -30.84 13.17
N ASN D 284 -4.54 -30.43 13.95
CA ASN D 284 -4.55 -29.13 14.60
C ASN D 284 -3.51 -29.01 15.71
N MET D 285 -2.84 -30.11 16.05
CA MET D 285 -1.83 -30.07 17.10
C MET D 285 -0.45 -29.74 16.53
N ILE D 286 -0.25 -29.96 15.22
CA ILE D 286 1.02 -29.62 14.59
C ILE D 286 0.99 -28.10 14.42
N LYS D 287 -0.19 -27.59 14.09
CA LYS D 287 -0.35 -26.16 13.92
C LYS D 287 -0.23 -25.55 15.31
N MET D 288 -0.23 -26.41 16.32
CA MET D 288 -0.13 -25.96 17.71
C MET D 288 1.30 -25.62 18.09
N PHE D 289 2.19 -26.61 17.97
CA PHE D 289 3.59 -26.45 18.32
C PHE D 289 4.31 -25.37 17.53
N SER D 290 3.61 -24.78 16.56
CA SER D 290 4.22 -23.71 15.77
C SER D 290 4.19 -22.42 16.58
N GLN D 291 3.41 -22.42 17.65
CA GLN D 291 3.30 -21.25 18.53
C GLN D 291 4.35 -21.40 19.62
N ILE D 292 5.38 -20.57 19.56
CA ILE D 292 6.47 -20.62 20.53
C ILE D 292 6.03 -21.11 21.92
N ASP D 293 4.95 -20.53 22.46
CA ASP D 293 4.43 -20.91 23.78
C ASP D 293 4.37 -22.42 23.94
N ARG D 294 3.47 -23.09 23.20
CA ARG D 294 3.31 -24.54 23.28
C ARG D 294 4.65 -25.26 23.39
N LEU D 295 5.64 -24.77 22.64
CA LEU D 295 6.97 -25.36 22.70
C LEU D 295 7.46 -25.22 24.14
N GLU D 296 7.40 -23.99 24.66
CA GLU D 296 7.84 -23.69 26.03
C GLU D 296 7.02 -24.50 27.05
N ASP D 297 5.81 -24.88 26.65
CA ASP D 297 4.94 -25.69 27.50
C ASP D 297 5.51 -27.11 27.53
N LEU D 298 5.84 -27.62 26.34
CA LEU D 298 6.40 -28.96 26.21
C LEU D 298 7.88 -28.96 26.66
N SER D 299 8.42 -27.77 26.94
CA SER D 299 9.79 -27.64 27.41
C SER D 299 9.87 -28.23 28.81
N LYS D 300 9.01 -27.70 29.68
CA LYS D 300 8.92 -28.11 31.09
C LYS D 300 8.00 -29.32 31.33
N ASP D 301 8.05 -30.31 30.43
CA ASP D 301 7.23 -31.52 30.54
C ASP D 301 7.11 -32.23 29.19
N PRO D 302 8.26 -32.50 28.56
CA PRO D 302 8.30 -33.16 27.25
C PRO D 302 7.41 -34.42 27.19
N GLU D 303 6.97 -34.88 28.36
CA GLU D 303 6.14 -36.07 28.44
C GLU D 303 4.63 -35.80 28.48
N LYS D 304 4.26 -34.55 28.74
CA LYS D 304 2.86 -34.11 28.81
C LYS D 304 1.99 -34.55 27.62
N PHE D 305 2.49 -34.31 26.41
CA PHE D 305 1.74 -34.66 25.20
C PHE D 305 1.91 -36.09 24.74
N ASN D 306 2.89 -36.80 25.30
CA ASN D 306 3.12 -38.18 24.91
C ASN D 306 1.77 -38.88 25.02
N ALA D 307 1.14 -38.72 26.19
CA ALA D 307 -0.16 -39.32 26.47
C ALA D 307 -1.24 -38.94 25.44
N ARG D 308 -1.46 -37.65 25.26
CA ARG D 308 -2.47 -37.18 24.32
C ARG D 308 -2.05 -37.44 22.87
N MET D 309 -0.82 -37.04 22.51
CA MET D 309 -0.27 -37.18 21.16
C MET D 309 -0.17 -38.61 20.63
N ALA D 310 0.19 -39.55 21.51
CA ALA D 310 0.27 -40.95 21.09
C ALA D 310 -1.17 -41.48 20.95
N THR D 311 -2.03 -41.15 21.91
CA THR D 311 -3.43 -41.58 21.87
C THR D 311 -4.02 -41.26 20.51
N MET D 312 -3.39 -40.29 19.83
CA MET D 312 -3.83 -39.82 18.52
C MET D 312 -3.07 -40.42 17.31
N LEU D 313 -1.76 -40.57 17.42
CA LEU D 313 -0.98 -41.16 16.33
C LEU D 313 -1.42 -42.64 16.24
N GLU D 314 -2.05 -43.10 17.32
CA GLU D 314 -2.55 -44.46 17.46
C GLU D 314 -3.95 -44.60 16.82
N TYR D 315 -4.68 -43.49 16.80
CA TYR D 315 -6.03 -43.46 16.23
C TYR D 315 -5.96 -43.41 14.70
N VAL D 316 -5.12 -42.52 14.18
CA VAL D 316 -4.96 -42.36 12.74
C VAL D 316 -4.33 -43.63 12.14
N ARG D 317 -3.26 -44.13 12.76
CA ARG D 317 -2.55 -45.36 12.30
C ARG D 317 -3.58 -46.44 12.01
N TYR D 318 -4.52 -46.62 12.93
CA TYR D 318 -5.57 -47.59 12.73
C TYR D 318 -6.52 -46.95 11.72
N THR D 319 -7.50 -46.25 12.28
CA THR D 319 -8.58 -45.54 11.56
C THR D 319 -8.40 -45.33 10.06
N HIS D 320 -7.21 -44.87 9.68
CA HIS D 320 -6.95 -44.65 8.27
C HIS D 320 -5.60 -45.24 7.93
N GLY D 321 -5.41 -46.50 8.34
CA GLY D 321 -4.18 -47.24 8.09
C GLY D 321 -3.01 -46.37 7.69
N ILE D 322 -2.46 -45.65 8.66
CA ILE D 322 -1.34 -44.78 8.35
C ILE D 322 -0.01 -45.51 8.48
N VAL D 323 0.73 -45.51 7.37
CA VAL D 323 2.05 -46.13 7.33
C VAL D 323 3.04 -45.25 8.10
N PHE D 324 3.59 -45.77 9.19
CA PHE D 324 4.54 -44.99 9.99
C PHE D 324 6.00 -45.42 9.80
N ASP D 325 6.72 -44.70 8.93
CA ASP D 325 8.14 -45.02 8.69
C ASP D 325 8.98 -43.77 8.40
N GLY D 326 10.08 -43.61 9.15
CA GLY D 326 10.99 -42.48 9.03
C GLY D 326 11.19 -42.00 7.61
N LYS D 327 10.92 -42.93 6.68
CA LYS D 327 11.03 -42.71 5.24
C LYS D 327 9.70 -42.19 4.68
N ARG D 328 9.67 -40.90 4.35
CA ARG D 328 8.48 -40.25 3.78
C ARG D 328 8.77 -38.74 3.59
N ASN D 329 9.37 -38.48 2.42
CA ASN D 329 9.79 -37.16 1.96
C ASN D 329 8.66 -36.29 1.40
N ASN D 330 9.03 -35.37 0.50
CA ASN D 330 8.10 -34.42 -0.17
C ASN D 330 7.08 -33.70 0.74
N MET D 331 7.24 -33.79 2.06
CA MET D 331 6.29 -33.15 2.96
C MET D 331 6.60 -31.73 3.40
N PRO D 332 7.68 -31.51 4.20
CA PRO D 332 7.90 -30.10 4.56
C PRO D 332 7.98 -29.23 3.27
N MET D 333 6.82 -28.67 2.87
CA MET D 333 6.67 -27.84 1.66
C MET D 333 7.46 -26.52 1.69
N LYS D 334 7.95 -26.12 0.51
CA LYS D 334 8.73 -24.88 0.37
C LYS D 334 8.01 -23.64 0.95
N CYS D 335 8.19 -23.40 2.26
CA CYS D 335 7.55 -22.28 2.93
C CYS D 335 8.40 -20.99 2.94
N ILE D 336 8.73 -20.47 1.77
CA ILE D 336 9.48 -19.23 1.68
C ILE D 336 8.72 -18.12 2.44
N ILE D 337 9.36 -17.51 3.43
CA ILE D 337 8.74 -16.45 4.20
C ILE D 337 9.29 -15.07 3.81
N ASP D 338 8.40 -14.11 3.57
CA ASP D 338 8.80 -12.75 3.24
C ASP D 338 8.71 -11.88 4.51
N GLU D 339 9.83 -11.80 5.24
CA GLU D 339 9.94 -11.03 6.49
C GLU D 339 9.34 -9.59 6.50
N ASN D 340 9.01 -9.06 5.31
CA ASN D 340 8.43 -7.71 5.21
C ASN D 340 6.89 -7.72 5.21
N ASN D 341 6.29 -8.30 4.18
CA ASN D 341 4.83 -8.36 4.07
C ASN D 341 4.17 -9.39 4.99
N ARG D 342 4.96 -9.96 5.91
CA ARG D 342 4.51 -10.95 6.86
C ARG D 342 3.61 -12.03 6.21
N ILE D 343 4.11 -12.63 5.14
CA ILE D 343 3.37 -13.67 4.42
C ILE D 343 4.21 -14.88 4.02
N VAL D 344 4.08 -15.96 4.79
CA VAL D 344 4.79 -17.20 4.48
C VAL D 344 4.22 -17.71 3.15
N THR D 345 5.09 -18.00 2.18
CA THR D 345 4.58 -18.50 0.90
C THR D 345 4.74 -20.03 0.77
N VAL D 346 3.64 -20.77 1.03
CA VAL D 346 3.63 -22.25 0.97
C VAL D 346 3.34 -22.89 -0.40
N THR D 347 4.16 -23.88 -0.74
CA THR D 347 4.09 -24.63 -2.01
C THR D 347 3.31 -25.88 -1.72
N THR D 348 2.16 -26.04 -2.38
CA THR D 348 1.36 -27.23 -2.15
C THR D 348 1.13 -27.93 -3.45
N LYS D 349 1.69 -27.37 -4.52
CA LYS D 349 1.55 -27.89 -5.89
C LYS D 349 1.71 -29.40 -6.04
N ASP D 350 2.47 -30.01 -5.15
CA ASP D 350 2.68 -31.44 -5.23
C ASP D 350 1.60 -32.19 -4.45
N TYR D 351 0.49 -31.51 -4.17
CA TYR D 351 -0.62 -32.13 -3.44
C TYR D 351 -1.96 -31.63 -3.95
N PHE D 352 -2.05 -30.33 -4.23
CA PHE D 352 -3.33 -29.77 -4.69
C PHE D 352 -3.31 -28.96 -6.00
N SER D 353 -4.49 -28.93 -6.62
CA SER D 353 -4.70 -28.23 -7.88
C SER D 353 -4.22 -26.78 -7.75
N PHE D 354 -4.31 -26.25 -6.53
CA PHE D 354 -3.88 -24.89 -6.30
C PHE D 354 -2.42 -24.89 -5.89
N LYS D 355 -1.60 -24.41 -6.81
CA LYS D 355 -0.16 -24.32 -6.66
C LYS D 355 0.29 -23.84 -5.27
N LYS D 356 0.27 -22.52 -5.06
CA LYS D 356 0.68 -21.97 -3.78
C LYS D 356 -0.49 -21.65 -2.89
N CYS D 357 -0.19 -21.08 -1.74
CA CYS D 357 -1.20 -20.72 -0.79
C CYS D 357 -0.60 -19.64 0.12
N LEU D 358 -0.75 -18.38 -0.29
CA LEU D 358 -0.21 -17.25 0.45
C LEU D 358 -0.80 -17.20 1.84
N VAL D 359 0.00 -17.62 2.82
CA VAL D 359 -0.40 -17.64 4.22
C VAL D 359 -0.06 -16.27 4.82
N TYR D 360 -1.07 -15.57 5.31
CA TYR D 360 -0.83 -14.26 5.91
C TYR D 360 -0.56 -14.38 7.40
N LEU D 361 -0.01 -13.32 7.97
CA LEU D 361 0.29 -13.28 9.38
C LEU D 361 -0.53 -12.17 10.03
N ASP D 362 -1.12 -11.30 9.21
CA ASP D 362 -1.95 -10.18 9.65
C ASP D 362 -3.34 -10.31 9.05
N GLU D 363 -4.26 -10.93 9.80
CA GLU D 363 -5.63 -11.15 9.35
C GLU D 363 -6.40 -9.88 8.94
N ASN D 364 -6.06 -8.74 9.52
CA ASN D 364 -6.72 -7.48 9.18
C ASN D 364 -6.36 -7.13 7.76
N VAL D 365 -5.16 -7.53 7.32
CA VAL D 365 -4.71 -7.24 5.96
C VAL D 365 -5.44 -8.15 4.97
N LEU D 366 -5.21 -9.45 5.12
CA LEU D 366 -5.83 -10.46 4.28
C LEU D 366 -7.30 -10.17 3.98
N SER D 367 -8.04 -9.81 5.02
CA SER D 367 -9.47 -9.51 4.89
C SER D 367 -9.68 -8.35 3.95
N SER D 368 -8.68 -7.48 3.88
CA SER D 368 -8.74 -6.30 3.03
C SER D 368 -8.35 -6.62 1.62
N ASP D 369 -7.23 -7.29 1.44
CA ASP D 369 -6.77 -7.67 0.11
C ASP D 369 -7.84 -8.53 -0.53
N ILE D 370 -8.42 -9.42 0.25
CA ILE D 370 -9.46 -10.30 -0.25
C ILE D 370 -10.63 -9.49 -0.81
N LEU D 371 -10.95 -8.40 -0.14
CA LEU D 371 -12.04 -7.53 -0.59
C LEU D 371 -11.69 -6.95 -1.95
N ASP D 372 -10.42 -6.54 -2.08
CA ASP D 372 -9.92 -5.96 -3.33
C ASP D 372 -10.06 -6.96 -4.46
N LEU D 373 -9.95 -8.24 -4.15
CA LEU D 373 -10.10 -9.29 -5.14
C LEU D 373 -11.56 -9.41 -5.57
N ASN D 374 -12.43 -8.64 -4.90
CA ASN D 374 -13.86 -8.66 -5.18
C ASN D 374 -14.38 -10.00 -4.73
N ALA D 375 -13.73 -10.54 -3.69
CA ALA D 375 -14.08 -11.85 -3.14
C ALA D 375 -15.21 -11.74 -2.15
N ASP D 376 -16.27 -12.50 -2.36
CA ASP D 376 -17.41 -12.45 -1.47
C ASP D 376 -17.76 -13.72 -0.72
N THR D 377 -17.07 -14.81 -1.02
CA THR D 377 -17.39 -16.03 -0.34
C THR D 377 -16.20 -16.81 0.18
N SER D 378 -15.31 -16.12 0.89
CA SER D 378 -14.15 -16.76 1.47
C SER D 378 -14.73 -17.73 2.50
N CYS D 379 -14.18 -18.95 2.60
CA CYS D 379 -14.67 -19.98 3.54
C CYS D 379 -14.27 -19.76 5.00
N ASP D 380 -15.19 -19.32 5.85
CA ASP D 380 -14.85 -19.11 7.26
C ASP D 380 -15.41 -20.25 8.13
N PHE D 381 -14.58 -20.73 9.04
CA PHE D 381 -15.00 -21.82 9.94
C PHE D 381 -14.82 -21.38 11.38
N GLU D 382 -14.62 -20.09 11.57
CA GLU D 382 -14.48 -19.47 12.88
C GLU D 382 -13.32 -20.01 13.73
N SER D 383 -13.62 -20.35 14.99
CA SER D 383 -12.64 -20.87 15.95
C SER D 383 -11.86 -22.02 15.36
N VAL D 384 -12.58 -23.04 14.94
CA VAL D 384 -12.00 -24.22 14.35
C VAL D 384 -10.66 -23.97 13.63
N THR D 385 -10.64 -23.00 12.71
CA THR D 385 -9.42 -22.68 11.95
C THR D 385 -8.72 -21.37 12.30
N ASN D 386 -9.46 -20.45 12.91
CA ASN D 386 -8.97 -19.12 13.29
C ASN D 386 -8.42 -18.39 12.07
N SER D 387 -9.17 -18.51 11.00
CA SER D 387 -8.85 -17.90 9.75
C SER D 387 -9.85 -18.39 8.73
N VAL D 388 -9.88 -17.71 7.60
CA VAL D 388 -10.78 -18.03 6.53
C VAL D 388 -9.90 -18.57 5.39
N TYR D 389 -10.50 -19.15 4.36
CA TYR D 389 -9.71 -19.67 3.23
C TYR D 389 -10.33 -19.21 1.91
N LEU D 390 -9.51 -18.77 0.97
CA LEU D 390 -10.02 -18.30 -0.31
C LEU D 390 -9.15 -18.80 -1.45
N ILE D 391 -9.70 -19.63 -2.32
CA ILE D 391 -8.91 -20.11 -3.43
C ILE D 391 -9.23 -19.26 -4.65
N HIS D 392 -8.69 -18.06 -4.66
CA HIS D 392 -8.93 -17.14 -5.76
C HIS D 392 -7.88 -17.44 -6.80
N ASP D 393 -8.33 -17.96 -7.95
CA ASP D 393 -7.44 -18.29 -9.05
C ASP D 393 -6.25 -19.22 -8.76
N ASN D 394 -6.55 -20.43 -8.30
CA ASN D 394 -5.53 -21.42 -8.01
C ASN D 394 -4.62 -21.04 -6.86
N ILE D 395 -4.83 -19.84 -6.31
CA ILE D 395 -4.03 -19.38 -5.19
C ILE D 395 -4.91 -19.38 -3.96
N MET D 396 -4.42 -20.02 -2.91
CA MET D 396 -5.18 -20.06 -1.68
C MET D 396 -4.62 -19.02 -0.72
N TYR D 397 -5.46 -18.11 -0.26
CA TYR D 397 -5.05 -17.08 0.69
C TYR D 397 -5.58 -17.45 2.04
N THR D 398 -4.73 -17.30 3.05
CA THR D 398 -5.15 -17.65 4.39
C THR D 398 -4.33 -16.90 5.43
N TYR D 399 -4.75 -17.03 6.68
CA TYR D 399 -4.10 -16.38 7.81
C TYR D 399 -3.64 -17.34 8.92
N PHE D 400 -2.35 -17.29 9.23
CA PHE D 400 -1.77 -18.13 10.27
C PHE D 400 -1.90 -17.38 11.60
N SER D 401 -2.56 -18.00 12.58
CA SER D 401 -2.81 -17.36 13.88
C SER D 401 -1.75 -17.51 14.95
N ASN D 402 -0.57 -18.00 14.60
CA ASN D 402 0.53 -18.15 15.56
C ASN D 402 1.86 -17.54 15.06
N THR D 403 2.88 -17.60 15.92
CA THR D 403 4.20 -17.08 15.59
C THR D 403 4.93 -18.02 14.67
N ILE D 404 5.62 -17.47 13.68
CA ILE D 404 6.37 -18.30 12.74
C ILE D 404 7.78 -18.53 13.28
N LEU D 405 8.06 -19.77 13.69
CA LEU D 405 9.37 -20.16 14.22
C LEU D 405 10.37 -20.25 13.06
N LEU D 406 11.62 -19.87 13.32
CA LEU D 406 12.68 -19.93 12.30
C LEU D 406 13.83 -20.88 12.66
N SER D 407 14.54 -21.35 11.64
CA SER D 407 15.71 -22.22 11.84
C SER D 407 16.88 -21.22 11.85
N ASP D 408 16.78 -20.23 10.97
CA ASP D 408 17.79 -19.19 10.83
C ASP D 408 17.14 -17.90 10.31
N LYS D 409 17.99 -16.95 9.88
CA LYS D 409 17.56 -15.64 9.36
C LYS D 409 16.66 -15.71 8.13
N GLY D 410 15.35 -15.78 8.36
CA GLY D 410 14.43 -15.86 7.26
C GLY D 410 14.31 -17.28 6.76
N LYS D 411 14.48 -18.22 7.67
CA LYS D 411 14.35 -19.63 7.32
C LYS D 411 13.27 -20.24 8.22
N VAL D 412 12.07 -20.41 7.65
CA VAL D 412 10.93 -20.95 8.41
C VAL D 412 11.18 -22.31 9.03
N HIS D 413 11.42 -22.29 10.33
CA HIS D 413 11.67 -23.48 11.12
C HIS D 413 10.77 -24.63 10.70
N GLU D 414 11.31 -25.84 10.81
CA GLU D 414 10.62 -27.07 10.45
C GLU D 414 9.21 -27.27 11.06
N ILE D 415 9.05 -27.07 12.36
CA ILE D 415 7.72 -27.26 12.97
C ILE D 415 6.74 -26.26 12.40
N SER D 416 7.22 -25.05 12.14
CA SER D 416 6.37 -24.00 11.58
C SER D 416 6.00 -24.37 10.15
N ALA D 417 6.92 -25.01 9.44
CA ALA D 417 6.66 -25.42 8.06
C ALA D 417 5.59 -26.51 8.08
N ARG D 418 5.60 -27.33 9.13
CA ARG D 418 4.62 -28.40 9.33
C ARG D 418 3.32 -27.80 9.92
N GLY D 419 3.48 -26.80 10.79
CA GLY D 419 2.33 -26.16 11.38
C GLY D 419 1.45 -25.59 10.28
N LEU D 420 2.06 -24.76 9.42
CA LEU D 420 1.40 -24.11 8.27
C LEU D 420 0.67 -25.14 7.44
N CYS D 421 1.45 -26.14 7.04
CA CYS D 421 0.99 -27.27 6.25
C CYS D 421 -0.25 -27.90 6.90
N ALA D 422 -0.15 -28.19 8.20
CA ALA D 422 -1.23 -28.78 8.98
C ALA D 422 -2.49 -27.95 8.85
N HIS D 423 -2.32 -26.64 8.92
CA HIS D 423 -3.42 -25.70 8.79
C HIS D 423 -4.14 -25.98 7.46
N ILE D 424 -3.42 -25.83 6.35
CA ILE D 424 -4.02 -26.04 5.03
C ILE D 424 -4.87 -27.30 4.99
N LEU D 425 -4.37 -28.36 5.63
CA LEU D 425 -5.09 -29.64 5.67
C LEU D 425 -6.37 -29.62 6.50
N LEU D 426 -6.49 -28.64 7.41
CA LEU D 426 -7.72 -28.53 8.21
C LEU D 426 -8.85 -28.14 7.27
N TYR D 427 -8.52 -27.28 6.31
CA TYR D 427 -9.48 -26.82 5.33
C TYR D 427 -10.03 -28.01 4.57
N GLN D 428 -9.14 -28.85 4.07
CA GLN D 428 -9.56 -30.02 3.31
C GLN D 428 -10.64 -30.76 4.08
N MET D 429 -10.31 -31.14 5.32
CA MET D 429 -11.23 -31.87 6.19
C MET D 429 -12.60 -31.23 6.40
N LEU D 430 -12.69 -29.94 6.14
CA LEU D 430 -13.92 -29.20 6.33
C LEU D 430 -14.66 -29.08 5.02
N THR D 431 -13.94 -29.30 3.92
CA THR D 431 -14.55 -29.23 2.61
C THR D 431 -14.51 -30.60 1.93
N SER D 432 -14.15 -31.62 2.73
CA SER D 432 -14.10 -33.01 2.27
C SER D 432 -13.25 -33.23 1.03
N GLY D 433 -11.98 -32.83 1.11
CA GLY D 433 -11.12 -32.98 -0.03
C GLY D 433 -9.87 -33.80 0.30
N GLU D 434 -8.98 -33.84 -0.69
CA GLU D 434 -7.71 -34.56 -0.58
C GLU D 434 -6.91 -34.17 0.66
N TYR D 435 -6.75 -35.11 1.59
CA TYR D 435 -6.01 -34.84 2.82
C TYR D 435 -5.21 -36.05 3.30
N LYS D 436 -5.82 -37.23 3.17
CA LYS D 436 -5.24 -38.51 3.57
C LYS D 436 -3.70 -38.59 3.47
N GLN D 437 -3.19 -38.80 2.25
CA GLN D 437 -1.74 -38.91 2.04
C GLN D 437 -0.87 -37.81 2.62
N CYS D 438 -1.19 -36.55 2.34
CA CYS D 438 -0.40 -35.42 2.86
C CYS D 438 -0.19 -35.61 4.35
N LEU D 439 -1.26 -35.91 5.08
CA LEU D 439 -1.17 -36.15 6.51
C LEU D 439 0.00 -37.14 6.72
N SER D 440 -0.13 -38.34 6.16
CA SER D 440 0.92 -39.36 6.24
C SER D 440 2.30 -38.72 6.07
N ASP D 441 2.56 -38.14 4.90
CA ASP D 441 3.83 -37.48 4.63
C ASP D 441 4.20 -36.54 5.79
N LEU D 442 3.19 -35.82 6.28
CA LEU D 442 3.40 -34.86 7.37
C LEU D 442 3.82 -35.55 8.66
N LEU D 443 3.12 -36.63 8.99
CA LEU D 443 3.41 -37.39 10.19
C LEU D 443 4.86 -37.88 10.15
N ASN D 444 5.18 -38.69 9.14
CA ASN D 444 6.52 -39.25 8.99
C ASN D 444 7.66 -38.22 9.07
N SER D 445 7.43 -37.02 8.53
CA SER D 445 8.45 -35.95 8.56
C SER D 445 8.94 -35.63 9.98
N MET D 446 8.09 -35.98 10.95
CA MET D 446 8.33 -35.70 12.37
C MET D 446 8.96 -36.82 13.18
N MET D 447 9.28 -37.93 12.51
CA MET D 447 9.92 -39.09 13.15
C MET D 447 11.43 -39.08 12.95
N ASN D 448 12.18 -39.23 14.03
CA ASN D 448 13.64 -39.28 13.96
C ASN D 448 14.29 -38.04 13.32
N ARG D 449 14.16 -36.88 13.99
CA ARG D 449 14.75 -35.66 13.45
C ARG D 449 15.70 -34.99 14.49
N ASP D 450 16.50 -34.04 14.01
CA ASP D 450 17.48 -33.32 14.86
C ASP D 450 16.96 -31.98 15.40
N LYS D 451 16.58 -31.97 16.69
CA LYS D 451 16.09 -30.75 17.36
C LYS D 451 16.74 -29.45 16.81
N ILE D 452 16.19 -28.90 15.71
CA ILE D 452 16.70 -27.64 15.14
C ILE D 452 16.25 -26.55 16.11
N PRO D 453 17.21 -25.88 16.77
CA PRO D 453 16.89 -24.83 17.74
C PRO D 453 15.92 -23.74 17.25
N ILE D 454 15.43 -22.92 18.18
CA ILE D 454 14.52 -21.82 17.82
C ILE D 454 15.35 -20.56 17.61
N TYR D 455 15.82 -20.34 16.38
CA TYR D 455 16.62 -19.17 16.08
C TYR D 455 15.85 -17.88 16.37
N SER D 456 14.58 -17.85 15.95
CA SER D 456 13.69 -16.70 16.16
C SER D 456 12.24 -17.04 15.73
N HIS D 457 11.34 -16.06 15.86
CA HIS D 457 9.93 -16.20 15.45
C HIS D 457 9.27 -14.87 15.14
N THR D 458 8.11 -14.93 14.48
CA THR D 458 7.36 -13.72 14.11
C THR D 458 6.46 -13.33 15.28
N GLU D 459 5.85 -12.15 15.20
CA GLU D 459 4.99 -11.72 16.28
C GLU D 459 3.52 -11.66 15.90
N ARG D 460 2.69 -12.44 16.60
CA ARG D 460 1.25 -12.46 16.36
C ARG D 460 0.74 -11.03 16.07
N ASP D 461 -0.34 -10.93 15.31
CA ASP D 461 -0.93 -9.63 15.03
C ASP D 461 -1.80 -9.33 16.25
N LYS D 462 -1.93 -8.06 16.63
CA LYS D 462 -2.75 -7.74 17.80
C LYS D 462 -4.24 -7.83 17.46
N LYS D 463 -4.99 -8.49 18.33
CA LYS D 463 -6.42 -8.63 18.09
C LYS D 463 -7.14 -7.52 18.85
N PRO D 464 -7.99 -6.74 18.17
CA PRO D 464 -8.72 -5.63 18.79
C PRO D 464 -9.72 -6.07 19.88
N GLY D 465 -10.73 -5.22 20.12
CA GLY D 465 -11.77 -5.52 21.09
C GLY D 465 -11.54 -5.20 22.56
N ARG D 466 -12.61 -5.28 23.35
CA ARG D 466 -12.52 -5.01 24.78
C ARG D 466 -13.04 -6.25 25.45
N HIS D 467 -12.66 -6.44 26.70
CA HIS D 467 -13.13 -7.59 27.46
C HIS D 467 -14.59 -7.32 27.84
N GLY D 468 -15.52 -8.09 27.30
CA GLY D 468 -16.92 -7.92 27.62
C GLY D 468 -17.33 -8.85 28.74
N PHE D 469 -18.50 -8.63 29.35
CA PHE D 469 -18.93 -9.50 30.44
C PHE D 469 -20.34 -9.25 31.01
N ILE D 470 -20.90 -10.32 31.54
CA ILE D 470 -22.22 -10.29 32.18
C ILE D 470 -21.99 -10.65 33.64
N ASN D 471 -22.64 -9.92 34.53
CA ASN D 471 -22.50 -10.17 35.95
C ASN D 471 -23.88 -10.08 36.58
N ILE D 472 -24.54 -11.21 36.79
CA ILE D 472 -25.90 -11.21 37.35
C ILE D 472 -26.11 -10.37 38.61
N GLU D 473 -25.26 -10.58 39.62
CA GLU D 473 -25.37 -9.86 40.89
C GLU D 473 -25.59 -8.34 40.76
N LYS D 474 -24.60 -7.68 40.15
CA LYS D 474 -24.61 -6.23 39.95
C LYS D 474 -25.49 -5.77 38.77
N ASP D 475 -26.17 -6.71 38.10
CA ASP D 475 -27.04 -6.40 36.97
C ASP D 475 -26.23 -5.65 35.89
N ILE D 476 -25.09 -6.23 35.52
CA ILE D 476 -24.18 -5.64 34.54
C ILE D 476 -23.88 -6.46 33.28
N ILE D 477 -24.26 -5.91 32.12
CA ILE D 477 -24.03 -6.52 30.80
C ILE D 477 -23.28 -5.51 29.90
N VAL D 478 -22.05 -5.82 29.50
CA VAL D 478 -21.26 -4.91 28.65
C VAL D 478 -20.50 -5.63 27.55
N PHE D 479 -20.55 -5.09 26.33
CA PHE D 479 -19.85 -5.71 25.20
C PHE D 479 -19.24 -4.78 24.14
#